data_6NBK
#
_entry.id   6NBK
#
_cell.length_a   148.022
_cell.length_b   153.803
_cell.length_c   83.137
_cell.angle_alpha   90.000
_cell.angle_beta   90.000
_cell.angle_gamma   90.000
#
_symmetry.space_group_name_H-M   'P 21 21 2'
#
loop_
_entity.id
_entity.type
_entity.pdbx_description
1 polymer Arginase
2 non-polymer 'MANGANESE (II) ION'
3 non-polymer 'CALCIUM ION'
4 water water
#
_entity_poly.entity_id   1
_entity_poly.type   'polypeptide(L)'
_entity_poly.pdbx_seq_one_letter_code
;MKKEISVIGVPMDLGQMRRGVDMGPSAIRYAGVIERIEEIGYDVKDMGDICIEREKEIDENTKLRNLTQVATVCNELASK
VDHIIEEGRFPLVLGGDHSIAIGTLAGVAKHYKNLGVIWYDAHGDLNTEETSPSGNIHGMSLAASLGYGHSSLVDLYGAY
PKVKKENVVIIGARALDEGEKDFIRNEGIKVFSMHEIDRMGMTAVMEETIAYLSHTDGVHLSLDLDGLDPHDAPGVGTPV
IGGLSYRESHLAMEMLAEADIITSAEFVEVNTILDERNRTATTAVALMGSLFGEKLK
;
_entity_poly.pdbx_strand_id   A,B,C,D,E,F
#
loop_
_chem_comp.id
_chem_comp.type
_chem_comp.name
_chem_comp.formula
CA non-polymer 'CALCIUM ION' 'Ca 2'
MN non-polymer 'MANGANESE (II) ION' 'Mn 2'
#
# COMPACT_ATOMS: atom_id res chain seq x y z
N LYS A 3 34.05 18.92 -17.33
CA LYS A 3 33.65 17.53 -17.49
C LYS A 3 34.15 16.63 -16.36
N GLU A 4 34.45 17.23 -15.20
CA GLU A 4 34.99 16.48 -14.06
C GLU A 4 34.22 16.82 -12.80
N ILE A 5 33.73 15.78 -12.12
CA ILE A 5 32.90 15.92 -10.93
C ILE A 5 33.54 15.14 -9.78
N SER A 6 33.49 15.73 -8.57
CA SER A 6 33.83 15.05 -7.32
C SER A 6 32.58 15.01 -6.45
N VAL A 7 32.21 13.80 -6.01
CA VAL A 7 31.02 13.56 -5.19
C VAL A 7 31.44 13.35 -3.75
N ILE A 8 30.74 13.97 -2.80
CA ILE A 8 30.97 13.72 -1.39
C ILE A 8 29.63 13.57 -0.68
N GLY A 9 29.51 12.53 0.14
CA GLY A 9 28.30 12.29 0.91
C GLY A 9 28.46 12.81 2.33
N VAL A 10 27.37 13.38 2.87
CA VAL A 10 27.40 13.91 4.22
C VAL A 10 26.19 13.36 4.97
N PRO A 11 26.31 12.21 5.62
CA PRO A 11 25.12 11.54 6.21
C PRO A 11 24.74 12.11 7.58
N MET A 12 24.30 13.35 7.58
CA MET A 12 24.04 14.07 8.82
C MET A 12 22.53 14.17 9.04
N ASP A 13 22.09 13.80 10.26
CA ASP A 13 20.67 13.78 10.65
C ASP A 13 20.59 14.36 12.06
N LEU A 14 20.70 15.68 12.16
CA LEU A 14 20.72 16.33 13.45
C LEU A 14 19.53 17.28 13.57
N GLY A 15 19.26 17.72 14.79
CA GLY A 15 18.10 18.54 15.02
C GLY A 15 17.30 18.02 16.17
N GLN A 16 16.04 18.46 16.26
CA GLN A 16 15.19 18.15 17.39
C GLN A 16 15.01 16.65 17.57
N MET A 17 14.90 15.93 16.47
CA MET A 17 14.80 14.48 16.48
C MET A 17 15.36 13.95 15.17
N ARG A 18 15.76 12.69 15.16
CA ARG A 18 16.16 12.07 13.90
C ARG A 18 15.00 12.13 12.92
N ARG A 19 15.34 12.36 11.65
CA ARG A 19 14.36 12.31 10.57
C ARG A 19 14.76 11.30 9.50
N GLY A 20 15.85 10.56 9.69
CA GLY A 20 16.27 9.53 8.77
C GLY A 20 17.08 9.99 7.58
N VAL A 21 17.38 11.29 7.48
CA VAL A 21 18.07 11.80 6.30
C VAL A 21 19.55 11.46 6.28
N ASP A 22 20.10 10.89 7.35
CA ASP A 22 21.45 10.36 7.25
C ASP A 22 21.54 9.23 6.25
N MET A 23 20.42 8.59 5.93
CA MET A 23 20.44 7.50 4.95
C MET A 23 20.47 8.01 3.50
N GLY A 24 20.33 9.31 3.29
CA GLY A 24 20.30 9.89 1.96
C GLY A 24 21.46 9.50 1.04
N PRO A 25 22.69 9.75 1.48
CA PRO A 25 23.84 9.42 0.60
C PRO A 25 23.88 7.96 0.20
N SER A 26 23.60 7.05 1.14
CA SER A 26 23.57 5.62 0.82
C SER A 26 22.46 5.29 -0.18
N ALA A 27 21.27 5.85 0.02
CA ALA A 27 20.15 5.58 -0.88
C ALA A 27 20.42 6.10 -2.28
N ILE A 28 21.00 7.31 -2.38
CA ILE A 28 21.30 7.89 -3.69
C ILE A 28 22.37 7.08 -4.39
N ARG A 29 23.36 6.57 -3.65
CA ARG A 29 24.35 5.69 -4.25
C ARG A 29 23.73 4.36 -4.68
N TYR A 30 22.84 3.82 -3.85
CA TYR A 30 22.12 2.61 -4.22
C TYR A 30 21.38 2.81 -5.54
N ALA A 31 20.82 4.01 -5.75
CA ALA A 31 20.14 4.36 -6.99
C ALA A 31 21.08 4.60 -8.16
N GLY A 32 22.39 4.41 -7.98
CA GLY A 32 23.31 4.41 -9.11
C GLY A 32 23.78 5.77 -9.56
N VAL A 33 23.93 6.71 -8.64
CA VAL A 33 24.27 8.09 -9.01
C VAL A 33 25.62 8.15 -9.72
N ILE A 34 26.58 7.34 -9.28
CA ILE A 34 27.93 7.44 -9.86
C ILE A 34 27.92 6.95 -11.29
N GLU A 35 27.33 5.76 -11.54
CA GLU A 35 27.27 5.24 -12.90
C GLU A 35 26.42 6.13 -13.80
N ARG A 36 25.35 6.71 -13.26
CA ARG A 36 24.48 7.59 -14.05
C ARG A 36 25.26 8.78 -14.60
N ILE A 37 26.03 9.45 -13.75
CA ILE A 37 26.79 10.60 -14.21
C ILE A 37 27.94 10.18 -15.12
N GLU A 38 28.62 9.08 -14.79
CA GLU A 38 29.65 8.55 -15.68
C GLU A 38 29.11 8.26 -17.07
N GLU A 39 27.89 7.70 -17.15
CA GLU A 39 27.29 7.36 -18.43
C GLU A 39 27.05 8.59 -19.29
N ILE A 40 26.88 9.76 -18.68
CA ILE A 40 26.74 10.98 -19.47
C ILE A 40 28.09 11.39 -20.08
N GLY A 41 29.20 10.94 -19.50
CA GLY A 41 30.50 11.17 -20.10
C GLY A 41 31.44 11.93 -19.19
N TYR A 42 31.05 12.12 -17.93
CA TYR A 42 31.88 12.82 -16.97
C TYR A 42 32.90 11.87 -16.34
N ASP A 43 34.05 12.42 -15.97
CA ASP A 43 34.89 11.73 -15.02
C ASP A 43 34.36 12.03 -13.62
N VAL A 44 34.14 10.99 -12.83
CA VAL A 44 33.54 11.13 -11.52
C VAL A 44 34.53 10.59 -10.50
N LYS A 45 34.87 11.41 -9.51
CA LYS A 45 35.68 11.00 -8.37
C LYS A 45 34.78 10.91 -7.14
N ASP A 46 34.64 9.72 -6.59
CA ASP A 46 33.86 9.54 -5.37
C ASP A 46 34.78 9.75 -4.19
N MET A 47 34.60 10.87 -3.48
CA MET A 47 35.34 11.13 -2.25
C MET A 47 34.81 10.35 -1.07
N GLY A 48 33.76 9.56 -1.26
CA GLY A 48 33.19 8.84 -0.14
C GLY A 48 32.24 9.72 0.68
N ASP A 49 32.10 9.33 1.94
CA ASP A 49 31.21 9.99 2.88
C ASP A 49 32.03 10.51 4.04
N ILE A 50 31.68 11.70 4.53
CA ILE A 50 32.26 12.17 5.78
C ILE A 50 31.75 11.28 6.91
N CYS A 51 32.65 10.83 7.77
CA CYS A 51 32.24 10.02 8.90
C CYS A 51 31.87 10.97 10.05
N ILE A 52 30.67 10.79 10.58
CA ILE A 52 30.08 11.70 11.55
C ILE A 52 30.00 10.99 12.90
N GLU A 53 30.76 11.49 13.87
CA GLU A 53 30.77 10.93 15.21
C GLU A 53 29.57 11.40 16.02
N GLU A 60 21.48 18.93 24.73
CA GLU A 60 21.73 19.97 25.72
C GLU A 60 21.24 21.34 25.22
N ASN A 61 21.79 21.78 24.09
CA ASN A 61 21.42 23.05 23.51
C ASN A 61 20.08 22.93 22.81
N THR A 62 19.13 23.79 23.18
CA THR A 62 17.76 23.74 22.66
C THR A 62 17.49 24.77 21.57
N LYS A 63 18.22 25.89 21.60
CA LYS A 63 18.03 26.96 20.62
C LYS A 63 18.82 26.70 19.34
N LEU A 64 19.94 25.98 19.45
CA LEU A 64 20.79 25.62 18.31
C LEU A 64 21.20 24.16 18.52
N ARG A 65 20.38 23.26 18.01
CA ARG A 65 20.55 21.85 18.35
C ARG A 65 21.79 21.27 17.68
N ASN A 66 22.62 20.58 18.48
CA ASN A 66 23.81 19.90 18.00
C ASN A 66 24.78 20.86 17.33
N LEU A 67 24.86 22.09 17.86
CA LEU A 67 25.62 23.17 17.22
C LEU A 67 27.08 22.80 17.03
N THR A 68 27.73 22.29 18.08
CA THR A 68 29.15 21.96 17.99
C THR A 68 29.41 20.90 16.92
N GLN A 69 28.56 19.88 16.87
CA GLN A 69 28.74 18.83 15.87
C GLN A 69 28.43 19.34 14.46
N VAL A 70 27.36 20.13 14.30
CA VAL A 70 27.07 20.70 12.98
C VAL A 70 28.23 21.55 12.50
N ALA A 71 28.79 22.38 13.40
CA ALA A 71 29.93 23.22 13.03
C ALA A 71 31.14 22.38 12.67
N THR A 72 31.38 21.30 13.41
CA THR A 72 32.52 20.43 13.10
C THR A 72 32.38 19.77 11.74
N VAL A 73 31.19 19.25 11.42
CA VAL A 73 31.02 18.62 10.11
C VAL A 73 31.10 19.66 9.00
N CYS A 74 30.45 20.82 9.20
CA CYS A 74 30.46 21.84 8.15
C CYS A 74 31.86 22.39 7.90
N ASN A 75 32.70 22.49 8.93
CA ASN A 75 34.08 22.94 8.72
C ASN A 75 34.84 21.95 7.84
N GLU A 76 34.68 20.65 8.12
CA GLU A 76 35.31 19.63 7.29
C GLU A 76 34.77 19.66 5.87
N LEU A 77 33.43 19.79 5.74
CA LEU A 77 32.84 19.84 4.42
C LEU A 77 33.31 21.06 3.65
N ALA A 78 33.37 22.23 4.31
CA ALA A 78 33.80 23.44 3.61
C ALA A 78 35.21 23.28 3.06
N SER A 79 36.12 22.72 3.86
CA SER A 79 37.48 22.57 3.35
C SER A 79 37.53 21.56 2.20
N LYS A 80 36.76 20.48 2.27
CA LYS A 80 36.75 19.52 1.16
C LYS A 80 36.16 20.12 -0.10
N VAL A 81 35.09 20.92 0.01
CA VAL A 81 34.49 21.53 -1.17
C VAL A 81 35.43 22.58 -1.76
N ASP A 82 36.03 23.39 -0.88
CA ASP A 82 37.09 24.31 -1.28
C ASP A 82 38.17 23.61 -2.10
N HIS A 83 38.65 22.46 -1.63
N HIS A 83 38.65 22.46 -1.64
CA HIS A 83 39.75 21.78 -2.31
CA HIS A 83 39.76 21.81 -2.33
C HIS A 83 39.32 21.21 -3.65
C HIS A 83 39.33 21.16 -3.65
N ILE A 84 38.07 20.72 -3.73
CA ILE A 84 37.56 20.22 -5.01
C ILE A 84 37.59 21.33 -6.07
N ILE A 85 37.19 22.54 -5.69
CA ILE A 85 37.17 23.64 -6.64
C ILE A 85 38.60 24.09 -6.94
N GLU A 86 39.48 24.08 -5.94
CA GLU A 86 40.89 24.35 -6.20
C GLU A 86 41.45 23.41 -7.27
N GLU A 87 41.03 22.14 -7.25
CA GLU A 87 41.50 21.20 -8.25
C GLU A 87 40.79 21.34 -9.59
N GLY A 88 39.88 22.30 -9.74
CA GLY A 88 39.21 22.49 -11.00
C GLY A 88 38.05 21.54 -11.27
N ARG A 89 37.50 20.90 -10.25
CA ARG A 89 36.41 19.95 -10.42
C ARG A 89 35.10 20.53 -9.88
N PHE A 90 33.99 19.98 -10.35
CA PHE A 90 32.65 20.37 -9.90
C PHE A 90 32.31 19.64 -8.61
N PRO A 91 31.98 20.34 -7.52
CA PRO A 91 31.61 19.64 -6.29
C PRO A 91 30.13 19.31 -6.26
N LEU A 92 29.83 18.03 -6.11
CA LEU A 92 28.46 17.54 -5.99
C LEU A 92 28.31 16.94 -4.60
N VAL A 93 27.46 17.53 -3.77
CA VAL A 93 27.36 17.13 -2.38
C VAL A 93 26.04 16.40 -2.19
N LEU A 94 26.08 15.24 -1.52
CA LEU A 94 24.88 14.45 -1.29
C LEU A 94 24.53 14.55 0.18
N GLY A 95 23.28 14.90 0.45
CA GLY A 95 22.88 15.30 1.78
C GLY A 95 22.12 14.23 2.54
N GLY A 96 22.38 14.25 3.83
CA GLY A 96 21.39 14.29 4.86
C GLY A 96 20.79 15.68 4.99
N ASP A 97 20.84 16.28 6.18
CA ASP A 97 19.94 17.39 6.38
C ASP A 97 20.50 18.67 5.74
N HIS A 98 19.61 19.64 5.53
CA HIS A 98 20.00 20.81 4.75
C HIS A 98 20.98 21.70 5.48
N SER A 99 21.32 21.43 6.73
CA SER A 99 22.33 22.29 7.34
C SER A 99 23.72 22.10 6.75
N ILE A 100 23.96 21.03 5.98
CA ILE A 100 25.26 20.89 5.33
C ILE A 100 25.51 21.99 4.30
N ALA A 101 24.46 22.67 3.82
CA ALA A 101 24.68 23.79 2.90
C ALA A 101 25.53 24.89 3.53
N ILE A 102 25.51 25.00 4.87
CA ILE A 102 26.37 25.98 5.53
C ILE A 102 27.82 25.70 5.20
N GLY A 103 28.22 24.43 5.23
CA GLY A 103 29.58 24.08 4.86
C GLY A 103 29.82 24.15 3.37
N THR A 104 28.88 23.64 2.58
CA THR A 104 29.03 23.70 1.13
C THR A 104 29.24 25.14 0.66
N LEU A 105 28.35 26.05 1.06
CA LEU A 105 28.45 27.43 0.58
C LEU A 105 29.70 28.13 1.11
N ALA A 106 30.11 27.83 2.35
CA ALA A 106 31.36 28.40 2.84
C ALA A 106 32.55 27.97 1.98
N GLY A 107 32.59 26.70 1.56
CA GLY A 107 33.65 26.27 0.65
C GLY A 107 33.55 26.87 -0.74
N VAL A 108 32.33 26.94 -1.29
CA VAL A 108 32.15 27.51 -2.62
C VAL A 108 32.49 29.00 -2.63
N ALA A 109 32.15 29.71 -1.54
CA ALA A 109 32.37 31.15 -1.46
C ALA A 109 33.84 31.54 -1.55
N LYS A 110 34.77 30.63 -1.24
CA LYS A 110 36.19 30.92 -1.45
C LYS A 110 36.56 31.14 -2.91
N HIS A 111 35.69 30.77 -3.85
CA HIS A 111 36.07 30.75 -5.25
C HIS A 111 35.19 31.62 -6.14
N TYR A 112 34.22 32.32 -5.58
CA TYR A 112 33.33 33.17 -6.36
C TYR A 112 33.16 34.48 -5.63
N LYS A 113 33.15 35.58 -6.38
CA LYS A 113 33.00 36.90 -5.78
C LYS A 113 31.61 37.48 -5.95
N ASN A 114 30.72 36.76 -6.64
CA ASN A 114 29.35 37.23 -6.82
C ASN A 114 28.47 36.02 -7.10
N LEU A 115 28.29 35.18 -6.08
CA LEU A 115 27.75 33.83 -6.22
C LEU A 115 26.23 33.82 -6.18
N GLY A 116 25.62 33.22 -7.19
CA GLY A 116 24.18 32.99 -7.16
C GLY A 116 23.85 31.70 -6.42
N VAL A 117 22.65 31.66 -5.81
CA VAL A 117 22.15 30.47 -5.14
C VAL A 117 20.71 30.27 -5.54
N ILE A 118 20.39 29.07 -6.05
CA ILE A 118 19.00 28.63 -6.26
C ILE A 118 18.68 27.62 -5.16
N TRP A 119 17.68 27.94 -4.36
CA TRP A 119 17.28 27.19 -3.18
C TRP A 119 15.92 26.56 -3.49
N TYR A 120 15.94 25.27 -3.77
CA TYR A 120 14.79 24.52 -4.28
C TYR A 120 14.29 23.69 -3.12
N ASP A 121 13.12 24.06 -2.57
CA ASP A 121 12.82 23.66 -1.20
C ASP A 121 11.35 23.99 -0.88
N ALA A 122 10.73 23.16 -0.05
CA ALA A 122 9.43 23.58 0.48
C ALA A 122 9.59 24.66 1.56
N HIS A 123 10.77 24.79 2.15
CA HIS A 123 11.02 25.67 3.28
C HIS A 123 12.02 26.74 2.85
N GLY A 124 12.11 27.82 3.63
CA GLY A 124 13.05 28.87 3.28
C GLY A 124 14.37 28.69 4.00
N ASP A 125 14.37 27.89 5.06
CA ASP A 125 15.54 27.70 5.92
C ASP A 125 16.15 29.06 6.29
N LEU A 126 15.29 30.03 6.55
CA LEU A 126 15.68 31.40 6.84
C LEU A 126 15.55 31.75 8.32
N ASN A 127 15.46 30.74 9.19
CA ASN A 127 15.34 31.01 10.61
C ASN A 127 16.68 31.36 11.22
N THR A 128 16.62 32.13 12.31
CA THR A 128 17.73 32.32 13.23
C THR A 128 17.38 31.64 14.55
N GLU A 129 18.30 31.69 15.51
CA GLU A 129 17.98 31.14 16.82
C GLU A 129 16.83 31.89 17.47
N GLU A 130 16.56 33.13 17.08
CA GLU A 130 15.45 33.87 17.66
C GLU A 130 14.11 33.51 17.04
N THR A 131 14.09 33.22 15.74
CA THR A 131 12.83 32.96 15.04
C THR A 131 12.52 31.47 14.88
N SER A 132 13.45 30.58 15.23
CA SER A 132 13.25 29.16 14.99
C SER A 132 12.28 28.59 16.02
N PRO A 133 11.20 27.92 15.60
CA PRO A 133 10.32 27.26 16.57
C PRO A 133 10.89 25.96 17.12
N SER A 134 11.99 25.46 16.56
CA SER A 134 12.49 24.13 16.88
C SER A 134 13.95 24.09 17.29
N GLY A 135 14.75 25.09 16.94
CA GLY A 135 16.19 24.99 17.13
C GLY A 135 16.91 24.18 16.08
N ASN A 136 16.22 23.74 15.02
CA ASN A 136 16.86 22.94 13.99
C ASN A 136 17.77 23.80 13.12
N ILE A 137 19.06 23.50 13.11
CA ILE A 137 19.99 24.26 12.27
C ILE A 137 19.71 24.01 10.80
N HIS A 138 19.15 22.85 10.44
CA HIS A 138 18.77 22.66 9.06
C HIS A 138 17.62 23.57 8.62
N GLY A 139 16.92 24.22 9.56
CA GLY A 139 15.96 25.26 9.22
C GLY A 139 16.57 26.65 9.23
N MET A 140 17.89 26.74 9.37
CA MET A 140 18.60 28.00 9.44
C MET A 140 19.68 28.17 8.37
N SER A 141 19.88 27.18 7.50
CA SER A 141 21.12 27.14 6.73
C SER A 141 21.22 28.26 5.70
N LEU A 142 20.09 28.68 5.12
CA LEU A 142 20.16 29.82 4.19
C LEU A 142 20.39 31.13 4.93
N ALA A 143 19.72 31.35 6.06
CA ALA A 143 19.94 32.57 6.85
C ALA A 143 21.39 32.68 7.30
N ALA A 144 21.95 31.58 7.82
CA ALA A 144 23.35 31.58 8.25
C ALA A 144 24.29 31.89 7.09
N SER A 145 24.02 31.32 5.91
CA SER A 145 24.85 31.58 4.75
C SER A 145 24.74 33.02 4.26
N LEU A 146 23.61 33.69 4.53
CA LEU A 146 23.43 35.10 4.26
C LEU A 146 24.04 36.00 5.34
N GLY A 147 24.53 35.43 6.43
CA GLY A 147 25.20 36.18 7.46
C GLY A 147 24.39 36.40 8.72
N TYR A 148 23.21 35.79 8.86
CA TYR A 148 22.32 35.99 9.99
C TYR A 148 22.25 34.72 10.84
N GLY A 149 22.63 34.83 12.10
CA GLY A 149 22.59 33.68 12.97
C GLY A 149 23.82 33.64 13.85
N HIS A 150 24.09 32.45 14.38
CA HIS A 150 25.15 32.30 15.37
C HIS A 150 26.53 32.46 14.71
N SER A 151 27.46 33.05 15.46
CA SER A 151 28.78 33.34 14.91
C SER A 151 29.50 32.07 14.47
N SER A 152 29.32 30.96 15.20
CA SER A 152 29.92 29.69 14.80
C SER A 152 29.49 29.26 13.40
N LEU A 153 28.31 29.68 12.95
CA LEU A 153 27.79 29.29 11.64
C LEU A 153 28.03 30.37 10.58
N VAL A 154 27.75 31.63 10.95
CA VAL A 154 27.85 32.74 10.01
C VAL A 154 29.32 33.04 9.69
N ASP A 155 30.21 32.84 10.65
CA ASP A 155 31.64 33.05 10.42
C ASP A 155 32.38 31.73 10.17
N LEU A 156 31.67 30.66 9.83
CA LEU A 156 32.31 29.37 9.56
C LEU A 156 33.14 29.41 8.29
N TYR A 157 34.39 28.95 8.38
CA TYR A 157 35.32 28.93 7.25
C TYR A 157 35.45 30.30 6.58
N GLY A 158 35.40 31.37 7.39
CA GLY A 158 35.44 32.72 6.86
C GLY A 158 34.48 33.66 7.55
N ALA A 159 35.01 34.74 8.10
CA ALA A 159 34.22 35.66 8.91
C ALA A 159 33.55 36.73 8.06
N TYR A 160 32.66 36.28 7.17
CA TYR A 160 31.93 37.16 6.27
C TYR A 160 30.72 36.40 5.73
N PRO A 161 29.69 37.10 5.24
CA PRO A 161 28.53 36.41 4.66
C PRO A 161 28.91 35.68 3.38
N LYS A 162 28.46 34.45 3.25
CA LYS A 162 28.85 33.64 2.10
C LYS A 162 28.04 33.98 0.87
N VAL A 163 26.84 34.53 1.04
CA VAL A 163 25.90 34.77 -0.06
C VAL A 163 25.23 36.11 0.19
N LYS A 164 24.97 36.86 -0.88
CA LYS A 164 24.30 38.15 -0.78
C LYS A 164 22.81 37.98 -1.06
N LYS A 165 22.00 38.77 -0.33
CA LYS A 165 20.55 38.64 -0.42
C LYS A 165 20.05 38.83 -1.84
N GLU A 166 20.68 39.70 -2.62
CA GLU A 166 20.20 39.94 -3.98
C GLU A 166 20.58 38.84 -4.95
N ASN A 167 21.36 37.85 -4.53
CA ASN A 167 21.76 36.74 -5.39
C ASN A 167 21.08 35.41 -5.07
N VAL A 168 19.99 35.41 -4.30
CA VAL A 168 19.26 34.20 -3.91
C VAL A 168 17.93 34.15 -4.65
N VAL A 169 17.56 32.96 -5.14
CA VAL A 169 16.22 32.70 -5.64
C VAL A 169 15.72 31.44 -4.95
N ILE A 170 14.58 31.55 -4.28
CA ILE A 170 13.95 30.41 -3.60
C ILE A 170 12.80 29.93 -4.47
N ILE A 171 12.73 28.62 -4.72
CA ILE A 171 11.71 28.06 -5.59
C ILE A 171 11.03 26.91 -4.85
N GLY A 172 9.70 26.97 -4.77
CA GLY A 172 8.91 25.88 -4.19
C GLY A 172 8.37 26.17 -2.81
N ALA A 173 8.63 27.33 -2.25
CA ALA A 173 8.32 27.57 -0.85
C ALA A 173 6.83 27.48 -0.57
N ARG A 174 6.49 26.82 0.54
CA ARG A 174 5.09 26.63 0.90
C ARG A 174 4.90 26.38 2.39
N ALA A 175 6.01 26.31 3.14
CA ALA A 175 5.93 26.10 4.59
C ALA A 175 6.85 27.08 5.33
N LEU A 176 6.66 28.37 5.07
CA LEU A 176 7.48 29.41 5.69
C LEU A 176 6.89 29.81 7.03
N ASP A 177 7.73 29.89 8.06
CA ASP A 177 7.34 30.45 9.35
C ASP A 177 7.12 31.96 9.22
N GLU A 178 6.37 32.53 10.17
CA GLU A 178 6.05 33.95 10.10
C GLU A 178 7.31 34.82 10.07
N GLY A 179 8.32 34.45 10.87
CA GLY A 179 9.56 35.20 10.86
C GLY A 179 10.31 35.11 9.55
N GLU A 180 10.17 33.98 8.85
CA GLU A 180 10.80 33.87 7.53
C GLU A 180 10.10 34.75 6.51
N LYS A 181 8.77 34.82 6.56
CA LYS A 181 8.04 35.71 5.65
C LYS A 181 8.45 37.17 5.86
N ASP A 182 8.65 37.57 7.11
CA ASP A 182 9.11 38.95 7.37
C ASP A 182 10.50 39.18 6.79
N PHE A 183 11.42 38.24 7.02
CA PHE A 183 12.77 38.34 6.47
C PHE A 183 12.74 38.50 4.95
N ILE A 184 11.99 37.64 4.26
CA ILE A 184 11.89 37.71 2.81
C ILE A 184 11.41 39.09 2.36
N ARG A 185 10.33 39.59 2.98
CA ARG A 185 9.78 40.88 2.59
C ARG A 185 10.77 42.00 2.87
N ASN A 186 11.28 42.07 4.10
CA ASN A 186 12.16 43.16 4.49
C ASN A 186 13.49 43.14 3.74
N GLU A 187 14.01 41.96 3.41
CA GLU A 187 15.30 41.87 2.77
C GLU A 187 15.22 41.74 1.24
N GLY A 188 14.01 41.70 0.69
CA GLY A 188 13.85 41.64 -0.76
C GLY A 188 14.35 40.37 -1.42
N ILE A 189 14.26 39.23 -0.73
CA ILE A 189 14.67 37.94 -1.32
C ILE A 189 13.67 37.55 -2.40
N LYS A 190 14.18 37.18 -3.58
CA LYS A 190 13.33 36.69 -4.67
C LYS A 190 12.81 35.28 -4.36
N VAL A 191 11.50 35.12 -4.25
CA VAL A 191 10.89 33.85 -3.87
C VAL A 191 9.78 33.52 -4.86
N PHE A 192 9.78 32.29 -5.38
CA PHE A 192 8.67 31.79 -6.19
C PHE A 192 7.91 30.78 -5.34
N SER A 193 6.78 31.21 -4.78
CA SER A 193 5.97 30.28 -4.01
C SER A 193 5.17 29.39 -4.95
N MET A 194 4.58 28.35 -4.38
CA MET A 194 3.78 27.42 -5.19
C MET A 194 2.67 28.13 -5.93
N HIS A 195 2.08 29.16 -5.31
CA HIS A 195 1.00 29.89 -5.97
C HIS A 195 1.50 30.64 -7.21
N GLU A 196 2.70 31.23 -7.14
CA GLU A 196 3.24 31.91 -8.31
C GLU A 196 3.65 30.92 -9.39
N ILE A 197 4.14 29.74 -8.99
CA ILE A 197 4.50 28.73 -9.97
C ILE A 197 3.25 28.22 -10.67
N ASP A 198 2.16 28.05 -9.93
CA ASP A 198 0.90 27.67 -10.57
C ASP A 198 0.45 28.73 -11.57
N ARG A 199 0.61 30.01 -11.23
CA ARG A 199 0.15 31.07 -12.14
C ARG A 199 1.07 31.19 -13.36
N MET A 200 2.37 31.13 -13.16
CA MET A 200 3.32 31.41 -14.24
C MET A 200 3.68 30.19 -15.07
N GLY A 201 3.63 29.00 -14.48
CA GLY A 201 4.22 27.83 -15.10
C GLY A 201 5.71 27.74 -14.82
N MET A 202 6.26 26.53 -14.73
CA MET A 202 7.66 26.38 -14.34
C MET A 202 8.61 26.94 -15.39
N THR A 203 8.24 26.85 -16.67
CA THR A 203 9.10 27.41 -17.73
C THR A 203 9.34 28.90 -17.49
N ALA A 204 8.28 29.66 -17.23
CA ALA A 204 8.45 31.08 -16.99
C ALA A 204 9.20 31.35 -15.69
N VAL A 205 9.00 30.53 -14.67
CA VAL A 205 9.73 30.70 -13.41
C VAL A 205 11.23 30.53 -13.65
N MET A 206 11.60 29.54 -14.45
CA MET A 206 13.02 29.24 -14.64
C MET A 206 13.69 30.28 -15.54
N GLU A 207 12.97 30.80 -16.54
CA GLU A 207 13.54 31.86 -17.36
C GLU A 207 13.77 33.12 -16.53
N GLU A 208 12.82 33.48 -15.67
CA GLU A 208 13.01 34.63 -14.81
C GLU A 208 14.16 34.42 -13.84
N THR A 209 14.31 33.19 -13.32
CA THR A 209 15.40 32.89 -12.39
C THR A 209 16.75 33.05 -13.07
N ILE A 210 16.90 32.46 -14.26
CA ILE A 210 18.18 32.53 -14.97
C ILE A 210 18.50 33.98 -15.33
N ALA A 211 17.49 34.74 -15.75
CA ALA A 211 17.70 36.16 -16.04
C ALA A 211 18.10 36.92 -14.78
N TYR A 212 17.40 36.67 -13.66
CA TYR A 212 17.71 37.34 -12.39
C TYR A 212 19.14 37.11 -11.92
N LEU A 213 19.74 35.95 -12.23
CA LEU A 213 21.09 35.63 -11.81
C LEU A 213 22.13 35.81 -12.93
N SER A 214 21.77 36.52 -14.01
CA SER A 214 22.64 36.61 -15.18
C SER A 214 23.99 37.27 -14.86
N HIS A 215 24.03 38.12 -13.84
CA HIS A 215 25.23 38.86 -13.45
C HIS A 215 26.19 38.07 -12.58
N THR A 216 25.82 36.89 -12.10
CA THR A 216 26.66 36.17 -11.16
C THR A 216 27.86 35.55 -11.88
N ASP A 217 28.92 35.24 -11.12
CA ASP A 217 30.08 34.55 -11.66
C ASP A 217 30.08 33.04 -11.37
N GLY A 218 29.03 32.55 -10.74
CA GLY A 218 28.77 31.13 -10.61
C GLY A 218 27.45 31.00 -9.87
N VAL A 219 26.86 29.82 -9.96
CA VAL A 219 25.56 29.57 -9.31
C VAL A 219 25.60 28.22 -8.61
N HIS A 220 25.26 28.21 -7.33
CA HIS A 220 25.11 26.99 -6.56
C HIS A 220 23.64 26.58 -6.55
N LEU A 221 23.36 25.31 -6.89
CA LEU A 221 22.02 24.75 -6.75
C LEU A 221 21.95 23.98 -5.44
N SER A 222 21.01 24.35 -4.57
CA SER A 222 20.79 23.65 -3.31
C SER A 222 19.40 23.04 -3.39
N LEU A 223 19.32 21.76 -3.76
CA LEU A 223 18.05 21.12 -4.06
C LEU A 223 17.69 20.18 -2.92
N ASP A 224 16.65 20.55 -2.18
CA ASP A 224 16.06 19.75 -1.12
C ASP A 224 14.94 18.94 -1.75
N LEU A 225 15.02 17.61 -1.65
CA LEU A 225 14.00 16.81 -2.32
C LEU A 225 12.59 17.12 -1.82
N ASP A 226 12.44 17.73 -0.64
CA ASP A 226 11.08 18.04 -0.21
C ASP A 226 10.47 19.23 -0.93
N GLY A 227 11.21 19.91 -1.82
CA GLY A 227 10.56 20.83 -2.73
C GLY A 227 9.53 20.13 -3.61
N LEU A 228 9.76 18.86 -3.94
CA LEU A 228 8.80 18.10 -4.71
C LEU A 228 7.64 17.65 -3.83
N ASP A 229 6.48 17.47 -4.47
CA ASP A 229 5.32 16.97 -3.77
C ASP A 229 5.61 15.58 -3.19
N PRO A 230 5.06 15.25 -2.02
CA PRO A 230 5.24 13.90 -1.47
C PRO A 230 4.73 12.78 -2.37
N HIS A 231 3.81 13.05 -3.31
CA HIS A 231 3.42 12.01 -4.28
C HIS A 231 4.63 11.58 -5.12
N ASP A 232 5.51 12.51 -5.46
CA ASP A 232 6.69 12.21 -6.27
C ASP A 232 7.94 11.99 -5.44
N ALA A 233 7.94 12.39 -4.18
CA ALA A 233 9.12 12.28 -3.32
C ALA A 233 8.65 12.02 -1.90
N PRO A 234 8.11 10.83 -1.64
CA PRO A 234 7.62 10.55 -0.29
C PRO A 234 8.74 10.43 0.72
N GLY A 235 9.94 10.05 0.29
CA GLY A 235 11.04 9.76 1.19
C GLY A 235 11.89 10.97 1.48
N VAL A 236 11.37 11.88 2.29
CA VAL A 236 12.08 13.11 2.64
C VAL A 236 11.93 13.33 4.12
N GLY A 237 12.83 14.13 4.68
CA GLY A 237 12.84 14.33 6.12
C GLY A 237 11.54 14.91 6.66
N THR A 238 11.00 15.91 5.96
CA THR A 238 9.87 16.69 6.44
C THR A 238 8.93 16.93 5.26
N PRO A 239 8.03 15.99 4.97
CA PRO A 239 7.19 16.13 3.77
C PRO A 239 6.12 17.20 3.94
N VAL A 240 5.88 17.96 2.87
CA VAL A 240 4.88 19.04 2.88
C VAL A 240 4.03 18.92 1.62
N ILE A 241 2.72 18.70 1.78
CA ILE A 241 1.87 18.53 0.60
C ILE A 241 1.83 19.80 -0.22
N GLY A 242 1.47 19.64 -1.50
CA GLY A 242 1.30 20.79 -2.36
C GLY A 242 2.55 21.24 -3.08
N GLY A 243 3.46 20.31 -3.43
CA GLY A 243 4.75 20.66 -3.97
C GLY A 243 4.86 20.46 -5.47
N LEU A 244 6.09 20.62 -5.96
CA LEU A 244 6.41 20.57 -7.38
C LEU A 244 6.38 19.13 -7.89
N SER A 245 5.97 18.96 -9.15
CA SER A 245 5.94 17.61 -9.67
C SER A 245 7.33 17.18 -10.13
N TYR A 246 7.49 15.86 -10.34
CA TYR A 246 8.69 15.37 -11.00
C TYR A 246 8.89 16.06 -12.35
N ARG A 247 7.83 16.14 -13.15
CA ARG A 247 7.94 16.75 -14.48
C ARG A 247 8.44 18.19 -14.39
N GLU A 248 7.86 18.98 -13.48
CA GLU A 248 8.31 20.36 -13.32
C GLU A 248 9.78 20.43 -12.93
N SER A 249 10.21 19.58 -11.99
CA SER A 249 11.60 19.64 -11.52
C SER A 249 12.56 19.15 -12.59
N HIS A 250 12.16 18.11 -13.32
CA HIS A 250 12.99 17.58 -14.39
C HIS A 250 13.17 18.62 -15.48
N LEU A 251 12.09 19.31 -15.84
CA LEU A 251 12.20 20.40 -16.81
C LEU A 251 13.11 21.51 -16.28
N ALA A 252 12.97 21.87 -15.00
CA ALA A 252 13.81 22.91 -14.42
C ALA A 252 15.30 22.54 -14.53
N MET A 253 15.65 21.28 -14.23
CA MET A 253 17.05 20.86 -14.32
C MET A 253 17.54 20.95 -15.76
N GLU A 254 16.71 20.56 -16.72
CA GLU A 254 17.12 20.65 -18.11
C GLU A 254 17.36 22.10 -18.53
N MET A 255 16.51 23.02 -18.07
CA MET A 255 16.71 24.44 -18.41
C MET A 255 17.98 25.00 -17.77
N LEU A 256 18.28 24.56 -16.55
CA LEU A 256 19.53 24.96 -15.93
C LEU A 256 20.73 24.38 -16.70
N ALA A 257 20.62 23.12 -17.13
CA ALA A 257 21.68 22.51 -17.92
C ALA A 257 21.92 23.30 -19.21
N GLU A 258 20.85 23.63 -19.92
CA GLU A 258 20.97 24.40 -21.16
C GLU A 258 21.59 25.77 -20.90
N ALA A 259 21.23 26.42 -19.79
CA ALA A 259 21.80 27.74 -19.54
C ALA A 259 23.27 27.66 -19.15
N ASP A 260 23.73 26.49 -18.66
CA ASP A 260 25.13 26.24 -18.31
C ASP A 260 25.63 27.21 -17.24
N ILE A 261 24.82 27.42 -16.21
CA ILE A 261 25.18 28.36 -15.15
C ILE A 261 25.51 27.68 -13.82
N ILE A 262 25.16 26.40 -13.65
CA ILE A 262 25.35 25.76 -12.35
C ILE A 262 26.80 25.33 -12.22
N THR A 263 27.47 25.79 -11.17
CA THR A 263 28.87 25.50 -10.95
C THR A 263 29.13 24.65 -9.70
N SER A 264 28.10 24.40 -8.87
CA SER A 264 28.18 23.47 -7.74
C SER A 264 26.76 23.07 -7.40
N ALA A 265 26.60 21.95 -6.70
CA ALA A 265 25.23 21.53 -6.41
C ALA A 265 25.22 20.63 -5.19
N GLU A 266 24.10 20.63 -4.49
CA GLU A 266 23.88 19.62 -3.46
C GLU A 266 22.43 19.13 -3.52
N PHE A 267 22.27 17.83 -3.30
CA PHE A 267 20.95 17.19 -3.27
C PHE A 267 20.78 16.59 -1.88
N VAL A 268 19.79 17.11 -1.12
CA VAL A 268 19.71 16.83 0.31
C VAL A 268 18.31 16.35 0.69
N GLU A 269 18.23 15.86 1.92
CA GLU A 269 17.00 15.57 2.66
C GLU A 269 16.27 14.32 2.17
N VAL A 270 16.95 13.42 1.46
CA VAL A 270 16.37 12.12 1.16
C VAL A 270 16.33 11.27 2.43
N ASN A 271 15.16 10.68 2.69
CA ASN A 271 14.88 9.95 3.93
C ASN A 271 14.29 8.59 3.54
N THR A 272 15.11 7.55 3.59
CA THR A 272 14.66 6.22 3.15
C THR A 272 13.55 5.65 4.02
N ILE A 273 13.47 6.07 5.29
CA ILE A 273 12.46 5.50 6.19
C ILE A 273 11.05 5.72 5.64
N LEU A 274 10.79 6.88 5.04
CA LEU A 274 9.48 7.18 4.46
C LEU A 274 9.41 6.91 2.96
N ASP A 275 10.49 6.43 2.36
CA ASP A 275 10.51 6.21 0.92
C ASP A 275 9.74 4.94 0.56
N GLU A 276 9.44 4.79 -0.71
CA GLU A 276 8.75 3.60 -1.20
C GLU A 276 9.66 2.96 -2.25
N ARG A 277 10.31 1.86 -1.86
CA ARG A 277 11.24 1.13 -2.74
C ARG A 277 12.29 2.06 -3.34
N ASN A 278 12.79 3.01 -2.54
CA ASN A 278 13.89 3.92 -2.90
C ASN A 278 13.51 4.91 -4.00
N ARG A 279 12.23 5.09 -4.28
CA ARG A 279 11.89 5.84 -5.48
C ARG A 279 12.19 7.34 -5.37
N THR A 280 12.28 7.89 -4.16
CA THR A 280 12.74 9.28 -4.06
C THR A 280 14.22 9.40 -4.41
N ALA A 281 15.06 8.44 -4.00
CA ALA A 281 16.46 8.45 -4.40
C ALA A 281 16.61 8.25 -5.92
N THR A 282 15.83 7.33 -6.49
CA THR A 282 15.82 7.16 -7.94
C THR A 282 15.46 8.47 -8.63
N THR A 283 14.44 9.17 -8.14
CA THR A 283 14.08 10.47 -8.70
C THR A 283 15.22 11.49 -8.55
N ALA A 284 15.88 11.52 -7.39
CA ALA A 284 17.02 12.43 -7.23
C ALA A 284 18.10 12.17 -8.28
N VAL A 285 18.39 10.90 -8.58
CA VAL A 285 19.39 10.57 -9.60
C VAL A 285 18.92 11.02 -10.97
N ALA A 286 17.62 10.88 -11.26
CA ALA A 286 17.11 11.35 -12.56
C ALA A 286 17.21 12.87 -12.69
N LEU A 287 16.96 13.59 -11.59
CA LEU A 287 17.11 15.05 -11.64
C LEU A 287 18.57 15.44 -11.83
N MET A 288 19.50 14.70 -11.22
CA MET A 288 20.92 14.97 -11.47
C MET A 288 21.28 14.67 -12.91
N GLY A 289 20.78 13.55 -13.45
CA GLY A 289 21.00 13.24 -14.85
C GLY A 289 20.59 14.38 -15.77
N SER A 290 19.42 14.96 -15.52
CA SER A 290 18.95 16.10 -16.31
C SER A 290 19.83 17.33 -16.09
N LEU A 291 20.20 17.61 -14.84
CA LEU A 291 21.08 18.73 -14.54
C LEU A 291 22.40 18.64 -15.29
N PHE A 292 22.95 17.44 -15.44
CA PHE A 292 24.27 17.27 -16.05
C PHE A 292 24.20 16.95 -17.54
N GLY A 293 23.05 17.15 -18.18
CA GLY A 293 23.01 17.24 -19.63
C GLY A 293 22.18 16.21 -20.35
N GLU A 294 21.55 15.23 -19.68
CA GLU A 294 20.70 14.30 -20.41
C GLU A 294 19.55 15.06 -21.09
N LYS A 295 19.21 14.64 -22.31
CA LYS A 295 18.12 15.24 -23.06
C LYS A 295 17.11 14.18 -23.43
N LEU A 296 15.84 14.58 -23.58
CA LEU A 296 14.80 13.64 -23.97
C LEU A 296 14.72 13.46 -25.47
N LYS A 297 15.28 14.38 -26.24
CA LYS A 297 15.31 14.28 -27.71
C LYS A 297 16.73 14.55 -28.23
N LYS B 3 -22.24 4.37 -36.76
CA LYS B 3 -21.36 4.10 -35.62
C LYS B 3 -21.17 2.61 -35.38
N GLU B 4 -20.18 2.03 -36.04
CA GLU B 4 -19.95 0.59 -35.97
C GLU B 4 -18.49 0.32 -35.65
N ILE B 5 -18.25 -0.48 -34.62
CA ILE B 5 -16.92 -0.83 -34.15
C ILE B 5 -16.81 -2.34 -34.06
N SER B 6 -15.66 -2.87 -34.48
CA SER B 6 -15.28 -4.27 -34.25
C SER B 6 -14.03 -4.32 -33.38
N VAL B 7 -14.10 -5.08 -32.30
CA VAL B 7 -13.03 -5.17 -31.31
C VAL B 7 -12.33 -6.52 -31.46
N ILE B 8 -10.99 -6.50 -31.44
CA ILE B 8 -10.20 -7.72 -31.47
C ILE B 8 -9.08 -7.61 -30.44
N GLY B 9 -8.91 -8.65 -29.63
CA GLY B 9 -7.85 -8.68 -28.63
C GLY B 9 -6.68 -9.51 -29.14
N VAL B 10 -5.48 -9.07 -28.80
CA VAL B 10 -4.26 -9.75 -29.23
C VAL B 10 -3.37 -9.93 -28.00
N PRO B 11 -3.50 -11.05 -27.26
CA PRO B 11 -2.77 -11.20 -25.98
C PRO B 11 -1.32 -11.66 -26.19
N MET B 12 -0.52 -10.81 -26.81
CA MET B 12 0.85 -11.15 -27.17
C MET B 12 1.82 -10.52 -26.18
N ASP B 13 2.79 -11.32 -25.70
CA ASP B 13 3.76 -10.90 -24.68
C ASP B 13 5.10 -11.55 -25.03
N LEU B 14 5.77 -11.01 -26.05
CA LEU B 14 7.02 -11.60 -26.53
C LEU B 14 8.15 -10.59 -26.38
N GLY B 15 9.37 -11.08 -26.58
CA GLY B 15 10.52 -10.24 -26.35
C GLY B 15 11.50 -10.94 -25.44
N GLN B 16 12.37 -10.14 -24.83
CA GLN B 16 13.43 -10.69 -23.99
C GLN B 16 12.86 -11.51 -22.84
N MET B 17 11.79 -11.02 -22.22
CA MET B 17 11.15 -11.75 -21.13
C MET B 17 9.68 -11.32 -21.06
N ARG B 18 8.88 -12.17 -20.43
CA ARG B 18 7.49 -11.82 -20.15
C ARG B 18 7.42 -10.49 -19.41
N ARG B 19 6.52 -9.64 -19.84
CA ARG B 19 6.23 -8.39 -19.14
C ARG B 19 4.78 -8.35 -18.65
N GLY B 20 4.01 -9.41 -18.89
CA GLY B 20 2.64 -9.50 -18.41
C GLY B 20 1.58 -8.84 -19.27
N VAL B 21 1.96 -8.27 -20.42
CA VAL B 21 0.99 -7.53 -21.25
C VAL B 21 0.06 -8.43 -22.03
N ASP B 22 0.28 -9.75 -22.02
CA ASP B 22 -0.72 -10.63 -22.61
C ASP B 22 -2.04 -10.59 -21.86
N MET B 23 -2.03 -10.16 -20.59
CA MET B 23 -3.27 -10.05 -19.83
C MET B 23 -4.08 -8.81 -20.18
N GLY B 24 -3.54 -7.91 -21.01
CA GLY B 24 -4.19 -6.66 -21.32
C GLY B 24 -5.60 -6.79 -21.84
N PRO B 25 -5.81 -7.62 -22.89
CA PRO B 25 -7.17 -7.73 -23.45
C PRO B 25 -8.19 -8.24 -22.44
N SER B 26 -7.82 -9.25 -21.64
CA SER B 26 -8.72 -9.74 -20.61
C SER B 26 -9.00 -8.66 -19.57
N ALA B 27 -7.96 -7.92 -19.17
CA ALA B 27 -8.15 -6.86 -18.18
C ALA B 27 -9.06 -5.76 -18.71
N ILE B 28 -8.89 -5.36 -19.97
CA ILE B 28 -9.71 -4.29 -20.53
C ILE B 28 -11.17 -4.76 -20.69
N ARG B 29 -11.37 -6.02 -21.07
CA ARG B 29 -12.72 -6.56 -21.10
C ARG B 29 -13.34 -6.60 -19.70
N TYR B 30 -12.54 -6.99 -18.70
CA TYR B 30 -13.01 -7.00 -17.31
C TYR B 30 -13.49 -5.60 -16.89
N ALA B 31 -12.77 -4.56 -17.32
CA ALA B 31 -13.13 -3.17 -17.12
C ALA B 31 -14.35 -2.73 -17.95
N GLY B 32 -15.02 -3.66 -18.64
CA GLY B 32 -16.27 -3.35 -19.32
C GLY B 32 -16.15 -2.55 -20.60
N VAL B 33 -15.14 -2.81 -21.43
CA VAL B 33 -14.94 -1.99 -22.62
C VAL B 33 -16.12 -2.12 -23.58
N ILE B 34 -16.65 -3.34 -23.77
CA ILE B 34 -17.73 -3.55 -24.73
C ILE B 34 -18.97 -2.78 -24.31
N GLU B 35 -19.40 -2.97 -23.06
CA GLU B 35 -20.59 -2.30 -22.55
C GLU B 35 -20.44 -0.79 -22.59
N ARG B 36 -19.24 -0.29 -22.29
CA ARG B 36 -18.99 1.15 -22.29
C ARG B 36 -19.18 1.73 -23.68
N ILE B 37 -18.64 1.06 -24.70
CA ILE B 37 -18.78 1.55 -26.07
C ILE B 37 -20.24 1.47 -26.53
N GLU B 38 -20.92 0.37 -26.20
CA GLU B 38 -22.34 0.25 -26.54
C GLU B 38 -23.17 1.32 -25.85
N GLU B 39 -22.83 1.65 -24.60
CA GLU B 39 -23.55 2.69 -23.87
C GLU B 39 -23.50 4.03 -24.60
N ILE B 40 -22.40 4.30 -25.30
CA ILE B 40 -22.26 5.55 -26.04
C ILE B 40 -23.20 5.59 -27.24
N GLY B 41 -23.58 4.44 -27.77
CA GLY B 41 -24.49 4.41 -28.89
C GLY B 41 -23.90 3.71 -30.10
N TYR B 42 -22.78 3.01 -29.90
CA TYR B 42 -22.16 2.26 -30.97
C TYR B 42 -22.73 0.85 -31.04
N ASP B 43 -22.75 0.30 -32.24
CA ASP B 43 -22.93 -1.14 -32.43
C ASP B 43 -21.55 -1.78 -32.36
N VAL B 44 -21.38 -2.73 -31.44
CA VAL B 44 -20.07 -3.31 -31.16
C VAL B 44 -20.10 -4.80 -31.46
N LYS B 45 -19.18 -5.24 -32.31
CA LYS B 45 -18.99 -6.65 -32.64
C LYS B 45 -17.68 -7.08 -31.99
N ASP B 46 -17.76 -7.99 -31.03
CA ASP B 46 -16.56 -8.53 -30.39
C ASP B 46 -16.05 -9.69 -31.22
N MET B 47 -14.91 -9.51 -31.89
CA MET B 47 -14.28 -10.59 -32.64
C MET B 47 -13.51 -11.55 -31.75
N GLY B 48 -13.54 -11.36 -30.44
CA GLY B 48 -12.80 -12.24 -29.56
C GLY B 48 -11.32 -11.89 -29.55
N ASP B 49 -10.51 -12.89 -29.22
CA ASP B 49 -9.08 -12.73 -29.14
C ASP B 49 -8.39 -13.68 -30.12
N ILE B 50 -7.29 -13.21 -30.71
CA ILE B 50 -6.41 -14.08 -31.47
C ILE B 50 -5.74 -15.07 -30.52
N CYS B 51 -5.80 -16.35 -30.87
CA CYS B 51 -5.13 -17.34 -30.04
C CYS B 51 -3.66 -17.43 -30.42
N ILE B 52 -2.79 -17.26 -29.43
CA ILE B 52 -1.36 -17.18 -29.72
C ILE B 52 -0.72 -18.56 -29.63
N ASN B 61 16.38 -16.27 -32.32
CA ASN B 61 17.65 -15.59 -32.10
C ASN B 61 17.49 -14.44 -31.12
N THR B 62 18.61 -13.89 -30.65
CA THR B 62 18.60 -12.82 -29.67
C THR B 62 18.57 -11.43 -30.28
N LYS B 63 18.61 -11.33 -31.61
CA LYS B 63 18.64 -10.05 -32.31
C LYS B 63 17.25 -9.61 -32.75
N LEU B 64 16.37 -10.56 -33.08
CA LEU B 64 14.96 -10.32 -33.40
C LEU B 64 14.16 -11.36 -32.64
N ARG B 65 13.90 -11.08 -31.36
CA ARG B 65 13.36 -12.09 -30.47
C ARG B 65 11.94 -12.48 -30.89
N ASN B 66 11.72 -13.79 -31.02
CA ASN B 66 10.42 -14.38 -31.37
C ASN B 66 9.94 -13.93 -32.74
N LEU B 67 10.88 -13.60 -33.62
CA LEU B 67 10.57 -13.03 -34.94
C LEU B 67 9.48 -13.80 -35.66
N THR B 68 9.62 -15.13 -35.74
CA THR B 68 8.70 -15.93 -36.53
C THR B 68 7.29 -15.88 -35.96
N GLN B 69 7.17 -15.94 -34.64
CA GLN B 69 5.84 -15.91 -34.02
C GLN B 69 5.20 -14.53 -34.14
N VAL B 70 5.98 -13.46 -34.00
CA VAL B 70 5.42 -12.12 -34.13
C VAL B 70 4.85 -11.93 -35.54
N ALA B 71 5.58 -12.38 -36.56
CA ALA B 71 5.09 -12.27 -37.93
C ALA B 71 3.80 -13.06 -38.11
N THR B 72 3.74 -14.28 -37.54
CA THR B 72 2.55 -15.11 -37.68
C THR B 72 1.32 -14.43 -37.10
N VAL B 73 1.42 -13.90 -35.89
CA VAL B 73 0.28 -13.24 -35.27
C VAL B 73 -0.09 -11.96 -36.02
N CYS B 74 0.91 -11.16 -36.41
CA CYS B 74 0.64 -9.90 -37.10
C CYS B 74 0.01 -10.12 -38.47
N ASN B 75 0.39 -11.20 -39.16
CA ASN B 75 -0.25 -11.55 -40.42
C ASN B 75 -1.74 -11.80 -40.23
N GLU B 76 -2.09 -12.61 -39.23
CA GLU B 76 -3.49 -12.86 -38.95
C GLU B 76 -4.21 -11.59 -38.52
N LEU B 77 -3.59 -10.80 -37.64
CA LEU B 77 -4.20 -9.52 -37.25
C LEU B 77 -4.40 -8.60 -38.45
N ALA B 78 -3.41 -8.52 -39.34
CA ALA B 78 -3.55 -7.64 -40.51
C ALA B 78 -4.77 -7.99 -41.33
N SER B 79 -5.02 -9.30 -41.56
CA SER B 79 -6.17 -9.66 -42.39
C SER B 79 -7.48 -9.38 -41.67
N LYS B 80 -7.52 -9.59 -40.36
CA LYS B 80 -8.76 -9.32 -39.64
C LYS B 80 -9.07 -7.83 -39.62
N VAL B 81 -8.06 -6.99 -39.47
CA VAL B 81 -8.29 -5.55 -39.47
C VAL B 81 -8.71 -5.08 -40.86
N ASP B 82 -8.01 -5.54 -41.90
CA ASP B 82 -8.44 -5.33 -43.29
C ASP B 82 -9.92 -5.66 -43.46
N HIS B 83 -10.32 -6.85 -43.00
CA HIS B 83 -11.70 -7.30 -43.21
C HIS B 83 -12.70 -6.43 -42.47
N ILE B 84 -12.34 -5.96 -41.27
CA ILE B 84 -13.23 -5.05 -40.54
C ILE B 84 -13.47 -3.79 -41.34
N ILE B 85 -12.40 -3.22 -41.92
CA ILE B 85 -12.57 -2.00 -42.69
C ILE B 85 -13.35 -2.27 -43.98
N GLU B 86 -13.08 -3.41 -44.65
CA GLU B 86 -13.87 -3.82 -45.81
C GLU B 86 -15.36 -3.82 -45.48
N GLU B 87 -15.72 -4.22 -44.27
CA GLU B 87 -17.12 -4.21 -43.82
C GLU B 87 -17.63 -2.82 -43.43
N GLY B 88 -16.80 -1.78 -43.53
CA GLY B 88 -17.24 -0.45 -43.17
C GLY B 88 -17.22 -0.12 -41.69
N ARG B 89 -16.52 -0.92 -40.89
CA ARG B 89 -16.53 -0.79 -39.44
C ARG B 89 -15.20 -0.22 -38.94
N PHE B 90 -15.25 0.37 -37.75
CA PHE B 90 -14.05 0.91 -37.12
C PHE B 90 -13.31 -0.21 -36.38
N PRO B 91 -12.05 -0.48 -36.70
CA PRO B 91 -11.32 -1.52 -35.96
C PRO B 91 -10.66 -0.97 -34.71
N LEU B 92 -10.98 -1.59 -33.58
CA LEU B 92 -10.38 -1.27 -32.29
C LEU B 92 -9.62 -2.50 -31.81
N VAL B 93 -8.32 -2.36 -31.65
CA VAL B 93 -7.44 -3.48 -31.31
C VAL B 93 -7.00 -3.33 -29.86
N LEU B 94 -7.11 -4.40 -29.08
CA LEU B 94 -6.73 -4.41 -27.67
C LEU B 94 -5.42 -5.17 -27.54
N GLY B 95 -4.44 -4.54 -26.93
CA GLY B 95 -3.09 -5.00 -27.00
C GLY B 95 -2.60 -5.76 -25.79
N GLY B 96 -1.74 -6.72 -26.09
CA GLY B 96 -0.54 -6.97 -25.35
C GLY B 96 0.54 -6.04 -25.86
N ASP B 97 1.63 -6.57 -26.40
CA ASP B 97 2.76 -5.68 -26.59
C ASP B 97 2.62 -4.87 -27.87
N HIS B 98 3.42 -3.82 -27.97
CA HIS B 98 3.24 -2.85 -29.03
C HIS B 98 3.68 -3.39 -30.39
N SER B 99 4.23 -4.60 -30.45
CA SER B 99 4.60 -5.11 -31.77
C SER B 99 3.37 -5.45 -32.60
N ILE B 100 2.20 -5.58 -31.98
CA ILE B 100 0.98 -5.81 -32.76
C ILE B 100 0.61 -4.62 -33.65
N ALA B 101 1.20 -3.44 -33.42
CA ALA B 101 0.97 -2.33 -34.32
C ALA B 101 1.43 -2.66 -35.74
N ILE B 102 2.41 -3.54 -35.87
CA ILE B 102 2.87 -3.94 -37.21
C ILE B 102 1.72 -4.57 -37.99
N GLY B 103 1.02 -5.51 -37.36
CA GLY B 103 -0.14 -6.10 -38.02
C GLY B 103 -1.28 -5.13 -38.20
N THR B 104 -1.54 -4.27 -37.20
CA THR B 104 -2.66 -3.34 -37.30
C THR B 104 -2.46 -2.35 -38.43
N LEU B 105 -1.26 -1.75 -38.49
CA LEU B 105 -1.02 -0.78 -39.54
C LEU B 105 -0.99 -1.43 -40.93
N ALA B 106 -0.54 -2.67 -41.02
CA ALA B 106 -0.56 -3.35 -42.31
C ALA B 106 -1.99 -3.55 -42.80
N GLY B 107 -2.89 -3.92 -41.89
CA GLY B 107 -4.29 -4.04 -42.26
C GLY B 107 -4.93 -2.70 -42.59
N VAL B 108 -4.63 -1.67 -41.81
CA VAL B 108 -5.20 -0.35 -42.08
C VAL B 108 -4.70 0.20 -43.40
N ALA B 109 -3.41 -0.02 -43.72
CA ALA B 109 -2.82 0.59 -44.90
C ALA B 109 -3.43 0.09 -46.20
N LYS B 110 -4.14 -1.05 -46.18
CA LYS B 110 -4.88 -1.49 -47.36
C LYS B 110 -5.99 -0.52 -47.75
N HIS B 111 -6.36 0.42 -46.87
CA HIS B 111 -7.53 1.25 -47.08
C HIS B 111 -7.22 2.75 -47.04
N TYR B 112 -5.95 3.13 -46.92
CA TYR B 112 -5.58 4.54 -46.87
C TYR B 112 -4.24 4.70 -47.55
N LYS B 113 -4.10 5.72 -48.41
CA LYS B 113 -2.83 5.95 -49.08
C LYS B 113 -2.02 7.10 -48.50
N ASN B 114 -2.62 7.97 -47.68
CA ASN B 114 -1.89 9.01 -46.94
C ASN B 114 -2.31 8.91 -45.47
N LEU B 115 -1.90 7.82 -44.83
CA LEU B 115 -2.39 7.48 -43.50
C LEU B 115 -1.58 8.21 -42.43
N GLY B 116 -2.25 8.89 -41.51
CA GLY B 116 -1.58 9.48 -40.37
C GLY B 116 -1.56 8.52 -39.19
N VAL B 117 -0.56 8.68 -38.32
CA VAL B 117 -0.45 7.86 -37.11
C VAL B 117 -0.05 8.76 -35.95
N ILE B 118 -0.78 8.66 -34.85
CA ILE B 118 -0.43 9.32 -33.59
C ILE B 118 0.07 8.22 -32.67
N TRP B 119 1.33 8.32 -32.25
CA TRP B 119 2.00 7.30 -31.46
C TRP B 119 2.14 7.87 -30.05
N TYR B 120 1.31 7.38 -29.14
CA TYR B 120 1.14 7.95 -27.82
C TYR B 120 1.84 6.99 -26.87
N ASP B 121 3.01 7.38 -26.35
CA ASP B 121 3.97 6.39 -25.89
C ASP B 121 5.07 7.08 -25.11
N ALA B 122 5.57 6.40 -24.07
CA ALA B 122 6.81 6.84 -23.46
C ALA B 122 8.03 6.57 -24.35
N HIS B 123 7.92 5.60 -25.26
CA HIS B 123 9.02 5.13 -26.11
C HIS B 123 8.76 5.51 -27.57
N GLY B 124 9.83 5.55 -28.36
CA GLY B 124 9.66 5.78 -29.79
C GLY B 124 9.33 4.54 -30.58
N ASP B 125 9.78 3.37 -30.11
CA ASP B 125 9.61 2.12 -30.83
C ASP B 125 10.19 2.22 -32.24
N LEU B 126 11.32 2.92 -32.36
CA LEU B 126 11.97 3.21 -33.61
C LEU B 126 13.27 2.44 -33.78
N ASN B 127 13.47 1.39 -32.99
CA ASN B 127 14.68 0.59 -33.13
C ASN B 127 14.62 -0.30 -34.35
N THR B 128 15.79 -0.66 -34.86
CA THR B 128 15.99 -1.68 -35.85
C THR B 128 16.80 -2.82 -35.24
N GLU B 129 17.00 -3.87 -36.02
CA GLU B 129 17.91 -4.96 -35.65
C GLU B 129 19.25 -4.41 -35.15
N GLU B 130 19.75 -3.35 -35.79
CA GLU B 130 21.09 -2.86 -35.49
C GLU B 130 21.13 -1.96 -34.25
N THR B 131 20.10 -1.13 -34.04
CA THR B 131 20.15 -0.17 -32.96
C THR B 131 19.51 -0.66 -31.66
N SER B 132 18.76 -1.75 -31.70
CA SER B 132 18.07 -2.22 -30.50
C SER B 132 19.04 -2.77 -29.48
N PRO B 133 19.01 -2.31 -28.23
CA PRO B 133 19.83 -2.93 -27.18
C PRO B 133 19.23 -4.21 -26.60
N SER B 134 18.08 -4.68 -27.10
CA SER B 134 17.37 -5.77 -26.45
C SER B 134 16.92 -6.85 -27.42
N GLY B 135 16.69 -6.47 -28.67
CA GLY B 135 16.09 -7.38 -29.63
C GLY B 135 14.58 -7.48 -29.57
N ASN B 136 13.92 -6.72 -28.69
CA ASN B 136 12.47 -6.76 -28.56
C ASN B 136 11.83 -6.10 -29.77
N ILE B 137 10.97 -6.84 -30.46
CA ILE B 137 10.30 -6.30 -31.65
C ILE B 137 9.26 -5.25 -31.26
N HIS B 138 8.68 -5.35 -30.06
CA HIS B 138 7.78 -4.27 -29.64
C HIS B 138 8.50 -2.94 -29.50
N GLY B 139 9.84 -2.93 -29.43
CA GLY B 139 10.59 -1.70 -29.54
C GLY B 139 10.96 -1.32 -30.96
N MET B 140 10.40 -2.01 -31.95
CA MET B 140 10.69 -1.77 -33.35
C MET B 140 9.48 -1.49 -34.22
N SER B 141 8.26 -1.50 -33.65
CA SER B 141 7.07 -1.59 -34.48
C SER B 141 6.80 -0.32 -35.28
N LEU B 142 7.14 0.86 -34.75
CA LEU B 142 6.95 2.08 -35.55
C LEU B 142 7.95 2.14 -36.69
N ALA B 143 9.22 1.85 -36.39
CA ALA B 143 10.24 1.81 -37.44
C ALA B 143 9.90 0.80 -38.52
N ALA B 144 9.47 -0.39 -38.13
CA ALA B 144 9.08 -1.41 -39.10
C ALA B 144 7.91 -0.94 -39.95
N SER B 145 6.92 -0.29 -39.32
CA SER B 145 5.79 0.22 -40.08
C SER B 145 6.19 1.33 -41.05
N LEU B 146 7.31 2.03 -40.77
CA LEU B 146 7.85 3.03 -41.67
C LEU B 146 8.74 2.43 -42.76
N GLY B 147 8.94 1.11 -42.76
CA GLY B 147 9.74 0.46 -43.77
C GLY B 147 11.18 0.21 -43.37
N TYR B 148 11.55 0.44 -42.11
CA TYR B 148 12.92 0.24 -41.63
C TYR B 148 12.92 -0.97 -40.71
N GLY B 149 13.59 -2.03 -41.14
CA GLY B 149 13.70 -3.21 -40.31
C GLY B 149 13.75 -4.47 -41.14
N HIS B 150 13.55 -5.59 -40.45
CA HIS B 150 13.64 -6.89 -41.09
C HIS B 150 12.54 -7.06 -42.12
N SER B 151 12.88 -7.72 -43.23
CA SER B 151 11.93 -7.85 -44.34
C SER B 151 10.66 -8.59 -43.92
N SER B 152 10.78 -9.56 -43.01
CA SER B 152 9.58 -10.25 -42.51
C SER B 152 8.59 -9.27 -41.89
N LEU B 153 9.09 -8.16 -41.34
CA LEU B 153 8.23 -7.19 -40.67
C LEU B 153 7.80 -6.05 -41.58
N VAL B 154 8.74 -5.45 -42.31
CA VAL B 154 8.40 -4.29 -43.15
C VAL B 154 7.52 -4.69 -44.33
N ASP B 155 7.67 -5.92 -44.84
CA ASP B 155 6.90 -6.37 -45.98
C ASP B 155 5.72 -7.25 -45.57
N LEU B 156 5.25 -7.13 -44.34
CA LEU B 156 4.19 -7.98 -43.84
C LEU B 156 2.84 -7.53 -44.42
N TYR B 157 2.09 -8.49 -44.99
CA TYR B 157 0.80 -8.21 -45.60
C TYR B 157 0.89 -7.05 -46.59
N GLY B 158 1.90 -7.08 -47.45
CA GLY B 158 2.11 -6.01 -48.40
C GLY B 158 3.55 -5.55 -48.43
N ALA B 159 4.21 -5.70 -49.58
CA ALA B 159 5.65 -5.43 -49.65
C ALA B 159 5.92 -3.95 -49.95
N TYR B 160 5.49 -3.10 -49.01
CA TYR B 160 5.67 -1.66 -49.11
C TYR B 160 5.61 -1.07 -47.71
N PRO B 161 6.21 0.10 -47.49
CA PRO B 161 6.05 0.77 -46.18
C PRO B 161 4.60 1.10 -45.92
N LYS B 162 4.16 0.89 -44.68
CA LYS B 162 2.75 1.09 -44.37
C LYS B 162 2.43 2.54 -44.03
N VAL B 163 3.42 3.30 -43.56
CA VAL B 163 3.21 4.68 -43.10
C VAL B 163 4.38 5.50 -43.56
N LYS B 164 4.13 6.77 -43.91
CA LYS B 164 5.19 7.68 -44.30
C LYS B 164 5.69 8.48 -43.10
N LYS B 165 6.99 8.75 -43.08
CA LYS B 165 7.61 9.44 -41.95
C LYS B 165 6.98 10.82 -41.69
N GLU B 166 6.52 11.50 -42.73
CA GLU B 166 5.94 12.83 -42.57
C GLU B 166 4.55 12.80 -41.96
N ASN B 167 3.95 11.62 -41.82
CA ASN B 167 2.58 11.50 -41.32
C ASN B 167 2.52 10.89 -39.92
N VAL B 168 3.64 10.90 -39.20
CA VAL B 168 3.72 10.35 -37.85
C VAL B 168 3.89 11.49 -36.85
N VAL B 169 3.15 11.43 -35.74
CA VAL B 169 3.38 12.31 -34.60
C VAL B 169 3.51 11.43 -33.38
N ILE B 170 4.64 11.52 -32.68
CA ILE B 170 4.87 10.82 -31.42
C ILE B 170 4.59 11.80 -30.28
N ILE B 171 3.82 11.34 -29.28
CA ILE B 171 3.46 12.19 -28.15
C ILE B 171 3.78 11.44 -26.86
N GLY B 172 4.52 12.08 -25.96
CA GLY B 172 4.82 11.51 -24.66
C GLY B 172 6.25 11.06 -24.46
N ALA B 173 7.09 11.17 -25.49
CA ALA B 173 8.39 10.51 -25.50
C ALA B 173 9.28 10.98 -24.34
N ARG B 174 9.88 10.03 -23.67
CA ARG B 174 10.81 10.36 -22.61
C ARG B 174 11.83 9.26 -22.35
N ALA B 175 11.77 8.14 -23.06
CA ALA B 175 12.70 7.03 -22.88
C ALA B 175 13.24 6.58 -24.23
N LEU B 176 13.73 7.53 -25.02
CA LEU B 176 14.28 7.25 -26.33
C LEU B 176 15.74 6.78 -26.21
N ASP B 177 16.10 5.74 -26.97
CA ASP B 177 17.49 5.32 -27.09
C ASP B 177 18.24 6.31 -27.99
N GLU B 178 19.58 6.27 -27.89
CA GLU B 178 20.39 7.20 -28.68
C GLU B 178 20.16 7.01 -30.18
N GLY B 179 20.06 5.75 -30.63
CA GLY B 179 19.78 5.50 -32.03
C GLY B 179 18.44 6.03 -32.47
N GLU B 180 17.43 5.97 -31.60
CA GLU B 180 16.12 6.53 -31.95
C GLU B 180 16.18 8.05 -32.03
N LYS B 181 16.95 8.69 -31.14
CA LYS B 181 17.12 10.14 -31.21
C LYS B 181 17.74 10.54 -32.55
N ASP B 182 18.74 9.78 -33.00
CA ASP B 182 19.37 10.08 -34.29
C ASP B 182 18.39 9.89 -35.45
N PHE B 183 17.62 8.81 -35.42
CA PHE B 183 16.60 8.57 -36.44
C PHE B 183 15.61 9.73 -36.50
N ILE B 184 15.06 10.13 -35.36
CA ILE B 184 14.08 11.21 -35.34
C ILE B 184 14.69 12.48 -35.94
N ARG B 185 15.92 12.82 -35.53
CA ARG B 185 16.57 14.04 -36.01
C ARG B 185 16.90 13.93 -37.50
N ASN B 186 17.48 12.80 -37.93
CA ASN B 186 17.88 12.66 -39.33
C ASN B 186 16.71 12.45 -40.27
N GLU B 187 15.57 11.94 -39.79
CA GLU B 187 14.42 11.67 -40.65
C GLU B 187 13.27 12.66 -40.47
N GLY B 188 13.42 13.67 -39.61
CA GLY B 188 12.37 14.66 -39.45
C GLY B 188 11.05 14.16 -38.89
N ILE B 189 11.07 13.17 -38.00
CA ILE B 189 9.84 12.74 -37.33
C ILE B 189 9.38 13.83 -36.36
N LYS B 190 8.08 14.15 -36.41
CA LYS B 190 7.48 15.09 -35.48
C LYS B 190 7.26 14.42 -34.13
N VAL B 191 7.92 14.92 -33.08
CA VAL B 191 7.86 14.32 -31.74
C VAL B 191 7.62 15.41 -30.72
N PHE B 192 6.65 15.19 -29.83
CA PHE B 192 6.41 16.06 -28.68
C PHE B 192 6.91 15.32 -27.44
N SER B 193 8.13 15.63 -27.00
CA SER B 193 8.61 15.02 -25.78
C SER B 193 7.89 15.62 -24.57
N MET B 194 8.14 15.02 -23.40
CA MET B 194 7.48 15.51 -22.18
C MET B 194 7.86 16.97 -21.89
N HIS B 195 9.11 17.36 -22.19
CA HIS B 195 9.49 18.75 -21.94
C HIS B 195 8.70 19.72 -22.82
N GLU B 196 8.48 19.35 -24.08
CA GLU B 196 7.70 20.22 -24.96
C GLU B 196 6.24 20.28 -24.52
N ILE B 197 5.70 19.17 -24.01
CA ILE B 197 4.33 19.17 -23.51
C ILE B 197 4.21 20.08 -22.29
N ASP B 198 5.18 20.00 -21.37
CA ASP B 198 5.20 20.88 -20.21
C ASP B 198 5.25 22.35 -20.61
N ARG B 199 6.11 22.68 -21.59
CA ARG B 199 6.23 24.06 -22.03
C ARG B 199 4.97 24.55 -22.73
N MET B 200 4.41 23.73 -23.63
CA MET B 200 3.28 24.15 -24.46
C MET B 200 1.91 23.92 -23.83
N GLY B 201 1.77 22.87 -23.00
CA GLY B 201 0.47 22.44 -22.52
C GLY B 201 -0.20 21.46 -23.49
N MET B 202 -0.98 20.51 -22.96
CA MET B 202 -1.55 19.46 -23.81
C MET B 202 -2.46 20.04 -24.89
N THR B 203 -3.27 21.05 -24.53
CA THR B 203 -4.20 21.61 -25.50
C THR B 203 -3.47 22.09 -26.75
N ALA B 204 -2.37 22.82 -26.58
CA ALA B 204 -1.65 23.33 -27.74
C ALA B 204 -0.92 22.22 -28.49
N VAL B 205 -0.49 21.17 -27.78
CA VAL B 205 0.13 20.03 -28.43
C VAL B 205 -0.86 19.32 -29.34
N MET B 206 -2.10 19.16 -28.88
CA MET B 206 -3.07 18.44 -29.70
C MET B 206 -3.55 19.29 -30.87
N GLU B 207 -3.68 20.60 -30.68
CA GLU B 207 -4.03 21.47 -31.80
C GLU B 207 -2.96 21.41 -32.88
N GLU B 208 -1.67 21.42 -32.48
CA GLU B 208 -0.61 21.33 -33.47
C GLU B 208 -0.58 19.95 -34.15
N THR B 209 -0.85 18.90 -33.37
CA THR B 209 -0.88 17.55 -33.95
C THR B 209 -1.97 17.42 -35.00
N ILE B 210 -3.18 17.87 -34.66
CA ILE B 210 -4.30 17.76 -35.59
C ILE B 210 -4.03 18.55 -36.85
N ALA B 211 -3.41 19.74 -36.71
CA ALA B 211 -3.06 20.53 -37.88
C ALA B 211 -1.94 19.86 -38.68
N TYR B 212 -0.98 19.25 -37.99
CA TYR B 212 0.12 18.59 -38.69
C TYR B 212 -0.37 17.44 -39.57
N LEU B 213 -1.42 16.74 -39.15
CA LEU B 213 -1.97 15.62 -39.92
C LEU B 213 -3.14 16.03 -40.80
N SER B 214 -3.23 17.32 -41.16
CA SER B 214 -4.40 17.82 -41.87
C SER B 214 -4.54 17.20 -43.26
N HIS B 215 -3.44 16.82 -43.91
CA HIS B 215 -3.47 16.34 -45.29
C HIS B 215 -3.69 14.83 -45.41
N THR B 216 -3.97 14.13 -44.31
CA THR B 216 -4.11 12.68 -44.34
C THR B 216 -5.54 12.26 -44.69
N ASP B 217 -5.69 11.04 -45.22
CA ASP B 217 -7.03 10.53 -45.52
C ASP B 217 -7.58 9.66 -44.41
N GLY B 218 -6.78 9.35 -43.40
CA GLY B 218 -7.24 8.69 -42.18
C GLY B 218 -6.14 8.83 -41.15
N VAL B 219 -6.49 8.61 -39.88
CA VAL B 219 -5.49 8.65 -38.82
C VAL B 219 -5.68 7.46 -37.89
N HIS B 220 -4.59 6.75 -37.63
CA HIS B 220 -4.56 5.63 -36.69
C HIS B 220 -4.02 6.13 -35.36
N LEU B 221 -4.72 5.83 -34.26
CA LEU B 221 -4.22 6.13 -32.93
C LEU B 221 -3.64 4.86 -32.33
N SER B 222 -2.35 4.88 -32.02
CA SER B 222 -1.64 3.78 -31.40
C SER B 222 -1.28 4.23 -30.00
N LEU B 223 -2.11 3.89 -29.01
CA LEU B 223 -1.98 4.44 -27.68
C LEU B 223 -1.40 3.35 -26.77
N ASP B 224 -0.16 3.57 -26.35
CA ASP B 224 0.52 2.73 -25.40
C ASP B 224 0.23 3.31 -24.01
N LEU B 225 -0.36 2.51 -23.13
CA LEU B 225 -0.73 3.05 -21.82
C LEU B 225 0.49 3.54 -21.05
N ASP B 226 1.71 3.11 -21.41
CA ASP B 226 2.86 3.66 -20.67
C ASP B 226 3.22 5.08 -21.09
N GLY B 227 2.53 5.68 -22.05
CA GLY B 227 2.66 7.12 -22.22
C GLY B 227 2.19 7.90 -21.00
N LEU B 228 1.20 7.37 -20.27
CA LEU B 228 0.74 8.00 -19.05
C LEU B 228 1.75 7.76 -17.93
N ASP B 229 1.76 8.66 -16.96
CA ASP B 229 2.60 8.49 -15.78
C ASP B 229 2.23 7.23 -15.02
N PRO B 230 3.21 6.52 -14.42
CA PRO B 230 2.87 5.36 -13.60
C PRO B 230 1.92 5.65 -12.45
N HIS B 231 1.82 6.90 -11.99
CA HIS B 231 0.81 7.22 -10.97
C HIS B 231 -0.59 6.97 -11.49
N ASP B 232 -0.83 7.26 -12.77
CA ASP B 232 -2.14 7.10 -13.37
C ASP B 232 -2.31 5.76 -14.08
N ALA B 233 -1.21 5.12 -14.47
CA ALA B 233 -1.23 3.87 -15.22
C ALA B 233 -0.10 2.99 -14.70
N PRO B 234 -0.20 2.51 -13.46
CA PRO B 234 0.89 1.69 -12.92
C PRO B 234 1.03 0.36 -13.63
N GLY B 235 -0.06 -0.18 -14.20
CA GLY B 235 -0.06 -1.50 -14.79
C GLY B 235 0.25 -1.50 -16.28
N VAL B 236 1.53 -1.29 -16.61
CA VAL B 236 2.00 -1.30 -17.98
C VAL B 236 3.25 -2.19 -18.05
N GLY B 237 3.58 -2.62 -19.26
CA GLY B 237 4.69 -3.54 -19.40
C GLY B 237 6.02 -2.96 -18.96
N THR B 238 6.28 -1.71 -19.32
CA THR B 238 7.55 -1.05 -19.02
C THR B 238 7.29 0.37 -18.55
N PRO B 239 7.05 0.56 -17.24
CA PRO B 239 6.71 1.90 -16.75
C PRO B 239 7.92 2.84 -16.76
N VAL B 240 7.65 4.11 -17.04
CA VAL B 240 8.66 5.15 -17.14
C VAL B 240 8.12 6.39 -16.42
N ILE B 241 8.81 6.83 -15.36
CA ILE B 241 8.27 7.94 -14.57
C ILE B 241 8.26 9.23 -15.40
N GLY B 242 7.41 10.17 -14.98
CA GLY B 242 7.36 11.47 -15.63
C GLY B 242 6.49 11.57 -16.85
N GLY B 243 5.37 10.85 -16.91
CA GLY B 243 4.52 10.81 -18.08
C GLY B 243 3.29 11.69 -17.98
N LEU B 244 2.37 11.47 -18.94
CA LEU B 244 1.15 12.25 -19.08
C LEU B 244 0.13 11.89 -18.01
N SER B 245 -0.64 12.90 -17.57
CA SER B 245 -1.67 12.64 -16.58
C SER B 245 -2.91 12.05 -17.23
N TYR B 246 -3.76 11.45 -16.39
CA TYR B 246 -5.08 11.06 -16.87
C TYR B 246 -5.81 12.25 -17.49
N ARG B 247 -5.75 13.41 -16.83
CA ARG B 247 -6.51 14.55 -17.31
C ARG B 247 -6.01 15.03 -18.67
N GLU B 248 -4.68 15.09 -18.85
CA GLU B 248 -4.12 15.45 -20.15
C GLU B 248 -4.53 14.46 -21.23
N SER B 249 -4.50 13.17 -20.90
CA SER B 249 -4.82 12.15 -21.90
C SER B 249 -6.31 12.17 -22.22
N HIS B 250 -7.15 12.32 -21.19
CA HIS B 250 -8.59 12.38 -21.38
C HIS B 250 -8.98 13.58 -22.22
N LEU B 251 -8.35 14.72 -21.96
CA LEU B 251 -8.57 15.91 -22.79
C LEU B 251 -8.13 15.67 -24.23
N ALA B 252 -6.96 15.04 -24.40
CA ALA B 252 -6.46 14.77 -25.75
C ALA B 252 -7.42 13.90 -26.53
N MET B 253 -7.99 12.88 -25.89
CA MET B 253 -8.98 12.02 -26.57
C MET B 253 -10.23 12.80 -26.96
N GLU B 254 -10.69 13.70 -26.07
CA GLU B 254 -11.86 14.51 -26.38
C GLU B 254 -11.59 15.43 -27.56
N MET B 255 -10.38 15.99 -27.64
CA MET B 255 -10.03 16.84 -28.78
C MET B 255 -9.93 16.04 -30.07
N LEU B 256 -9.40 14.82 -30.01
CA LEU B 256 -9.40 13.96 -31.19
C LEU B 256 -10.82 13.62 -31.61
N ALA B 257 -11.69 13.33 -30.64
CA ALA B 257 -13.07 13.01 -30.97
C ALA B 257 -13.72 14.18 -31.71
N GLU B 258 -13.47 15.40 -31.23
CA GLU B 258 -14.14 16.56 -31.82
C GLU B 258 -13.60 16.84 -33.22
N ALA B 259 -12.28 16.62 -33.42
CA ALA B 259 -11.70 16.73 -34.76
C ALA B 259 -12.19 15.64 -35.71
N ASP B 260 -12.65 14.52 -35.15
CA ASP B 260 -13.21 13.40 -35.93
C ASP B 260 -12.25 12.93 -37.02
N ILE B 261 -10.99 12.75 -36.64
CA ILE B 261 -9.96 12.30 -37.57
C ILE B 261 -9.54 10.85 -37.33
N ILE B 262 -9.86 10.26 -36.18
CA ILE B 262 -9.37 8.93 -35.87
C ILE B 262 -10.24 7.88 -36.55
N THR B 263 -9.64 7.07 -37.40
CA THR B 263 -10.36 6.05 -38.17
C THR B 263 -9.99 4.62 -37.79
N SER B 264 -9.04 4.43 -36.87
CA SER B 264 -8.74 3.13 -36.29
C SER B 264 -7.88 3.38 -35.05
N ALA B 265 -7.82 2.40 -34.16
CA ALA B 265 -7.09 2.67 -32.94
C ALA B 265 -6.72 1.36 -32.26
N GLU B 266 -5.63 1.41 -31.50
CA GLU B 266 -5.26 0.28 -30.65
C GLU B 266 -4.82 0.82 -29.30
N PHE B 267 -5.13 0.07 -28.25
CA PHE B 267 -4.74 0.39 -26.88
C PHE B 267 -3.95 -0.80 -26.37
N VAL B 268 -2.67 -0.59 -26.09
CA VAL B 268 -1.72 -1.68 -25.89
C VAL B 268 -0.98 -1.49 -24.57
N GLU B 269 -0.30 -2.57 -24.16
CA GLU B 269 0.71 -2.62 -23.09
C GLU B 269 0.12 -2.52 -21.69
N VAL B 270 -1.17 -2.77 -21.51
CA VAL B 270 -1.70 -2.95 -20.17
C VAL B 270 -1.16 -4.25 -19.58
N ASN B 271 -0.66 -4.17 -18.34
CA ASN B 271 0.00 -5.29 -17.66
C ASN B 271 -0.62 -5.41 -16.27
N THR B 272 -1.50 -6.38 -16.08
CA THR B 272 -2.23 -6.51 -14.82
C THR B 272 -1.30 -6.87 -13.66
N ILE B 273 -0.16 -7.48 -13.92
CA ILE B 273 0.73 -7.88 -12.84
C ILE B 273 1.15 -6.67 -12.02
N LEU B 274 1.43 -5.55 -12.67
CA LEU B 274 1.81 -4.34 -11.95
C LEU B 274 0.65 -3.40 -11.66
N ASP B 275 -0.57 -3.75 -12.08
CA ASP B 275 -1.71 -2.86 -11.93
C ASP B 275 -2.22 -2.88 -10.49
N GLU B 276 -3.03 -1.87 -10.15
CA GLU B 276 -3.64 -1.78 -8.82
C GLU B 276 -5.15 -1.88 -8.97
N ARG B 277 -5.71 -3.04 -8.59
CA ARG B 277 -7.15 -3.32 -8.72
C ARG B 277 -7.68 -2.96 -10.10
N ASN B 278 -6.92 -3.32 -11.13
CA ASN B 278 -7.30 -3.13 -12.53
C ASN B 278 -7.45 -1.65 -12.91
N ARG B 279 -6.94 -0.70 -12.11
CA ARG B 279 -7.28 0.69 -12.42
C ARG B 279 -6.62 1.19 -13.72
N THR B 280 -5.52 0.58 -14.18
CA THR B 280 -4.96 0.98 -15.48
C THR B 280 -5.90 0.60 -16.61
N ALA B 281 -6.46 -0.61 -16.54
CA ALA B 281 -7.45 -1.02 -17.53
C ALA B 281 -8.71 -0.17 -17.44
N THR B 282 -9.14 0.19 -16.23
CA THR B 282 -10.29 1.08 -16.10
C THR B 282 -10.01 2.43 -16.77
N THR B 283 -8.80 2.96 -16.60
CA THR B 283 -8.45 4.21 -17.26
C THR B 283 -8.41 4.06 -18.77
N ALA B 284 -7.97 2.90 -19.27
CA ALA B 284 -7.95 2.69 -20.73
C ALA B 284 -9.36 2.75 -21.30
N VAL B 285 -10.33 2.14 -20.61
CA VAL B 285 -11.73 2.19 -21.05
C VAL B 285 -12.27 3.63 -21.01
N ALA B 286 -11.93 4.39 -19.95
CA ALA B 286 -12.36 5.79 -19.90
C ALA B 286 -11.76 6.61 -21.04
N LEU B 287 -10.51 6.33 -21.39
CA LEU B 287 -9.91 7.04 -22.53
C LEU B 287 -10.62 6.68 -23.83
N MET B 288 -10.97 5.40 -24.00
CA MET B 288 -11.74 5.02 -25.19
C MET B 288 -13.10 5.69 -25.19
N GLY B 289 -13.74 5.79 -24.03
CA GLY B 289 -15.03 6.47 -23.97
C GLY B 289 -14.95 7.90 -24.44
N SER B 290 -13.91 8.61 -24.01
CA SER B 290 -13.69 9.98 -24.44
C SER B 290 -13.41 10.04 -25.95
N LEU B 291 -12.57 9.12 -26.44
CA LEU B 291 -12.24 9.09 -27.87
C LEU B 291 -13.48 8.88 -28.74
N PHE B 292 -14.45 8.10 -28.26
CA PHE B 292 -15.63 7.77 -29.04
C PHE B 292 -16.83 8.67 -28.73
N GLY B 293 -16.61 9.82 -28.11
CA GLY B 293 -17.63 10.87 -28.09
C GLY B 293 -18.21 11.25 -26.74
N GLU B 294 -17.83 10.59 -25.64
CA GLU B 294 -18.32 11.02 -24.33
C GLU B 294 -17.88 12.44 -24.02
N LYS B 295 -18.80 13.25 -23.48
CA LYS B 295 -18.54 14.63 -23.13
C LYS B 295 -18.86 14.85 -21.65
N LEU B 296 -18.12 15.77 -21.01
CA LEU B 296 -18.39 16.04 -19.61
C LEU B 296 -19.57 16.99 -19.42
N LYS B 297 -19.90 17.79 -20.44
CA LYS B 297 -21.09 18.63 -20.43
C LYS B 297 -21.93 18.40 -21.68
N LYS C 3 -14.05 38.46 12.09
CA LYS C 3 -13.21 37.31 12.46
C LYS C 3 -13.84 36.49 13.58
N GLU C 4 -15.13 36.19 13.45
CA GLU C 4 -15.81 35.29 14.35
C GLU C 4 -16.43 34.16 13.53
N ILE C 5 -16.10 32.93 13.88
CA ILE C 5 -16.56 31.74 13.16
C ILE C 5 -17.30 30.83 14.15
N SER C 6 -18.42 30.28 13.70
CA SER C 6 -19.10 29.22 14.42
C SER C 6 -19.10 27.95 13.56
N VAL C 7 -18.66 26.84 14.15
CA VAL C 7 -18.51 25.57 13.46
C VAL C 7 -19.58 24.61 13.95
N ILE C 8 -20.21 23.91 13.01
CA ILE C 8 -21.18 22.87 13.34
C ILE C 8 -20.93 21.65 12.45
N GLY C 9 -20.97 20.47 13.07
CA GLY C 9 -20.81 19.22 12.35
C GLY C 9 -22.15 18.56 12.10
N VAL C 10 -22.31 17.99 10.92
CA VAL C 10 -23.55 17.31 10.54
C VAL C 10 -23.22 15.92 10.03
N PRO C 11 -23.15 14.90 10.91
CA PRO C 11 -22.69 13.56 10.50
C PRO C 11 -23.80 12.75 9.83
N MET C 12 -24.29 13.24 8.70
CA MET C 12 -25.36 12.59 7.97
C MET C 12 -24.80 11.74 6.85
N ASP C 13 -25.31 10.49 6.73
CA ASP C 13 -24.90 9.53 5.69
C ASP C 13 -26.14 8.76 5.22
N LEU C 14 -27.04 9.45 4.53
CA LEU C 14 -28.27 8.84 4.07
C LEU C 14 -28.24 8.64 2.56
N GLY C 15 -29.24 7.94 2.05
CA GLY C 15 -29.31 7.63 0.64
C GLY C 15 -29.49 6.13 0.44
N GLN C 16 -29.19 5.69 -0.78
CA GLN C 16 -29.34 4.29 -1.15
C GLN C 16 -28.58 3.38 -0.19
N MET C 17 -27.29 3.65 0.00
CA MET C 17 -26.48 2.85 0.91
C MET C 17 -25.57 3.79 1.69
N ARG C 18 -25.11 3.31 2.85
CA ARG C 18 -24.05 4.00 3.58
C ARG C 18 -22.86 4.25 2.66
N ARG C 19 -22.28 5.43 2.76
CA ARG C 19 -21.04 5.72 2.06
C ARG C 19 -19.91 6.12 3.02
N GLY C 20 -20.17 6.15 4.33
CA GLY C 20 -19.14 6.47 5.29
C GLY C 20 -18.93 7.94 5.58
N VAL C 21 -19.68 8.82 4.93
CA VAL C 21 -19.46 10.26 5.09
C VAL C 21 -19.97 10.81 6.41
N ASP C 22 -20.73 10.03 7.18
CA ASP C 22 -21.08 10.47 8.53
C ASP C 22 -19.84 10.63 9.41
N MET C 23 -18.71 10.01 9.02
CA MET C 23 -17.46 10.12 9.74
C MET C 23 -16.72 11.43 9.46
N GLY C 24 -17.17 12.22 8.49
CA GLY C 24 -16.49 13.42 8.09
C GLY C 24 -16.18 14.42 9.19
N PRO C 25 -17.20 14.81 9.97
CA PRO C 25 -16.94 15.81 11.03
C PRO C 25 -15.93 15.33 12.07
N SER C 26 -16.03 14.08 12.50
CA SER C 26 -15.06 13.56 13.47
C SER C 26 -13.65 13.55 12.88
N ALA C 27 -13.51 13.14 11.62
CA ALA C 27 -12.19 13.06 10.98
C ALA C 27 -11.59 14.45 10.80
N ILE C 28 -12.42 15.43 10.41
CA ILE C 28 -11.96 16.81 10.24
C ILE C 28 -11.58 17.42 11.59
N ARG C 29 -12.34 17.11 12.66
CA ARG C 29 -11.93 17.58 13.98
C ARG C 29 -10.65 16.90 14.42
N TYR C 30 -10.51 15.61 14.11
CA TYR C 30 -9.28 14.88 14.42
C TYR C 30 -8.07 15.56 13.78
N ALA C 31 -8.23 16.02 12.53
CA ALA C 31 -7.20 16.76 11.80
C ALA C 31 -6.96 18.17 12.36
N GLY C 32 -7.65 18.56 13.43
CA GLY C 32 -7.37 19.81 14.10
C GLY C 32 -8.02 21.04 13.50
N VAL C 33 -9.25 20.93 12.96
CA VAL C 33 -9.88 22.08 12.32
C VAL C 33 -10.02 23.26 13.29
N ILE C 34 -10.42 23.00 14.55
CA ILE C 34 -10.70 24.10 15.47
C ILE C 34 -9.41 24.85 15.80
N GLU C 35 -8.39 24.13 16.25
CA GLU C 35 -7.11 24.75 16.56
C GLU C 35 -6.53 25.47 15.35
N ARG C 36 -6.73 24.92 14.15
CA ARG C 36 -6.17 25.53 12.95
C ARG C 36 -6.82 26.89 12.67
N ILE C 37 -8.14 26.97 12.76
CA ILE C 37 -8.81 28.25 12.53
C ILE C 37 -8.39 29.27 13.59
N GLU C 38 -8.23 28.80 14.83
CA GLU C 38 -7.80 29.69 15.91
C GLU C 38 -6.39 30.22 15.68
N GLU C 39 -5.49 29.37 15.17
CA GLU C 39 -4.12 29.82 14.88
C GLU C 39 -4.09 31.02 13.94
N ILE C 40 -5.03 31.11 13.00
CA ILE C 40 -5.03 32.23 12.07
C ILE C 40 -5.45 33.52 12.75
N GLY C 41 -6.15 33.43 13.88
CA GLY C 41 -6.54 34.61 14.63
C GLY C 41 -8.04 34.73 14.85
N TYR C 42 -8.78 33.70 14.48
CA TYR C 42 -10.24 33.73 14.58
C TYR C 42 -10.71 33.31 15.97
N ASP C 43 -11.81 33.91 16.40
CA ASP C 43 -12.57 33.41 17.54
C ASP C 43 -13.51 32.31 17.04
N VAL C 44 -13.36 31.12 17.57
CA VAL C 44 -14.07 29.94 17.06
C VAL C 44 -15.00 29.42 18.14
N LYS C 45 -16.30 29.48 17.87
CA LYS C 45 -17.32 28.86 18.70
C LYS C 45 -17.70 27.52 18.11
N ASP C 46 -17.45 26.44 18.85
CA ASP C 46 -17.74 25.09 18.40
C ASP C 46 -19.16 24.72 18.84
N MET C 47 -20.10 24.72 17.89
CA MET C 47 -21.48 24.36 18.18
C MET C 47 -21.70 22.86 18.34
N GLY C 48 -20.63 22.06 18.31
CA GLY C 48 -20.79 20.63 18.41
C GLY C 48 -21.31 20.01 17.12
N ASP C 49 -21.73 18.76 17.23
CA ASP C 49 -22.34 18.06 16.11
C ASP C 49 -23.83 17.91 16.34
N ILE C 50 -24.59 17.95 15.25
CA ILE C 50 -26.00 17.55 15.30
C ILE C 50 -26.05 16.04 15.52
N CYS C 51 -26.89 15.61 16.46
CA CYS C 51 -27.05 14.18 16.71
C CYS C 51 -28.13 13.63 15.78
N ILE C 52 -27.78 12.58 15.05
CA ILE C 52 -28.64 12.05 14.00
C ILE C 52 -29.25 10.73 14.44
N ASN C 61 -38.84 5.05 0.72
CA ASN C 61 -39.26 6.12 -0.18
C ASN C 61 -38.67 5.94 -1.58
N THR C 62 -37.42 5.45 -1.63
CA THR C 62 -36.80 4.95 -2.85
C THR C 62 -36.60 6.02 -3.93
N LYS C 63 -37.48 7.01 -3.99
CA LYS C 63 -37.30 8.13 -4.91
C LYS C 63 -36.79 9.38 -4.20
N LEU C 64 -37.09 9.53 -2.91
CA LEU C 64 -36.53 10.58 -2.05
C LEU C 64 -36.09 9.84 -0.78
N ARG C 65 -34.97 9.13 -0.88
CA ARG C 65 -34.58 8.20 0.17
C ARG C 65 -34.30 8.93 1.47
N ASN C 66 -34.93 8.44 2.55
CA ASN C 66 -34.78 8.99 3.90
C ASN C 66 -35.26 10.43 3.98
N LEU C 67 -36.29 10.77 3.18
CA LEU C 67 -36.72 12.15 3.04
C LEU C 67 -37.08 12.77 4.39
N THR C 68 -37.78 12.02 5.23
CA THR C 68 -38.25 12.58 6.50
C THR C 68 -37.08 12.95 7.40
N GLN C 69 -36.10 12.04 7.53
CA GLN C 69 -34.95 12.31 8.38
C GLN C 69 -34.12 13.47 7.82
N VAL C 70 -34.00 13.54 6.49
CA VAL C 70 -33.23 14.64 5.88
C VAL C 70 -33.87 15.98 6.18
N ALA C 71 -35.20 16.07 6.07
CA ALA C 71 -35.87 17.34 6.36
C ALA C 71 -35.68 17.72 7.82
N THR C 72 -35.79 16.74 8.74
CA THR C 72 -35.62 17.02 10.16
C THR C 72 -34.22 17.56 10.45
N VAL C 73 -33.18 16.87 9.96
CA VAL C 73 -31.83 17.35 10.20
C VAL C 73 -31.61 18.69 9.54
N CYS C 74 -32.05 18.83 8.28
CA CYS C 74 -31.85 20.09 7.56
C CYS C 74 -32.65 21.23 8.19
N ASN C 75 -33.82 20.96 8.76
CA ASN C 75 -34.54 22.03 9.46
C ASN C 75 -33.77 22.51 10.67
N GLU C 76 -33.23 21.57 11.46
CA GLU C 76 -32.42 21.95 12.60
C GLU C 76 -31.16 22.70 12.18
N LEU C 77 -30.51 22.24 11.10
CA LEU C 77 -29.30 22.93 10.64
C LEU C 77 -29.62 24.33 10.16
N ALA C 78 -30.71 24.49 9.40
CA ALA C 78 -31.10 25.81 8.92
C ALA C 78 -31.30 26.79 10.08
N SER C 79 -31.98 26.36 11.16
CA SER C 79 -32.21 27.28 12.26
C SER C 79 -30.91 27.60 13.01
N LYS C 80 -29.98 26.65 13.08
CA LYS C 80 -28.71 26.96 13.73
C LYS C 80 -27.88 27.91 12.87
N VAL C 81 -27.89 27.71 11.55
CA VAL C 81 -27.16 28.61 10.65
C VAL C 81 -27.76 30.00 10.69
N ASP C 82 -29.09 30.08 10.62
CA ASP C 82 -29.80 31.33 10.89
C ASP C 82 -29.25 32.03 12.13
N HIS C 83 -29.20 31.32 13.26
CA HIS C 83 -28.78 31.94 14.51
C HIS C 83 -27.33 32.42 14.47
N ILE C 84 -26.46 31.69 13.76
CA ILE C 84 -25.06 32.12 13.65
C ILE C 84 -24.97 33.45 12.90
N ILE C 85 -25.60 33.52 11.73
CA ILE C 85 -25.59 34.76 10.95
C ILE C 85 -26.29 35.87 11.73
N GLU C 86 -27.41 35.55 12.39
CA GLU C 86 -28.08 36.53 13.23
C GLU C 86 -27.16 37.06 14.32
N GLU C 87 -26.27 36.22 14.83
CA GLU C 87 -25.26 36.64 15.81
C GLU C 87 -24.08 37.36 15.18
N GLY C 88 -24.11 37.59 13.87
CA GLY C 88 -23.01 38.28 13.21
C GLY C 88 -21.73 37.47 13.06
N ARG C 89 -21.84 36.14 13.00
CA ARG C 89 -20.67 35.28 12.90
C ARG C 89 -20.70 34.49 11.59
N PHE C 90 -19.54 33.95 11.21
CA PHE C 90 -19.40 33.20 9.96
C PHE C 90 -19.79 31.74 10.22
N PRO C 91 -20.79 31.19 9.53
CA PRO C 91 -21.12 29.77 9.74
C PRO C 91 -20.27 28.84 8.89
N LEU C 92 -19.58 27.91 9.53
CA LEU C 92 -18.77 26.88 8.88
C LEU C 92 -19.37 25.52 9.21
N VAL C 93 -19.89 24.83 8.20
CA VAL C 93 -20.55 23.55 8.39
C VAL C 93 -19.62 22.43 7.92
N LEU C 94 -19.52 21.37 8.71
CA LEU C 94 -18.69 20.22 8.40
C LEU C 94 -19.59 19.06 8.06
N GLY C 95 -19.34 18.43 6.94
CA GLY C 95 -20.31 17.54 6.34
C GLY C 95 -20.06 16.06 6.52
N GLY C 96 -21.19 15.36 6.57
CA GLY C 96 -21.40 14.12 5.88
C GLY C 96 -21.94 14.45 4.49
N ASP C 97 -23.14 13.95 4.18
CA ASP C 97 -23.75 14.04 2.86
C ASP C 97 -23.80 15.47 2.35
N HIS C 98 -23.79 15.62 1.02
CA HIS C 98 -24.01 16.95 0.46
C HIS C 98 -25.47 17.40 0.55
N SER C 99 -26.40 16.52 0.97
CA SER C 99 -27.78 16.98 1.19
C SER C 99 -27.86 18.01 2.32
N ILE C 100 -26.85 18.11 3.17
CA ILE C 100 -26.91 19.13 4.22
C ILE C 100 -26.85 20.54 3.64
N ALA C 101 -26.45 20.70 2.37
CA ALA C 101 -26.50 22.02 1.75
C ALA C 101 -27.93 22.58 1.74
N ILE C 102 -28.93 21.71 1.64
CA ILE C 102 -30.33 22.18 1.68
C ILE C 102 -30.57 22.97 2.95
N GLY C 103 -30.21 22.40 4.10
CA GLY C 103 -30.38 23.10 5.36
C GLY C 103 -29.48 24.32 5.48
N THR C 104 -28.21 24.20 5.07
CA THR C 104 -27.29 25.33 5.16
C THR C 104 -27.79 26.53 4.36
N LEU C 105 -28.12 26.31 3.09
CA LEU C 105 -28.55 27.41 2.22
C LEU C 105 -29.91 27.98 2.66
N ALA C 106 -30.80 27.14 3.18
CA ALA C 106 -32.04 27.65 3.75
C ALA C 106 -31.76 28.59 4.91
N GLY C 107 -30.82 28.21 5.79
CA GLY C 107 -30.43 29.09 6.87
C GLY C 107 -29.78 30.37 6.38
N VAL C 108 -28.91 30.26 5.36
CA VAL C 108 -28.21 31.43 4.85
C VAL C 108 -29.18 32.39 4.16
N ALA C 109 -30.09 31.85 3.34
CA ALA C 109 -30.98 32.66 2.52
C ALA C 109 -31.97 33.50 3.33
N LYS C 110 -32.12 33.23 4.64
CA LYS C 110 -32.91 34.14 5.46
C LYS C 110 -32.26 35.51 5.58
N HIS C 111 -30.94 35.57 5.38
CA HIS C 111 -30.18 36.82 5.55
C HIS C 111 -29.60 37.34 4.25
N TYR C 112 -29.68 36.58 3.16
CA TYR C 112 -29.16 37.00 1.87
C TYR C 112 -30.22 36.70 0.82
N LYS C 113 -30.74 37.74 0.19
CA LYS C 113 -31.77 37.56 -0.82
C LYS C 113 -31.22 37.57 -2.25
N ASN C 114 -29.93 37.86 -2.44
CA ASN C 114 -29.27 37.70 -3.75
C ASN C 114 -27.97 36.89 -3.58
N LEU C 115 -28.11 35.70 -3.03
CA LEU C 115 -26.98 34.91 -2.54
C LEU C 115 -26.23 34.23 -3.70
N GLY C 116 -24.90 34.36 -3.69
CA GLY C 116 -24.07 33.60 -4.62
C GLY C 116 -23.71 32.24 -4.06
N VAL C 117 -23.47 31.27 -4.96
CA VAL C 117 -23.11 29.90 -4.54
C VAL C 117 -22.02 29.37 -5.48
N ILE C 118 -20.88 28.99 -4.91
CA ILE C 118 -19.83 28.28 -5.63
C ILE C 118 -19.91 26.82 -5.23
N TRP C 119 -20.22 25.95 -6.18
CA TRP C 119 -20.47 24.53 -5.95
C TRP C 119 -19.26 23.77 -6.47
N TYR C 120 -18.39 23.36 -5.55
CA TYR C 120 -17.10 22.77 -5.87
C TYR C 120 -17.24 21.26 -5.69
N ASP C 121 -17.24 20.52 -6.80
CA ASP C 121 -17.84 19.18 -6.78
C ASP C 121 -17.50 18.45 -8.07
N ALA C 122 -17.36 17.12 -7.99
CA ALA C 122 -17.33 16.34 -9.23
C ALA C 122 -18.73 16.19 -9.83
N HIS C 123 -19.76 16.44 -9.04
CA HIS C 123 -21.15 16.19 -9.40
C HIS C 123 -21.92 17.50 -9.41
N GLY C 124 -23.03 17.51 -10.13
CA GLY C 124 -23.84 18.72 -10.18
C GLY C 124 -24.83 18.82 -9.05
N ASP C 125 -25.26 17.66 -8.51
CA ASP C 125 -26.31 17.59 -7.50
C ASP C 125 -27.55 18.35 -7.95
N LEU C 126 -27.88 18.21 -9.24
CA LEU C 126 -28.99 18.93 -9.84
C LEU C 126 -30.17 18.02 -10.16
N ASN C 127 -30.22 16.84 -9.55
CA ASN C 127 -31.32 15.92 -9.80
C ASN C 127 -32.58 16.36 -9.06
N THR C 128 -33.71 15.88 -9.58
CA THR C 128 -35.00 15.97 -8.91
C THR C 128 -35.50 14.57 -8.65
N GLU C 129 -36.68 14.48 -8.01
CA GLU C 129 -37.32 13.19 -7.83
C GLU C 129 -37.53 12.47 -9.17
N GLU C 130 -37.63 13.22 -10.27
CA GLU C 130 -37.92 12.62 -11.57
C GLU C 130 -36.66 12.28 -12.37
N THR C 131 -35.56 13.03 -12.20
CA THR C 131 -34.35 12.78 -12.96
C THR C 131 -33.33 11.94 -12.21
N SER C 132 -33.54 11.65 -10.93
CA SER C 132 -32.55 10.94 -10.15
C SER C 132 -32.53 9.46 -10.53
N PRO C 133 -31.37 8.89 -10.86
CA PRO C 133 -31.29 7.44 -11.08
C PRO C 133 -31.21 6.64 -9.79
N SER C 134 -31.13 7.29 -8.63
CA SER C 134 -30.80 6.60 -7.38
C SER C 134 -31.77 6.94 -6.26
N GLY C 135 -32.38 8.13 -6.32
CA GLY C 135 -33.17 8.61 -5.22
C GLY C 135 -32.40 9.27 -4.10
N ASN C 136 -31.08 9.42 -4.25
CA ASN C 136 -30.25 10.04 -3.22
C ASN C 136 -30.52 11.53 -3.13
N ILE C 137 -30.95 12.00 -1.96
CA ILE C 137 -31.18 13.44 -1.83
C ILE C 137 -29.87 14.22 -1.87
N HIS C 138 -28.74 13.58 -1.54
CA HIS C 138 -27.49 14.31 -1.68
C HIS C 138 -27.10 14.59 -3.13
N GLY C 139 -27.73 13.90 -4.08
CA GLY C 139 -27.63 14.24 -5.49
C GLY C 139 -28.66 15.24 -5.98
N MET C 140 -29.41 15.86 -5.06
CA MET C 140 -30.47 16.80 -5.41
C MET C 140 -30.35 18.15 -4.70
N SER C 141 -29.29 18.37 -3.92
CA SER C 141 -29.31 19.48 -2.96
C SER C 141 -29.15 20.83 -3.65
N LEU C 142 -28.40 20.91 -4.75
CA LEU C 142 -28.33 22.17 -5.47
C LEU C 142 -29.66 22.48 -6.17
N ALA C 143 -30.23 21.49 -6.86
CA ALA C 143 -31.53 21.68 -7.51
C ALA C 143 -32.59 22.10 -6.51
N ALA C 144 -32.64 21.42 -5.36
CA ALA C 144 -33.63 21.75 -4.34
C ALA C 144 -33.44 23.15 -3.81
N SER C 145 -32.19 23.59 -3.66
CA SER C 145 -31.95 24.95 -3.21
C SER C 145 -32.30 25.98 -4.26
N LEU C 146 -32.32 25.60 -5.54
CA LEU C 146 -32.78 26.45 -6.63
C LEU C 146 -34.29 26.46 -6.79
N GLY C 147 -35.01 25.71 -5.94
CA GLY C 147 -36.45 25.65 -6.00
C GLY C 147 -37.04 24.51 -6.79
N TYR C 148 -36.22 23.54 -7.22
CA TYR C 148 -36.67 22.43 -8.05
C TYR C 148 -36.57 21.14 -7.25
N GLY C 149 -37.71 20.50 -7.04
CA GLY C 149 -37.76 19.24 -6.34
C GLY C 149 -38.94 19.20 -5.38
N HIS C 150 -38.91 18.22 -4.48
CA HIS C 150 -40.00 18.00 -3.55
C HIS C 150 -40.21 19.20 -2.65
N SER C 151 -41.48 19.46 -2.31
CA SER C 151 -41.79 20.66 -1.54
C SER C 151 -41.23 20.61 -0.11
N SER C 152 -41.04 19.41 0.44
CA SER C 152 -40.39 19.29 1.75
C SER C 152 -38.99 19.89 1.73
N LEU C 153 -38.27 19.74 0.62
CA LEU C 153 -36.92 20.27 0.49
C LEU C 153 -36.92 21.69 -0.06
N VAL C 154 -37.74 21.93 -1.09
CA VAL C 154 -37.76 23.22 -1.76
C VAL C 154 -38.29 24.31 -0.83
N ASP C 155 -39.31 23.99 -0.03
CA ASP C 155 -39.90 24.94 0.90
C ASP C 155 -39.35 24.80 2.31
N LEU C 156 -38.19 24.14 2.47
CA LEU C 156 -37.62 23.93 3.79
C LEU C 156 -37.22 25.26 4.42
N TYR C 157 -37.70 25.50 5.64
CA TYR C 157 -37.37 26.71 6.42
C TYR C 157 -37.58 27.97 5.61
N GLY C 158 -38.63 27.97 4.80
CA GLY C 158 -38.94 29.11 3.96
C GLY C 158 -39.53 28.66 2.64
N ALA C 159 -40.72 29.16 2.31
CA ALA C 159 -41.44 28.72 1.11
C ALA C 159 -41.07 29.58 -0.09
N TYR C 160 -39.79 29.53 -0.45
CA TYR C 160 -39.26 30.27 -1.59
C TYR C 160 -37.94 29.64 -2.01
N PRO C 161 -37.56 29.76 -3.28
CA PRO C 161 -36.24 29.28 -3.70
C PRO C 161 -35.14 30.03 -2.96
N LYS C 162 -34.17 29.27 -2.47
CA LYS C 162 -33.13 29.90 -1.66
C LYS C 162 -32.06 30.57 -2.51
N VAL C 163 -31.86 30.12 -3.74
CA VAL C 163 -30.78 30.60 -4.60
C VAL C 163 -31.34 30.81 -6.00
N LYS C 164 -30.85 31.86 -6.69
CA LYS C 164 -31.20 32.12 -8.08
C LYS C 164 -30.27 31.37 -9.04
N LYS C 165 -30.86 30.83 -10.12
CA LYS C 165 -30.08 30.09 -11.10
C LYS C 165 -28.92 30.91 -11.66
N GLU C 166 -29.06 32.23 -11.75
CA GLU C 166 -28.00 33.05 -12.31
C GLU C 166 -26.87 33.31 -11.35
N ASN C 167 -26.99 32.89 -10.10
CA ASN C 167 -25.99 33.17 -9.07
C ASN C 167 -25.19 31.92 -8.69
N VAL C 168 -25.25 30.87 -9.51
CA VAL C 168 -24.58 29.60 -9.24
C VAL C 168 -23.37 29.47 -10.16
N VAL C 169 -22.25 29.03 -9.60
CA VAL C 169 -21.11 28.55 -10.39
C VAL C 169 -20.73 27.17 -9.88
N ILE C 170 -20.72 26.18 -10.77
CA ILE C 170 -20.24 24.83 -10.47
C ILE C 170 -18.81 24.72 -10.99
N ILE C 171 -17.90 24.21 -10.15
CA ILE C 171 -16.50 24.06 -10.54
C ILE C 171 -16.07 22.62 -10.30
N GLY C 172 -15.53 21.97 -11.34
CA GLY C 172 -14.93 20.65 -11.20
C GLY C 172 -15.76 19.52 -11.76
N ALA C 173 -16.89 19.84 -12.38
CA ALA C 173 -17.84 18.82 -12.84
C ALA C 173 -17.20 17.82 -13.79
N ARG C 174 -17.48 16.54 -13.56
CA ARG C 174 -17.02 15.51 -14.47
C ARG C 174 -17.88 14.26 -14.40
N ALA C 175 -18.93 14.27 -13.58
CA ALA C 175 -19.81 13.11 -13.47
C ALA C 175 -21.27 13.55 -13.46
N LEU C 176 -21.67 14.31 -14.48
CA LEU C 176 -23.04 14.76 -14.57
C LEU C 176 -23.93 13.70 -15.22
N ASP C 177 -25.14 13.54 -14.68
CA ASP C 177 -26.14 12.71 -15.32
C ASP C 177 -26.71 13.43 -16.54
N GLU C 178 -27.35 12.67 -17.43
CA GLU C 178 -27.85 13.24 -18.67
C GLU C 178 -28.90 14.32 -18.41
N GLY C 179 -29.81 14.05 -17.46
CA GLY C 179 -30.77 15.08 -17.10
C GLY C 179 -30.16 16.29 -16.44
N GLU C 180 -29.01 16.12 -15.78
CA GLU C 180 -28.36 17.29 -15.18
C GLU C 180 -27.74 18.16 -16.25
N LYS C 181 -27.14 17.55 -17.27
CA LYS C 181 -26.61 18.32 -18.40
C LYS C 181 -27.71 19.12 -19.06
N ASP C 182 -28.91 18.54 -19.18
CA ASP C 182 -30.05 19.25 -19.76
C ASP C 182 -30.43 20.45 -18.91
N PHE C 183 -30.57 20.25 -17.59
CA PHE C 183 -30.89 21.35 -16.68
C PHE C 183 -29.88 22.48 -16.82
N ILE C 184 -28.59 22.14 -16.82
CA ILE C 184 -27.55 23.17 -16.95
C ILE C 184 -27.75 23.94 -18.25
N ARG C 185 -27.96 23.22 -19.35
CA ARG C 185 -28.12 23.85 -20.65
C ARG C 185 -29.39 24.71 -20.71
N ASN C 186 -30.51 24.18 -20.21
CA ASN C 186 -31.80 24.86 -20.37
C ASN C 186 -32.03 25.97 -19.35
N GLU C 187 -31.28 26.01 -18.26
CA GLU C 187 -31.43 27.08 -17.28
C GLU C 187 -30.24 28.04 -17.26
N GLY C 188 -29.24 27.82 -18.11
CA GLY C 188 -28.09 28.71 -18.16
C GLY C 188 -27.21 28.70 -16.91
N ILE C 189 -26.99 27.53 -16.33
CA ILE C 189 -26.14 27.42 -15.15
C ILE C 189 -24.68 27.52 -15.57
N LYS C 190 -23.91 28.37 -14.89
CA LYS C 190 -22.49 28.53 -15.19
C LYS C 190 -21.72 27.35 -14.59
N VAL C 191 -21.04 26.58 -15.45
CA VAL C 191 -20.34 25.37 -15.04
C VAL C 191 -18.95 25.35 -15.67
N PHE C 192 -17.94 25.06 -14.87
CA PHE C 192 -16.59 24.84 -15.36
C PHE C 192 -16.31 23.35 -15.23
N SER C 193 -16.31 22.63 -16.35
CA SER C 193 -15.98 21.23 -16.27
C SER C 193 -14.46 21.05 -16.21
N MET C 194 -14.01 19.81 -16.00
CA MET C 194 -12.57 19.57 -15.93
C MET C 194 -11.88 19.93 -17.24
N HIS C 195 -12.56 19.74 -18.38
CA HIS C 195 -11.93 20.06 -19.65
C HIS C 195 -11.72 21.57 -19.80
N GLU C 196 -12.70 22.36 -19.35
CA GLU C 196 -12.53 23.81 -19.37
C GLU C 196 -11.44 24.25 -18.41
N ILE C 197 -11.37 23.62 -17.23
CA ILE C 197 -10.32 23.95 -16.27
C ILE C 197 -8.95 23.61 -16.87
N ASP C 198 -8.85 22.47 -17.55
CA ASP C 198 -7.57 22.13 -18.16
C ASP C 198 -7.20 23.09 -19.29
N ARG C 199 -8.20 23.53 -20.08
CA ARG C 199 -7.91 24.48 -21.15
C ARG C 199 -7.56 25.86 -20.60
N MET C 200 -8.34 26.35 -19.65
CA MET C 200 -8.17 27.72 -19.15
C MET C 200 -7.12 27.85 -18.06
N GLY C 201 -6.92 26.83 -17.24
CA GLY C 201 -6.16 26.98 -16.02
C GLY C 201 -7.01 27.51 -14.87
N MET C 202 -6.67 27.06 -13.66
CA MET C 202 -7.51 27.34 -12.49
C MET C 202 -7.49 28.83 -12.15
N THR C 203 -6.37 29.52 -12.35
CA THR C 203 -6.35 30.97 -12.11
C THR C 203 -7.42 31.67 -12.93
N ALA C 204 -7.49 31.38 -14.24
CA ALA C 204 -8.46 32.07 -15.08
C ALA C 204 -9.89 31.67 -14.74
N VAL C 205 -10.10 30.41 -14.34
CA VAL C 205 -11.43 29.95 -13.92
C VAL C 205 -11.90 30.73 -12.69
N MET C 206 -11.03 30.91 -11.70
CA MET C 206 -11.42 31.61 -10.47
C MET C 206 -11.64 33.11 -10.71
N GLU C 207 -10.79 33.72 -11.54
CA GLU C 207 -11.02 35.11 -11.92
C GLU C 207 -12.38 35.28 -12.59
N GLU C 208 -12.71 34.38 -13.53
CA GLU C 208 -14.02 34.47 -14.19
C GLU C 208 -15.16 34.21 -13.20
N THR C 209 -14.98 33.25 -12.29
CA THR C 209 -16.00 32.97 -11.27
C THR C 209 -16.27 34.20 -10.40
N ILE C 210 -15.21 34.83 -9.88
CA ILE C 210 -15.36 35.99 -9.01
C ILE C 210 -16.08 37.12 -9.75
N ALA C 211 -15.69 37.37 -11.00
CA ALA C 211 -16.36 38.41 -11.78
C ALA C 211 -17.83 38.07 -12.00
N TYR C 212 -18.13 36.80 -12.25
CA TYR C 212 -19.49 36.37 -12.55
C TYR C 212 -20.44 36.63 -11.38
N LEU C 213 -19.95 36.57 -10.15
CA LEU C 213 -20.77 36.76 -8.96
C LEU C 213 -20.69 38.17 -8.41
N SER C 214 -20.27 39.14 -9.24
CA SER C 214 -20.01 40.50 -8.78
C SER C 214 -21.21 41.14 -8.09
N HIS C 215 -22.43 40.79 -8.49
CA HIS C 215 -23.62 41.49 -8.02
C HIS C 215 -24.38 40.76 -6.93
N THR C 216 -23.80 39.69 -6.37
CA THR C 216 -24.41 39.00 -5.24
C THR C 216 -24.15 39.78 -3.95
N ASP C 217 -25.01 39.57 -2.95
CA ASP C 217 -24.82 40.23 -1.66
C ASP C 217 -24.04 39.37 -0.66
N GLY C 218 -23.89 38.09 -0.95
CA GLY C 218 -22.99 37.21 -0.23
C GLY C 218 -22.72 36.03 -1.13
N VAL C 219 -21.77 35.18 -0.73
CA VAL C 219 -21.44 33.99 -1.51
C VAL C 219 -21.21 32.82 -0.57
N HIS C 220 -21.95 31.74 -0.78
CA HIS C 220 -21.77 30.50 -0.04
C HIS C 220 -20.86 29.56 -0.84
N LEU C 221 -19.79 29.08 -0.21
CA LEU C 221 -18.93 28.06 -0.80
C LEU C 221 -19.37 26.68 -0.32
N SER C 222 -19.77 25.81 -1.23
CA SER C 222 -20.15 24.45 -0.90
C SER C 222 -19.11 23.53 -1.52
N LEU C 223 -18.13 23.12 -0.72
CA LEU C 223 -16.97 22.40 -1.22
C LEU C 223 -17.11 20.92 -0.85
N ASP C 224 -17.36 20.11 -1.86
CA ASP C 224 -17.43 18.68 -1.76
C ASP C 224 -16.01 18.16 -2.03
N LEU C 225 -15.41 17.44 -1.07
CA LEU C 225 -14.03 17.01 -1.26
C LEU C 225 -13.86 16.10 -2.47
N ASP C 226 -14.92 15.50 -2.99
CA ASP C 226 -14.74 14.70 -4.19
C ASP C 226 -14.60 15.55 -5.44
N GLY C 227 -14.69 16.88 -5.32
CA GLY C 227 -14.19 17.73 -6.39
C GLY C 227 -12.71 17.49 -6.68
N LEU C 228 -11.92 17.14 -5.66
CA LEU C 228 -10.51 16.86 -5.86
C LEU C 228 -10.31 15.45 -6.42
N ASP C 229 -9.21 15.27 -7.13
CA ASP C 229 -8.88 13.96 -7.67
C ASP C 229 -8.70 12.96 -6.52
N PRO C 230 -9.11 11.70 -6.69
CA PRO C 230 -8.88 10.70 -5.63
C PRO C 230 -7.41 10.54 -5.23
N HIS C 231 -6.46 10.92 -6.07
N HIS C 231 -6.46 10.93 -6.09
CA HIS C 231 -5.05 10.89 -5.65
CA HIS C 231 -5.05 10.93 -5.70
C HIS C 231 -4.82 11.85 -4.48
C HIS C 231 -4.80 11.85 -4.52
N ASP C 232 -5.47 13.01 -4.50
CA ASP C 232 -5.28 13.99 -3.44
C ASP C 232 -6.34 13.89 -2.36
N ALA C 233 -7.46 13.22 -2.63
CA ALA C 233 -8.57 13.11 -1.69
C ALA C 233 -9.19 11.73 -1.83
N PRO C 234 -8.47 10.67 -1.43
CA PRO C 234 -9.03 9.32 -1.58
C PRO C 234 -10.24 9.07 -0.69
N GLY C 235 -10.36 9.78 0.43
CA GLY C 235 -11.40 9.47 1.41
C GLY C 235 -12.65 10.30 1.19
N VAL C 236 -13.44 9.96 0.18
CA VAL C 236 -14.66 10.68 -0.13
C VAL C 236 -15.77 9.65 -0.37
N GLY C 237 -17.02 10.13 -0.25
CA GLY C 237 -18.15 9.23 -0.39
C GLY C 237 -18.18 8.53 -1.74
N THR C 238 -17.98 9.28 -2.82
CA THR C 238 -18.12 8.77 -4.17
C THR C 238 -16.95 9.31 -5.01
N PRO C 239 -15.81 8.62 -5.03
CA PRO C 239 -14.66 9.13 -5.77
C PRO C 239 -14.83 9.00 -7.28
N VAL C 240 -14.35 10.01 -7.98
CA VAL C 240 -14.43 10.10 -9.44
C VAL C 240 -13.06 10.51 -9.96
N ILE C 241 -12.42 9.64 -10.77
CA ILE C 241 -11.07 9.97 -11.23
C ILE C 241 -11.11 11.19 -12.14
N GLY C 242 -9.95 11.85 -12.26
CA GLY C 242 -9.78 12.98 -13.16
C GLY C 242 -10.16 14.33 -12.57
N GLY C 243 -9.86 14.54 -11.29
CA GLY C 243 -10.32 15.69 -10.55
C GLY C 243 -9.28 16.77 -10.35
N LEU C 244 -9.65 17.76 -9.56
CA LEU C 244 -8.77 18.89 -9.28
C LEU C 244 -7.65 18.46 -8.33
N SER C 245 -6.47 19.04 -8.55
CA SER C 245 -5.36 18.76 -7.66
C SER C 245 -5.50 19.54 -6.37
N TYR C 246 -4.77 19.10 -5.35
CA TYR C 246 -4.64 19.91 -4.14
C TYR C 246 -4.07 21.30 -4.46
N ARG C 247 -3.04 21.37 -5.32
CA ARG C 247 -2.47 22.68 -5.65
C ARG C 247 -3.51 23.62 -6.26
N GLU C 248 -4.32 23.10 -7.18
CA GLU C 248 -5.35 23.93 -7.81
C GLU C 248 -6.35 24.41 -6.78
N SER C 249 -6.73 23.53 -5.86
CA SER C 249 -7.79 23.84 -4.91
C SER C 249 -7.29 24.81 -3.86
N HIS C 250 -6.03 24.64 -3.44
CA HIS C 250 -5.43 25.55 -2.47
C HIS C 250 -5.31 26.94 -3.06
N LEU C 251 -4.92 27.02 -4.32
CA LEU C 251 -4.88 28.30 -5.03
C LEU C 251 -6.27 28.92 -5.13
N ALA C 252 -7.28 28.12 -5.45
CA ALA C 252 -8.62 28.66 -5.57
C ALA C 252 -9.09 29.23 -4.24
N MET C 253 -8.79 28.55 -3.12
CA MET C 253 -9.16 29.05 -1.81
C MET C 253 -8.44 30.37 -1.50
N GLU C 254 -7.19 30.50 -1.92
CA GLU C 254 -6.45 31.75 -1.66
C GLU C 254 -7.03 32.91 -2.46
N MET C 255 -7.42 32.65 -3.71
CA MET C 255 -8.03 33.66 -4.54
C MET C 255 -9.38 34.08 -3.98
N LEU C 256 -10.17 33.14 -3.46
CA LEU C 256 -11.43 33.53 -2.81
C LEU C 256 -11.15 34.36 -1.57
N ALA C 257 -10.15 33.97 -0.77
CA ALA C 257 -9.81 34.72 0.43
C ALA C 257 -9.47 36.16 0.11
N GLU C 258 -8.64 36.38 -0.91
CA GLU C 258 -8.27 37.75 -1.24
C GLU C 258 -9.42 38.52 -1.87
N ALA C 259 -10.31 37.83 -2.60
CA ALA C 259 -11.49 38.53 -3.08
C ALA C 259 -12.43 38.93 -1.93
N ASP C 260 -12.35 38.24 -0.80
CA ASP C 260 -13.17 38.51 0.39
C ASP C 260 -14.67 38.50 0.07
N ILE C 261 -15.10 37.52 -0.71
CA ILE C 261 -16.51 37.37 -1.05
C ILE C 261 -17.20 36.26 -0.28
N ILE C 262 -16.46 35.35 0.35
CA ILE C 262 -17.11 34.18 0.95
C ILE C 262 -17.67 34.55 2.32
N THR C 263 -18.98 34.37 2.49
CA THR C 263 -19.66 34.72 3.73
C THR C 263 -20.19 33.52 4.50
N SER C 264 -20.14 32.32 3.91
CA SER C 264 -20.46 31.09 4.61
C SER C 264 -19.84 29.94 3.82
N ALA C 265 -19.64 28.81 4.49
CA ALA C 265 -19.00 27.71 3.78
C ALA C 265 -19.36 26.37 4.41
N GLU C 266 -19.35 25.32 3.60
CA GLU C 266 -19.44 23.95 4.08
C GLU C 266 -18.42 23.09 3.35
N PHE C 267 -17.85 22.14 4.08
CA PHE C 267 -16.89 21.16 3.57
C PHE C 267 -17.46 19.78 3.86
N VAL C 268 -17.80 19.04 2.81
CA VAL C 268 -18.63 17.84 2.95
C VAL C 268 -17.98 16.67 2.25
N GLU C 269 -18.54 15.48 2.51
CA GLU C 269 -18.33 14.23 1.79
C GLU C 269 -17.00 13.57 2.11
N VAL C 270 -16.35 13.96 3.21
CA VAL C 270 -15.17 13.23 3.67
C VAL C 270 -15.60 11.88 4.23
N ASN C 271 -14.96 10.81 3.73
CA ASN C 271 -15.31 9.42 4.05
C ASN C 271 -14.06 8.72 4.58
N THR C 272 -13.97 8.52 5.89
CA THR C 272 -12.75 7.96 6.49
C THR C 272 -12.49 6.52 6.06
N ILE C 273 -13.54 5.77 5.70
CA ILE C 273 -13.35 4.36 5.34
C ILE C 273 -12.39 4.21 4.17
N LEU C 274 -12.46 5.11 3.19
CA LEU C 274 -11.57 5.05 2.03
C LEU C 274 -10.36 5.95 2.16
N ASP C 275 -10.21 6.64 3.30
CA ASP C 275 -9.11 7.56 3.46
C ASP C 275 -7.84 6.81 3.82
N GLU C 276 -6.71 7.49 3.72
CA GLU C 276 -5.40 6.93 4.01
C GLU C 276 -4.77 7.76 5.12
N ARG C 277 -4.75 7.21 6.35
CA ARG C 277 -4.22 7.93 7.52
C ARG C 277 -4.81 9.33 7.66
N ASN C 278 -6.09 9.47 7.34
CA ASN C 278 -6.85 10.71 7.52
C ASN C 278 -6.38 11.83 6.60
N ARG C 279 -5.67 11.52 5.52
CA ARG C 279 -5.05 12.61 4.77
C ARG C 279 -6.07 13.46 4.01
N THR C 280 -7.24 12.90 3.68
CA THR C 280 -8.25 13.72 3.02
C THR C 280 -8.81 14.78 3.97
N ALA C 281 -9.08 14.40 5.22
CA ALA C 281 -9.49 15.38 6.23
C ALA C 281 -8.38 16.40 6.51
N THR C 282 -7.13 15.95 6.55
CA THR C 282 -6.01 16.88 6.71
C THR C 282 -6.00 17.89 5.57
N THR C 283 -6.22 17.43 4.35
CA THR C 283 -6.32 18.32 3.20
C THR C 283 -7.49 19.29 3.34
N ALA C 284 -8.64 18.82 3.83
CA ALA C 284 -9.78 19.72 4.00
C ALA C 284 -9.43 20.85 4.95
N VAL C 285 -8.75 20.54 6.06
CA VAL C 285 -8.35 21.55 7.03
C VAL C 285 -7.37 22.53 6.39
N ALA C 286 -6.45 22.02 5.55
CA ALA C 286 -5.51 22.90 4.85
C ALA C 286 -6.23 23.83 3.89
N LEU C 287 -7.27 23.34 3.22
CA LEU C 287 -8.03 24.20 2.30
C LEU C 287 -8.83 25.25 3.07
N MET C 288 -9.33 24.90 4.26
CA MET C 288 -9.98 25.90 5.10
C MET C 288 -9.00 26.95 5.58
N GLY C 289 -7.80 26.53 5.98
CA GLY C 289 -6.77 27.50 6.35
C GLY C 289 -6.52 28.51 5.25
N SER C 290 -6.49 28.04 3.99
CA SER C 290 -6.28 28.95 2.88
C SER C 290 -7.48 29.86 2.67
N LEU C 291 -8.69 29.30 2.76
CA LEU C 291 -9.91 30.10 2.63
C LEU C 291 -9.94 31.24 3.65
N PHE C 292 -9.53 30.97 4.88
CA PHE C 292 -9.64 31.94 5.96
C PHE C 292 -8.39 32.80 6.14
N GLY C 293 -7.51 32.84 5.15
CA GLY C 293 -6.53 33.90 5.06
C GLY C 293 -5.08 33.47 5.16
N GLU C 294 -4.76 32.18 5.33
CA GLU C 294 -3.35 31.78 5.29
C GLU C 294 -2.74 32.08 3.93
N LYS C 295 -1.57 32.71 3.94
CA LYS C 295 -0.79 32.98 2.74
C LYS C 295 0.52 32.19 2.78
N LEU C 296 1.03 31.86 1.59
CA LEU C 296 2.32 31.19 1.50
C LEU C 296 3.46 32.22 1.59
N LYS D 3 24.88 -6.76 33.90
CA LYS D 3 23.82 -5.91 33.37
C LYS D 3 24.41 -4.73 32.59
N GLU D 4 25.53 -4.96 31.91
CA GLU D 4 26.24 -3.91 31.18
C GLU D 4 26.40 -4.31 29.72
N ILE D 5 25.94 -3.44 28.82
CA ILE D 5 25.95 -3.69 27.38
C ILE D 5 26.74 -2.59 26.70
N SER D 6 27.53 -2.96 25.70
CA SER D 6 28.16 -2.03 24.78
C SER D 6 27.64 -2.31 23.37
N VAL D 7 27.24 -1.25 22.66
CA VAL D 7 26.63 -1.37 21.32
C VAL D 7 27.61 -0.83 20.29
N ILE D 8 27.80 -1.57 19.21
CA ILE D 8 28.59 -1.08 18.08
C ILE D 8 27.80 -1.35 16.80
N GLY D 9 27.72 -0.35 15.93
CA GLY D 9 27.10 -0.49 14.62
C GLY D 9 28.12 -0.75 13.54
N VAL D 10 27.76 -1.61 12.58
CA VAL D 10 28.65 -1.94 11.47
C VAL D 10 27.86 -1.80 10.17
N PRO D 11 27.86 -0.61 9.54
CA PRO D 11 26.99 -0.36 8.36
C PRO D 11 27.61 -0.86 7.06
N MET D 12 27.71 -2.18 6.94
CA MET D 12 28.41 -2.81 5.83
C MET D 12 27.42 -3.45 4.88
N ASP D 13 27.60 -3.20 3.57
CA ASP D 13 26.71 -3.74 2.53
C ASP D 13 27.60 -4.07 1.33
N LEU D 14 28.21 -5.24 1.36
CA LEU D 14 29.13 -5.66 0.30
C LEU D 14 28.62 -6.92 -0.36
N GLY D 15 29.24 -7.29 -1.48
CA GLY D 15 28.81 -8.43 -2.24
C GLY D 15 28.57 -8.05 -3.69
N GLN D 16 27.88 -8.93 -4.41
CA GLN D 16 27.68 -8.74 -5.84
C GLN D 16 26.93 -7.44 -6.13
N MET D 17 25.95 -7.11 -5.31
CA MET D 17 25.24 -5.85 -5.47
C MET D 17 24.81 -5.35 -4.10
N ARG D 18 24.62 -4.04 -4.02
CA ARG D 18 24.08 -3.44 -2.81
C ARG D 18 22.72 -4.05 -2.50
N ARG D 19 22.47 -4.29 -1.22
CA ARG D 19 21.16 -4.74 -0.77
C ARG D 19 20.53 -3.80 0.24
N GLY D 20 21.18 -2.69 0.57
CA GLY D 20 20.61 -1.70 1.47
C GLY D 20 20.83 -1.96 2.95
N VAL D 21 21.51 -3.06 3.30
CA VAL D 21 21.65 -3.40 4.71
C VAL D 21 22.67 -2.53 5.43
N ASP D 22 23.40 -1.67 4.73
CA ASP D 22 24.23 -0.71 5.44
C ASP D 22 23.39 0.28 6.24
N MET D 23 22.10 0.40 5.94
CA MET D 23 21.24 1.31 6.68
C MET D 23 20.72 0.72 7.99
N GLY D 24 20.97 -0.57 8.24
CA GLY D 24 20.42 -1.23 9.40
C GLY D 24 20.72 -0.56 10.72
N PRO D 25 22.00 -0.25 10.98
CA PRO D 25 22.33 0.37 12.28
C PRO D 25 21.62 1.70 12.50
N SER D 26 21.59 2.56 11.49
CA SER D 26 20.86 3.82 11.60
C SER D 26 19.38 3.58 11.84
N ALA D 27 18.80 2.60 11.15
CA ALA D 27 17.37 2.34 11.31
C ALA D 27 17.07 1.80 12.69
N ILE D 28 17.93 0.91 13.20
CA ILE D 28 17.74 0.34 14.53
C ILE D 28 17.94 1.42 15.60
N ARG D 29 18.89 2.34 15.39
CA ARG D 29 19.02 3.48 16.29
C ARG D 29 17.81 4.40 16.23
N TYR D 30 17.27 4.64 15.03
CA TYR D 30 16.07 5.45 14.89
C TYR D 30 14.90 4.84 15.65
N ALA D 31 14.83 3.51 15.68
CA ALA D 31 13.83 2.77 16.44
C ALA D 31 14.07 2.79 17.94
N GLY D 32 15.08 3.53 18.42
CA GLY D 32 15.25 3.72 19.85
C GLY D 32 15.93 2.59 20.58
N VAL D 33 16.82 1.85 19.92
CA VAL D 33 17.45 0.67 20.53
C VAL D 33 18.16 1.05 21.83
N ILE D 34 18.82 2.21 21.87
CA ILE D 34 19.58 2.61 23.05
C ILE D 34 18.64 2.86 24.23
N GLU D 35 17.67 3.75 24.04
CA GLU D 35 16.71 4.06 25.10
C GLU D 35 15.92 2.84 25.54
N ARG D 36 15.64 1.90 24.62
CA ARG D 36 14.88 0.71 24.99
C ARG D 36 15.67 -0.18 25.96
N ILE D 37 16.94 -0.45 25.65
CA ILE D 37 17.75 -1.28 26.53
C ILE D 37 17.95 -0.59 27.88
N GLU D 38 18.11 0.73 27.88
CA GLU D 38 18.26 1.47 29.12
C GLU D 38 17.00 1.37 29.99
N GLU D 39 15.83 1.47 29.36
CA GLU D 39 14.56 1.31 30.06
C GLU D 39 14.48 0.00 30.85
N ILE D 40 15.12 -1.07 30.37
CA ILE D 40 15.05 -2.34 31.08
C ILE D 40 15.94 -2.34 32.32
N GLY D 41 16.90 -1.42 32.41
CA GLY D 41 17.72 -1.32 33.59
C GLY D 41 19.20 -1.53 33.30
N TYR D 42 19.56 -1.51 32.02
CA TYR D 42 20.95 -1.69 31.62
C TYR D 42 21.67 -0.35 31.54
N ASP D 43 22.95 -0.37 31.90
CA ASP D 43 23.86 0.68 31.48
C ASP D 43 24.32 0.35 30.06
N VAL D 44 24.14 1.29 29.12
CA VAL D 44 24.49 1.08 27.72
C VAL D 44 25.60 2.04 27.34
N LYS D 45 26.72 1.49 26.87
CA LYS D 45 27.81 2.27 26.31
C LYS D 45 27.69 2.18 24.78
N ASP D 46 27.41 3.31 24.14
CA ASP D 46 27.29 3.36 22.69
C ASP D 46 28.67 3.59 22.10
N MET D 47 29.19 2.59 21.39
CA MET D 47 30.50 2.73 20.78
C MET D 47 30.43 3.33 19.38
N GLY D 48 29.25 3.78 18.96
CA GLY D 48 29.10 4.36 17.64
C GLY D 48 29.07 3.31 16.55
N ASP D 49 29.33 3.77 15.33
CA ASP D 49 29.35 2.91 14.17
C ASP D 49 30.76 2.86 13.60
N ILE D 50 31.16 1.69 13.12
CA ILE D 50 32.46 1.56 12.46
C ILE D 50 32.43 2.36 11.17
N CYS D 51 33.45 3.19 10.97
CA CYS D 51 33.56 4.01 9.76
C CYS D 51 34.11 3.16 8.62
N ILE D 52 33.33 3.00 7.56
CA ILE D 52 33.72 2.09 6.49
C ILE D 52 34.19 2.84 5.24
N GLU D 60 37.94 -6.02 -7.83
CA GLU D 60 36.94 -6.61 -8.71
C GLU D 60 36.87 -8.12 -8.53
N ASN D 61 37.39 -8.59 -7.38
CA ASN D 61 37.40 -10.02 -7.06
C ASN D 61 35.98 -10.59 -7.10
N THR D 62 35.69 -11.43 -8.09
CA THR D 62 34.33 -11.89 -8.31
C THR D 62 34.01 -13.22 -7.64
N LYS D 63 35.01 -13.88 -7.05
CA LYS D 63 34.77 -15.11 -6.30
C LYS D 63 34.66 -14.89 -4.80
N LEU D 64 35.36 -13.88 -4.26
CA LEU D 64 35.22 -13.40 -2.89
C LEU D 64 35.05 -11.89 -3.01
N ARG D 65 33.80 -11.45 -3.14
CA ARG D 65 33.55 -10.05 -3.47
C ARG D 65 33.91 -9.14 -2.31
N ASN D 66 34.70 -8.10 -2.61
CA ASN D 66 35.11 -7.10 -1.63
C ASN D 66 35.91 -7.70 -0.48
N LEU D 67 36.68 -8.75 -0.77
CA LEU D 67 37.38 -9.49 0.29
C LEU D 67 38.25 -8.58 1.15
N THR D 68 39.10 -7.75 0.52
CA THR D 68 40.03 -6.93 1.28
C THR D 68 39.28 -6.02 2.26
N GLN D 69 38.20 -5.39 1.78
CA GLN D 69 37.44 -4.49 2.64
C GLN D 69 36.72 -5.24 3.76
N VAL D 70 36.13 -6.39 3.44
CA VAL D 70 35.48 -7.20 4.46
C VAL D 70 36.46 -7.54 5.57
N ALA D 71 37.66 -8.00 5.19
CA ALA D 71 38.67 -8.33 6.19
C ALA D 71 39.04 -7.13 7.03
N THR D 72 39.15 -5.94 6.41
CA THR D 72 39.51 -4.75 7.18
C THR D 72 38.47 -4.43 8.24
N VAL D 73 37.20 -4.39 7.85
CA VAL D 73 36.13 -4.08 8.80
C VAL D 73 36.06 -5.15 9.88
N CYS D 74 36.11 -6.43 9.49
CA CYS D 74 35.96 -7.50 10.47
C CYS D 74 37.11 -7.50 11.47
N ASN D 75 38.31 -7.18 11.01
CA ASN D 75 39.45 -7.10 11.92
C ASN D 75 39.24 -6.00 12.95
N GLU D 76 38.80 -4.82 12.49
CA GLU D 76 38.50 -3.74 13.43
C GLU D 76 37.38 -4.15 14.38
N LEU D 77 36.31 -4.75 13.85
CA LEU D 77 35.21 -5.19 14.70
C LEU D 77 35.66 -6.22 15.71
N ALA D 78 36.50 -7.17 15.30
CA ALA D 78 36.95 -8.19 16.24
C ALA D 78 37.69 -7.56 17.42
N SER D 79 38.55 -6.57 17.14
CA SER D 79 39.28 -5.95 18.25
C SER D 79 38.36 -5.15 19.16
N LYS D 80 37.30 -4.54 18.60
CA LYS D 80 36.38 -3.78 19.46
C LYS D 80 35.53 -4.70 20.30
N VAL D 81 35.06 -5.82 19.73
CA VAL D 81 34.31 -6.79 20.50
C VAL D 81 35.20 -7.40 21.59
N ASP D 82 36.41 -7.79 21.22
CA ASP D 82 37.39 -8.27 22.20
C ASP D 82 37.48 -7.31 23.38
N HIS D 83 37.64 -6.02 23.09
CA HIS D 83 37.80 -5.01 24.15
C HIS D 83 36.55 -4.91 25.01
N ILE D 84 35.36 -4.97 24.40
CA ILE D 84 34.12 -4.91 25.17
C ILE D 84 34.08 -6.03 26.21
N ILE D 85 34.47 -7.23 25.81
CA ILE D 85 34.43 -8.35 26.73
C ILE D 85 35.49 -8.19 27.81
N GLU D 86 36.68 -7.70 27.42
CA GLU D 86 37.70 -7.43 28.41
C GLU D 86 37.22 -6.45 29.47
N GLU D 87 36.32 -5.53 29.10
CA GLU D 87 35.73 -4.63 30.07
C GLU D 87 34.64 -5.29 30.90
N GLY D 88 34.32 -6.56 30.64
CA GLY D 88 33.29 -7.26 31.38
C GLY D 88 31.87 -6.94 30.96
N ARG D 89 31.67 -6.41 29.75
CA ARG D 89 30.35 -6.02 29.31
C ARG D 89 29.89 -6.93 28.17
N PHE D 90 28.60 -6.85 27.88
CA PHE D 90 27.97 -7.67 26.84
C PHE D 90 28.08 -6.97 25.49
N PRO D 91 28.72 -7.57 24.48
CA PRO D 91 28.81 -6.92 23.17
C PRO D 91 27.56 -7.17 22.32
N LEU D 92 26.90 -6.09 21.91
CA LEU D 92 25.73 -6.15 21.04
C LEU D 92 26.09 -5.46 19.73
N VAL D 93 26.09 -6.22 18.63
CA VAL D 93 26.54 -5.70 17.35
C VAL D 93 25.32 -5.52 16.45
N LEU D 94 25.25 -4.36 15.80
CA LEU D 94 24.14 -4.02 14.91
C LEU D 94 24.65 -4.05 13.47
N GLY D 95 23.97 -4.80 12.64
CA GLY D 95 24.51 -5.19 11.37
C GLY D 95 23.94 -4.46 10.19
N GLY D 96 24.83 -4.29 9.22
CA GLY D 96 24.54 -4.50 7.84
C GLY D 96 24.65 -5.99 7.56
N ASP D 97 25.51 -6.39 6.64
CA ASP D 97 25.31 -7.74 6.13
C ASP D 97 25.91 -8.77 7.09
N HIS D 98 25.52 -10.03 6.90
CA HIS D 98 25.89 -11.08 7.85
C HIS D 98 27.36 -11.44 7.80
N SER D 99 28.15 -10.89 6.88
CA SER D 99 29.57 -11.22 6.97
C SER D 99 30.25 -10.56 8.15
N ILE D 100 29.59 -9.63 8.85
CA ILE D 100 30.19 -9.06 10.06
C ILE D 100 30.30 -10.09 11.17
N ALA D 101 29.56 -11.19 11.08
CA ALA D 101 29.71 -12.26 12.07
C ALA D 101 31.12 -12.83 12.07
N ILE D 102 31.82 -12.77 10.93
CA ILE D 102 33.21 -13.21 10.91
C ILE D 102 34.03 -12.44 11.94
N GLY D 103 33.86 -11.11 11.96
CA GLY D 103 34.58 -10.28 12.92
C GLY D 103 34.05 -10.45 14.33
N THR D 104 32.73 -10.54 14.49
CA THR D 104 32.16 -10.70 15.82
C THR D 104 32.62 -11.99 16.47
N LEU D 105 32.54 -13.11 15.75
CA LEU D 105 32.94 -14.38 16.34
C LEU D 105 34.44 -14.45 16.60
N ALA D 106 35.26 -13.81 15.76
CA ALA D 106 36.69 -13.76 16.03
C ALA D 106 36.98 -13.00 17.33
N GLY D 107 36.27 -11.89 17.56
CA GLY D 107 36.42 -11.19 18.82
C GLY D 107 35.94 -12.00 20.01
N VAL D 108 34.80 -12.67 19.87
CA VAL D 108 34.24 -13.46 20.97
C VAL D 108 35.11 -14.69 21.25
N ALA D 109 35.62 -15.34 20.21
CA ALA D 109 36.31 -16.61 20.40
C ALA D 109 37.60 -16.46 21.19
N LYS D 110 38.09 -15.22 21.35
CA LYS D 110 39.24 -14.98 22.21
C LYS D 110 38.92 -15.30 23.67
N HIS D 111 37.66 -15.17 24.06
CA HIS D 111 37.25 -15.28 25.45
C HIS D 111 36.49 -16.56 25.76
N TYR D 112 36.26 -17.42 24.77
CA TYR D 112 35.54 -18.67 24.95
C TYR D 112 36.19 -19.72 24.06
N LYS D 113 36.52 -20.86 24.65
CA LYS D 113 37.12 -21.94 23.87
C LYS D 113 36.15 -23.06 23.57
N ASN D 114 34.93 -23.02 24.14
CA ASN D 114 33.86 -23.95 23.79
C ASN D 114 32.57 -23.17 23.55
N LEU D 115 32.60 -22.29 22.53
CA LEU D 115 31.53 -21.34 22.29
C LEU D 115 30.39 -21.95 21.48
N GLY D 116 29.16 -21.80 21.97
CA GLY D 116 27.99 -22.15 21.19
C GLY D 116 27.53 -20.98 20.33
N VAL D 117 26.86 -21.30 19.22
CA VAL D 117 26.37 -20.29 18.29
C VAL D 117 24.97 -20.66 17.85
N ILE D 118 24.01 -19.76 18.05
CA ILE D 118 22.67 -19.91 17.50
C ILE D 118 22.56 -18.98 16.30
N TRP D 119 22.34 -19.57 15.14
CA TRP D 119 22.35 -18.86 13.87
C TRP D 119 20.91 -18.82 13.40
N TYR D 120 20.27 -17.67 13.56
CA TYR D 120 18.83 -17.51 13.34
C TYR D 120 18.67 -16.83 11.98
N ASP D 121 18.17 -17.58 10.99
CA ASP D 121 18.45 -17.17 9.61
C ASP D 121 17.58 -17.97 8.66
N ALA D 122 17.17 -17.36 7.56
CA ALA D 122 16.60 -18.16 6.49
C ALA D 122 17.66 -18.95 5.75
N HIS D 123 18.92 -18.52 5.84
CA HIS D 123 20.03 -19.06 5.07
C HIS D 123 21.04 -19.71 6.01
N GLY D 124 21.87 -20.59 5.46
CA GLY D 124 22.89 -21.24 6.26
C GLY D 124 24.17 -20.43 6.39
N ASP D 125 24.46 -19.59 5.39
CA ASP D 125 25.73 -18.88 5.29
C ASP D 125 26.91 -19.85 5.41
N LEU D 126 26.78 -21.00 4.75
CA LEU D 126 27.74 -22.10 4.83
C LEU D 126 28.49 -22.29 3.52
N ASN D 127 28.45 -21.30 2.64
CA ASN D 127 29.17 -21.40 1.38
C ASN D 127 30.65 -21.09 1.58
N THR D 128 31.44 -21.55 0.64
CA THR D 128 32.84 -21.22 0.46
C THR D 128 33.00 -20.61 -0.92
N GLU D 129 34.22 -20.17 -1.23
CA GLU D 129 34.48 -19.65 -2.58
C GLU D 129 34.16 -20.70 -3.66
N GLU D 130 34.19 -21.99 -3.34
CA GLU D 130 33.91 -23.01 -4.34
C GLU D 130 32.42 -23.29 -4.49
N THR D 131 31.66 -23.31 -3.40
CA THR D 131 30.24 -23.64 -3.46
C THR D 131 29.33 -22.42 -3.62
N SER D 132 29.87 -21.21 -3.47
CA SER D 132 29.02 -20.03 -3.52
C SER D 132 28.59 -19.73 -4.96
N PRO D 133 27.29 -19.58 -5.24
CA PRO D 133 26.87 -19.18 -6.58
C PRO D 133 27.08 -17.72 -6.88
N SER D 134 27.42 -16.90 -5.88
CA SER D 134 27.48 -15.45 -5.99
C SER D 134 28.84 -14.87 -5.67
N GLY D 135 29.62 -15.49 -4.80
CA GLY D 135 30.82 -14.87 -4.28
C GLY D 135 30.58 -13.90 -3.13
N ASN D 136 29.35 -13.87 -2.59
CA ASN D 136 29.03 -13.00 -1.46
C ASN D 136 29.65 -13.55 -0.18
N ILE D 137 30.50 -12.76 0.46
CA ILE D 137 31.06 -13.20 1.73
C ILE D 137 29.97 -13.35 2.79
N HIS D 138 28.89 -12.54 2.71
CA HIS D 138 27.85 -12.69 3.72
C HIS D 138 27.13 -14.03 3.62
N GLY D 139 27.26 -14.74 2.51
CA GLY D 139 26.79 -16.12 2.42
C GLY D 139 27.83 -17.16 2.82
N MET D 140 28.97 -16.72 3.36
CA MET D 140 30.05 -17.59 3.77
C MET D 140 30.38 -17.47 5.25
N SER D 141 29.70 -16.59 6.00
CA SER D 141 30.25 -16.17 7.29
C SER D 141 30.24 -17.30 8.32
N LEU D 142 29.28 -18.21 8.27
CA LEU D 142 29.31 -19.33 9.21
C LEU D 142 30.39 -20.35 8.83
N ALA D 143 30.47 -20.71 7.55
CA ALA D 143 31.53 -21.62 7.12
C ALA D 143 32.92 -21.07 7.44
N ALA D 144 33.14 -19.76 7.24
CA ALA D 144 34.44 -19.18 7.56
C ALA D 144 34.73 -19.26 9.06
N SER D 145 33.73 -18.98 9.89
CA SER D 145 33.91 -19.10 11.33
C SER D 145 34.17 -20.53 11.76
N LEU D 146 33.76 -21.51 10.94
CA LEU D 146 34.03 -22.91 11.20
C LEU D 146 35.38 -23.39 10.68
N GLY D 147 36.09 -22.55 9.91
CA GLY D 147 37.38 -22.89 9.39
C GLY D 147 37.43 -23.22 7.92
N TYR D 148 36.33 -23.00 7.18
CA TYR D 148 36.26 -23.31 5.76
C TYR D 148 36.07 -22.01 5.00
N GLY D 149 37.09 -21.59 4.28
CA GLY D 149 37.03 -20.38 3.52
C GLY D 149 38.42 -19.80 3.34
N HIS D 150 38.46 -18.58 2.81
CA HIS D 150 39.72 -17.93 2.51
C HIS D 150 40.49 -17.66 3.79
N SER D 151 41.83 -17.78 3.71
CA SER D 151 42.66 -17.66 4.91
C SER D 151 42.53 -16.28 5.56
N SER D 152 42.36 -15.22 4.77
CA SER D 152 42.09 -13.89 5.33
C SER D 152 40.90 -13.91 6.30
N LEU D 153 39.94 -14.80 6.07
CA LEU D 153 38.71 -14.85 6.85
C LEU D 153 38.79 -15.88 7.98
N VAL D 154 39.24 -17.10 7.69
CA VAL D 154 39.26 -18.14 8.71
C VAL D 154 40.33 -17.84 9.76
N ASP D 155 41.43 -17.20 9.35
CA ASP D 155 42.51 -16.84 10.25
C ASP D 155 42.42 -15.39 10.72
N LEU D 156 41.24 -14.78 10.61
CA LEU D 156 41.05 -13.40 11.04
C LEU D 156 41.10 -13.31 12.55
N TYR D 157 41.95 -12.42 13.07
CA TYR D 157 42.10 -12.21 14.52
C TYR D 157 42.46 -13.51 15.25
N GLY D 158 43.20 -14.39 14.60
CA GLY D 158 43.57 -15.65 15.20
C GLY D 158 43.52 -16.78 14.19
N ALA D 159 44.64 -17.47 14.00
CA ALA D 159 44.76 -18.50 12.99
C ALA D 159 44.27 -19.84 13.54
N TYR D 160 42.94 -19.91 13.72
CA TYR D 160 42.26 -21.09 14.22
C TYR D 160 40.75 -20.95 13.98
N PRO D 161 40.01 -22.05 13.90
CA PRO D 161 38.56 -21.94 13.75
C PRO D 161 37.93 -21.33 14.99
N LYS D 162 36.99 -20.41 14.78
CA LYS D 162 36.38 -19.71 15.90
C LYS D 162 35.23 -20.48 16.54
N VAL D 163 34.61 -21.41 15.81
CA VAL D 163 33.47 -22.17 16.29
C VAL D 163 33.65 -23.64 15.93
N LYS D 164 33.22 -24.54 16.81
CA LYS D 164 33.26 -25.97 16.54
C LYS D 164 31.95 -26.43 15.91
N LYS D 165 32.06 -27.33 14.93
CA LYS D 165 30.89 -27.78 14.18
C LYS D 165 29.77 -28.29 15.10
N GLU D 166 30.12 -28.94 16.20
CA GLU D 166 29.11 -29.51 17.09
C GLU D 166 28.49 -28.49 18.02
N ASN D 167 28.90 -27.23 17.97
CA ASN D 167 28.36 -26.20 18.86
C ASN D 167 27.48 -25.19 18.11
N VAL D 168 27.08 -25.50 16.88
CA VAL D 168 26.26 -24.64 16.03
C VAL D 168 24.83 -25.17 16.00
N VAL D 169 23.85 -24.28 16.10
CA VAL D 169 22.46 -24.62 15.84
C VAL D 169 21.90 -23.56 14.90
N ILE D 170 21.41 -23.98 13.73
CA ILE D 170 20.75 -23.08 12.78
C ILE D 170 19.24 -23.23 12.96
N ILE D 171 18.53 -22.10 13.05
CA ILE D 171 17.08 -22.08 13.24
C ILE D 171 16.46 -21.20 12.16
N GLY D 172 15.48 -21.74 11.44
CA GLY D 172 14.74 -20.97 10.48
C GLY D 172 15.07 -21.27 9.03
N ALA D 173 16.00 -22.20 8.78
CA ALA D 173 16.55 -22.40 7.45
C ALA D 173 15.47 -22.82 6.47
N ARG D 174 15.50 -22.21 5.29
CA ARG D 174 14.52 -22.52 4.27
C ARG D 174 15.06 -22.15 2.90
N ALA D 175 16.26 -21.59 2.83
CA ALA D 175 16.84 -21.23 1.54
C ALA D 175 18.28 -21.71 1.42
N LEU D 176 18.49 -23.00 1.68
CA LEU D 176 19.83 -23.59 1.64
C LEU D 176 20.21 -23.96 0.21
N ASP D 177 21.43 -23.61 -0.19
CA ASP D 177 22.00 -24.12 -1.44
C ASP D 177 22.34 -25.60 -1.28
N GLU D 178 22.48 -26.30 -2.42
CA GLU D 178 22.74 -27.74 -2.37
C GLU D 178 24.08 -28.04 -1.71
N GLY D 179 25.12 -27.27 -2.03
CA GLY D 179 26.39 -27.44 -1.36
C GLY D 179 26.30 -27.20 0.15
N GLU D 180 25.43 -26.28 0.58
CA GLU D 180 25.23 -26.08 2.01
C GLU D 180 24.51 -27.26 2.65
N LYS D 181 23.56 -27.86 1.93
CA LYS D 181 22.91 -29.06 2.46
C LYS D 181 23.91 -30.20 2.58
N ASP D 182 24.86 -30.29 1.65
CA ASP D 182 25.88 -31.32 1.77
C ASP D 182 26.80 -31.05 2.94
N PHE D 183 27.18 -29.79 3.16
CA PHE D 183 28.01 -29.43 4.31
C PHE D 183 27.33 -29.82 5.62
N ILE D 184 26.04 -29.47 5.76
CA ILE D 184 25.31 -29.79 6.99
C ILE D 184 25.33 -31.29 7.24
N ARG D 185 25.11 -32.08 6.19
CA ARG D 185 25.07 -33.52 6.36
C ARG D 185 26.45 -34.08 6.67
N ASN D 186 27.46 -33.66 5.92
CA ASN D 186 28.80 -34.22 6.07
C ASN D 186 29.53 -33.70 7.30
N GLU D 187 29.17 -32.52 7.82
CA GLU D 187 29.85 -31.95 8.97
C GLU D 187 29.03 -32.03 10.24
N GLY D 188 27.85 -32.66 10.21
CA GLY D 188 27.04 -32.84 11.40
C GLY D 188 26.51 -31.57 12.04
N ILE D 189 26.09 -30.59 11.24
CA ILE D 189 25.55 -29.35 11.79
C ILE D 189 24.08 -29.53 12.14
N LYS D 190 23.72 -29.12 13.36
CA LYS D 190 22.35 -29.20 13.83
C LYS D 190 21.51 -28.08 13.22
N VAL D 191 20.43 -28.43 12.50
CA VAL D 191 19.60 -27.45 11.79
C VAL D 191 18.13 -27.73 12.06
N PHE D 192 17.36 -26.68 12.37
CA PHE D 192 15.92 -26.76 12.45
C PHE D 192 15.36 -25.98 11.27
N SER D 193 14.91 -26.69 10.23
CA SER D 193 14.27 -26.03 9.12
C SER D 193 12.85 -25.61 9.50
N MET D 194 12.23 -24.83 8.60
CA MET D 194 10.87 -24.35 8.85
C MET D 194 9.88 -25.51 9.01
N HIS D 195 10.10 -26.62 8.31
CA HIS D 195 9.17 -27.74 8.44
C HIS D 195 9.28 -28.42 9.79
N GLU D 196 10.51 -28.53 10.31
CA GLU D 196 10.67 -29.06 11.66
C GLU D 196 10.05 -28.13 12.69
N ILE D 197 10.21 -26.82 12.50
CA ILE D 197 9.59 -25.87 13.43
C ILE D 197 8.07 -25.99 13.38
N ASP D 198 7.51 -26.18 12.19
CA ASP D 198 6.06 -26.33 12.08
C ASP D 198 5.60 -27.61 12.77
N ARG D 199 6.32 -28.72 12.58
CA ARG D 199 5.93 -29.96 13.22
C ARG D 199 6.05 -29.88 14.74
N MET D 200 7.19 -29.38 15.24
CA MET D 200 7.50 -29.42 16.66
C MET D 200 6.92 -28.24 17.44
N GLY D 201 6.78 -27.07 16.81
CA GLY D 201 6.47 -25.86 17.54
C GLY D 201 7.73 -25.20 18.08
N MET D 202 7.74 -23.87 18.15
N MET D 202 7.72 -23.87 18.17
CA MET D 202 8.95 -23.15 18.53
CA MET D 202 8.92 -23.13 18.53
C MET D 202 9.37 -23.46 19.96
C MET D 202 9.37 -23.44 19.96
N THR D 203 8.41 -23.66 20.86
CA THR D 203 8.75 -23.98 22.24
C THR D 203 9.68 -25.20 22.31
N ALA D 204 9.27 -26.30 21.67
CA ALA D 204 10.10 -27.50 21.69
C ALA D 204 11.42 -27.30 20.96
N VAL D 205 11.44 -26.50 19.89
CA VAL D 205 12.69 -26.25 19.18
C VAL D 205 13.68 -25.54 20.09
N MET D 206 13.20 -24.55 20.85
CA MET D 206 14.10 -23.81 21.72
C MET D 206 14.54 -24.68 22.90
N GLU D 207 13.63 -25.48 23.46
CA GLU D 207 14.03 -26.40 24.52
C GLU D 207 15.14 -27.33 24.04
N GLU D 208 15.01 -27.86 22.83
CA GLU D 208 16.04 -28.75 22.30
C GLU D 208 17.34 -28.02 21.98
N THR D 209 17.24 -26.77 21.50
CA THR D 209 18.42 -25.98 21.23
C THR D 209 19.18 -25.69 22.51
N ILE D 210 18.47 -25.30 23.56
CA ILE D 210 19.12 -25.01 24.85
C ILE D 210 19.82 -26.26 25.38
N ALA D 211 19.13 -27.41 25.30
CA ALA D 211 19.77 -28.65 25.74
C ALA D 211 20.95 -29.01 24.86
N TYR D 212 20.81 -28.83 23.54
CA TYR D 212 21.89 -29.17 22.63
C TYR D 212 23.18 -28.44 22.99
N LEU D 213 23.07 -27.17 23.42
CA LEU D 213 24.22 -26.35 23.75
C LEU D 213 24.57 -26.41 25.24
N SER D 214 24.19 -27.51 25.91
CA SER D 214 24.26 -27.62 27.36
C SER D 214 25.67 -27.41 27.89
N HIS D 215 26.68 -27.91 27.20
CA HIS D 215 28.03 -27.96 27.72
C HIS D 215 28.95 -26.91 27.11
N THR D 216 28.39 -25.85 26.53
CA THR D 216 29.19 -24.73 26.06
C THR D 216 29.45 -23.75 27.21
N ASP D 217 30.53 -22.98 27.11
CA ASP D 217 30.85 -21.99 28.13
C ASP D 217 30.31 -20.60 27.80
N GLY D 218 29.79 -20.42 26.60
CA GLY D 218 29.03 -19.23 26.26
C GLY D 218 28.31 -19.50 24.95
N VAL D 219 27.33 -18.65 24.67
CA VAL D 219 26.53 -18.80 23.46
C VAL D 219 26.38 -17.44 22.81
N HIS D 220 26.77 -17.36 21.54
CA HIS D 220 26.57 -16.17 20.72
C HIS D 220 25.28 -16.31 19.91
N LEU D 221 24.41 -15.30 19.97
CA LEU D 221 23.22 -15.27 19.12
C LEU D 221 23.51 -14.41 17.88
N SER D 222 23.37 -15.00 16.71
CA SER D 222 23.56 -14.29 15.44
C SER D 222 22.20 -14.28 14.77
N LEU D 223 21.46 -13.19 14.93
CA LEU D 223 20.07 -13.13 14.49
C LEU D 223 19.98 -12.29 13.23
N ASP D 224 19.74 -12.95 12.11
CA ASP D 224 19.47 -12.33 10.83
C ASP D 224 17.98 -12.08 10.72
N LEU D 225 17.56 -10.83 10.53
CA LEU D 225 16.13 -10.53 10.56
C LEU D 225 15.38 -11.25 9.44
N ASP D 226 16.08 -11.70 8.38
CA ASP D 226 15.37 -12.45 7.36
C ASP D 226 15.02 -13.87 7.81
N GLY D 227 15.43 -14.29 9.01
CA GLY D 227 14.83 -15.51 9.57
C GLY D 227 13.32 -15.37 9.73
N LEU D 228 12.86 -14.15 10.04
CA LEU D 228 11.43 -13.88 10.15
C LEU D 228 10.78 -13.80 8.79
N ASP D 229 9.50 -14.14 8.76
CA ASP D 229 8.72 -14.06 7.52
C ASP D 229 8.69 -12.62 7.02
N PRO D 230 8.69 -12.42 5.70
CA PRO D 230 8.59 -11.05 5.18
C PRO D 230 7.33 -10.30 5.61
N HIS D 231 6.26 -10.98 6.02
CA HIS D 231 5.10 -10.25 6.56
C HIS D 231 5.46 -9.52 7.84
N ASP D 232 6.29 -10.12 8.68
CA ASP D 232 6.71 -9.49 9.92
C ASP D 232 8.03 -8.73 9.80
N ALA D 233 8.84 -8.98 8.77
CA ALA D 233 10.12 -8.30 8.60
C ALA D 233 10.36 -8.07 7.12
N PRO D 234 9.63 -7.12 6.51
CA PRO D 234 9.80 -6.91 5.07
C PRO D 234 11.13 -6.25 4.71
N GLY D 235 11.68 -5.46 5.63
CA GLY D 235 12.88 -4.70 5.34
C GLY D 235 14.13 -5.49 5.67
N VAL D 236 14.47 -6.47 4.84
CA VAL D 236 15.68 -7.27 5.02
C VAL D 236 16.40 -7.34 3.68
N GLY D 237 17.68 -7.72 3.73
CA GLY D 237 18.49 -7.69 2.52
C GLY D 237 18.02 -8.68 1.46
N THR D 238 17.65 -9.88 1.87
CA THR D 238 17.24 -10.96 0.97
C THR D 238 16.01 -11.66 1.56
N PRO D 239 14.82 -11.14 1.29
CA PRO D 239 13.62 -11.73 1.91
C PRO D 239 13.29 -13.09 1.30
N VAL D 240 12.85 -14.00 2.15
CA VAL D 240 12.48 -15.36 1.74
C VAL D 240 11.16 -15.70 2.40
N ILE D 241 10.11 -15.96 1.60
CA ILE D 241 8.80 -16.22 2.18
C ILE D 241 8.81 -17.53 2.98
N GLY D 242 7.86 -17.63 3.91
CA GLY D 242 7.70 -18.83 4.69
C GLY D 242 8.51 -18.89 5.95
N GLY D 243 8.74 -17.76 6.63
CA GLY D 243 9.62 -17.71 7.77
C GLY D 243 8.90 -17.62 9.11
N LEU D 244 9.69 -17.36 10.15
CA LEU D 244 9.20 -17.34 11.52
C LEU D 244 8.35 -16.09 11.76
N SER D 245 7.34 -16.23 12.61
CA SER D 245 6.53 -15.08 12.95
C SER D 245 7.21 -14.25 14.04
N TYR D 246 6.76 -13.00 14.19
CA TYR D 246 7.20 -12.20 15.32
C TYR D 246 6.90 -12.91 16.63
N ARG D 247 5.70 -13.49 16.76
CA ARG D 247 5.32 -14.15 18.01
C ARG D 247 6.28 -15.29 18.33
N GLU D 248 6.59 -16.14 17.34
CA GLU D 248 7.55 -17.22 17.58
C GLU D 248 8.93 -16.70 17.95
N SER D 249 9.36 -15.61 17.31
CA SER D 249 10.70 -15.08 17.57
C SER D 249 10.74 -14.41 18.93
N HIS D 250 9.65 -13.73 19.29
CA HIS D 250 9.55 -13.08 20.58
C HIS D 250 9.58 -14.09 21.71
N LEU D 251 8.82 -15.17 21.55
CA LEU D 251 8.87 -16.28 22.50
C LEU D 251 10.27 -16.89 22.58
N ALA D 252 10.93 -17.07 21.44
CA ALA D 252 12.28 -17.65 21.45
C ALA D 252 13.23 -16.79 22.27
N MET D 253 13.21 -15.47 22.05
CA MET D 253 14.10 -14.56 22.78
C MET D 253 13.80 -14.61 24.28
N GLU D 254 12.54 -14.70 24.65
CA GLU D 254 12.17 -14.81 26.05
C GLU D 254 12.73 -16.10 26.66
N MET D 255 12.65 -17.20 25.92
CA MET D 255 13.18 -18.47 26.42
C MET D 255 14.69 -18.41 26.57
N LEU D 256 15.37 -17.75 25.63
CA LEU D 256 16.81 -17.57 25.76
C LEU D 256 17.14 -16.72 26.98
N ALA D 257 16.37 -15.66 27.20
CA ALA D 257 16.58 -14.81 28.37
C ALA D 257 16.45 -15.62 29.65
N GLU D 258 15.40 -16.44 29.75
CA GLU D 258 15.18 -17.24 30.94
C GLU D 258 16.30 -18.25 31.14
N ALA D 259 16.83 -18.80 30.05
CA ALA D 259 17.91 -19.77 30.15
C ALA D 259 19.23 -19.12 30.57
N ASP D 260 19.39 -17.82 30.34
CA ASP D 260 20.56 -17.05 30.75
C ASP D 260 21.84 -17.67 30.19
N ILE D 261 21.82 -17.98 28.90
CA ILE D 261 22.97 -18.56 28.22
C ILE D 261 23.58 -17.62 27.19
N ILE D 262 22.87 -16.58 26.76
CA ILE D 262 23.38 -15.70 25.71
C ILE D 262 24.40 -14.74 26.30
N THR D 263 25.62 -14.79 25.78
CA THR D 263 26.73 -13.96 26.25
C THR D 263 27.19 -12.92 25.23
N SER D 264 26.73 -12.99 23.98
CA SER D 264 26.94 -11.95 22.98
C SER D 264 25.87 -12.10 21.91
N ALA D 265 25.66 -11.04 21.13
CA ALA D 265 24.58 -11.10 20.14
C ALA D 265 24.85 -10.08 19.04
N GLU D 266 24.41 -10.44 17.83
CA GLU D 266 24.31 -9.50 16.73
C GLU D 266 22.93 -9.60 16.07
N PHE D 267 22.44 -8.46 15.62
CA PHE D 267 21.17 -8.37 14.90
C PHE D 267 21.48 -7.72 13.57
N VAL D 268 21.26 -8.44 12.48
CA VAL D 268 21.83 -8.05 11.19
C VAL D 268 20.78 -8.08 10.10
N GLU D 269 21.17 -7.53 8.94
CA GLU D 269 20.49 -7.65 7.66
C GLU D 269 19.20 -6.84 7.58
N VAL D 270 19.01 -5.85 8.46
CA VAL D 270 17.91 -4.91 8.29
C VAL D 270 18.19 -4.00 7.10
N ASN D 271 17.20 -3.87 6.21
CA ASN D 271 17.31 -3.17 4.92
C ASN D 271 16.16 -2.16 4.83
N THR D 272 16.46 -0.89 5.08
CA THR D 272 15.40 0.11 5.13
C THR D 272 14.73 0.33 3.77
N ILE D 273 15.43 0.04 2.68
CA ILE D 273 14.87 0.27 1.35
C ILE D 273 13.57 -0.50 1.15
N LEU D 274 13.51 -1.73 1.66
CA LEU D 274 12.33 -2.56 1.54
C LEU D 274 11.42 -2.49 2.78
N ASP D 275 11.80 -1.74 3.80
CA ASP D 275 11.02 -1.70 5.03
C ASP D 275 9.78 -0.82 4.84
N GLU D 276 8.83 -0.96 5.77
CA GLU D 276 7.58 -0.19 5.76
C GLU D 276 7.55 0.63 7.05
N ARG D 277 7.79 1.94 6.93
CA ARG D 277 7.80 2.85 8.08
C ARG D 277 8.72 2.33 9.20
N ASN D 278 9.85 1.75 8.81
CA ASN D 278 10.86 1.25 9.75
C ASN D 278 10.35 0.09 10.62
N ARG D 279 9.25 -0.58 10.27
CA ARG D 279 8.71 -1.54 11.22
C ARG D 279 9.60 -2.76 11.43
N THR D 280 10.48 -3.10 10.48
CA THR D 280 11.42 -4.20 10.73
C THR D 280 12.45 -3.84 11.78
N ALA D 281 12.94 -2.58 11.75
CA ALA D 281 13.87 -2.14 12.78
C ALA D 281 13.18 -2.04 14.14
N THR D 282 11.93 -1.55 14.17
CA THR D 282 11.13 -1.59 15.40
C THR D 282 11.00 -3.01 15.93
N THR D 283 10.73 -3.97 15.04
CA THR D 283 10.63 -5.37 15.47
C THR D 283 11.98 -5.88 15.99
N ALA D 284 13.08 -5.50 15.36
CA ALA D 284 14.38 -5.88 15.87
C ALA D 284 14.58 -5.38 17.30
N VAL D 285 14.18 -4.13 17.57
CA VAL D 285 14.34 -3.58 18.91
C VAL D 285 13.46 -4.33 19.91
N ALA D 286 12.24 -4.67 19.50
CA ALA D 286 11.36 -5.45 20.37
C ALA D 286 11.96 -6.81 20.70
N LEU D 287 12.60 -7.47 19.72
CA LEU D 287 13.22 -8.77 20.00
C LEU D 287 14.43 -8.62 20.92
N MET D 288 15.20 -7.54 20.76
CA MET D 288 16.30 -7.27 21.68
C MET D 288 15.77 -7.05 23.10
N GLY D 289 14.66 -6.32 23.24
CA GLY D 289 14.09 -6.13 24.56
C GLY D 289 13.71 -7.44 25.22
N SER D 290 13.11 -8.36 24.46
CA SER D 290 12.79 -9.68 24.96
C SER D 290 14.06 -10.44 25.35
N LEU D 291 15.09 -10.37 24.51
CA LEU D 291 16.33 -11.10 24.79
C LEU D 291 16.96 -10.63 26.09
N PHE D 292 16.85 -9.35 26.39
CA PHE D 292 17.52 -8.75 27.55
C PHE D 292 16.63 -8.67 28.78
N GLY D 293 15.50 -9.38 28.77
CA GLY D 293 14.78 -9.66 30.01
C GLY D 293 13.43 -9.02 30.16
N GLU D 294 12.92 -8.32 29.14
CA GLU D 294 11.54 -7.85 29.19
C GLU D 294 10.58 -9.04 29.28
N LYS D 295 9.60 -8.93 30.17
CA LYS D 295 8.58 -9.95 30.36
C LYS D 295 7.20 -9.36 30.08
N LEU D 296 6.26 -10.22 29.70
CA LEU D 296 4.91 -9.78 29.41
C LEU D 296 4.03 -9.85 30.65
N LYS E 3 -33.36 -15.61 21.95
CA LYS E 3 -32.59 -14.99 20.87
C LYS E 3 -33.06 -13.57 20.54
N GLU E 4 -32.90 -12.66 21.50
CA GLU E 4 -33.26 -11.26 21.33
C GLU E 4 -32.08 -10.41 21.77
N ILE E 5 -31.60 -9.55 20.89
CA ILE E 5 -30.42 -8.72 21.14
C ILE E 5 -30.81 -7.26 20.97
N SER E 6 -30.29 -6.41 21.86
CA SER E 6 -30.38 -4.96 21.71
C SER E 6 -28.97 -4.40 21.55
N VAL E 7 -28.75 -3.62 20.51
CA VAL E 7 -27.45 -3.06 20.18
C VAL E 7 -27.45 -1.57 20.53
N ILE E 8 -26.41 -1.13 21.23
CA ILE E 8 -26.23 0.27 21.54
C ILE E 8 -24.80 0.65 21.18
N GLY E 9 -24.64 1.77 20.48
CA GLY E 9 -23.32 2.28 20.12
C GLY E 9 -22.94 3.45 21.02
N VAL E 10 -21.66 3.49 21.37
CA VAL E 10 -21.15 4.53 22.28
C VAL E 10 -19.92 5.15 21.63
N PRO E 11 -20.07 6.21 20.83
CA PRO E 11 -18.92 6.74 20.08
C PRO E 11 -18.07 7.68 20.92
N MET E 12 -17.43 7.11 21.94
CA MET E 12 -16.62 7.87 22.88
C MET E 12 -15.14 7.74 22.51
N ASP E 13 -14.45 8.88 22.41
CA ASP E 13 -13.01 8.94 22.11
C ASP E 13 -12.40 10.00 23.02
N LEU E 14 -12.33 9.70 24.31
CA LEU E 14 -11.78 10.64 25.28
C LEU E 14 -10.42 10.16 25.76
N GLY E 15 -9.76 11.01 26.53
CA GLY E 15 -8.45 10.68 27.02
C GLY E 15 -7.45 11.77 26.67
N GLN E 16 -6.17 11.41 26.76
CA GLN E 16 -5.11 12.36 26.47
C GLN E 16 -5.29 12.98 25.09
N MET E 17 -5.42 12.15 24.06
CA MET E 17 -5.63 12.61 22.71
C MET E 17 -6.68 11.73 22.04
N ARG E 18 -7.34 12.28 21.03
CA ARG E 18 -8.22 11.47 20.19
C ARG E 18 -7.43 10.33 19.58
N ARG E 19 -8.04 9.15 19.51
CA ARG E 19 -7.44 8.03 18.81
C ARG E 19 -8.34 7.50 17.70
N GLY E 20 -9.45 8.18 17.42
CA GLY E 20 -10.35 7.83 16.33
C GLY E 20 -11.35 6.73 16.63
N VAL E 21 -11.39 6.23 17.86
CA VAL E 21 -12.29 5.12 18.18
C VAL E 21 -13.74 5.55 18.32
N ASP E 22 -14.02 6.85 18.31
CA ASP E 22 -15.42 7.27 18.22
C ASP E 22 -16.07 6.83 16.92
N MET E 23 -15.26 6.56 15.89
CA MET E 23 -15.83 6.08 14.63
C MET E 23 -16.20 4.61 14.66
N GLY E 24 -15.82 3.90 15.72
CA GLY E 24 -16.08 2.47 15.82
C GLY E 24 -17.51 2.03 15.54
N PRO E 25 -18.49 2.60 16.24
CA PRO E 25 -19.88 2.16 16.01
C PRO E 25 -20.37 2.36 14.59
N SER E 26 -20.07 3.52 13.99
CA SER E 26 -20.42 3.75 12.59
C SER E 26 -19.75 2.73 11.67
N ALA E 27 -18.47 2.41 11.93
CA ALA E 27 -17.75 1.48 11.07
C ALA E 27 -18.34 0.07 11.16
N ILE E 28 -18.68 -0.37 12.37
CA ILE E 28 -19.23 -1.71 12.56
C ILE E 28 -20.62 -1.83 11.94
N ARG E 29 -21.43 -0.76 12.03
CA ARG E 29 -22.71 -0.77 11.33
C ARG E 29 -22.51 -0.77 9.82
N TYR E 30 -21.54 0.01 9.34
CA TYR E 30 -21.21 -0.02 7.91
C TYR E 30 -20.88 -1.44 7.46
N ALA E 31 -20.19 -2.21 8.31
CA ALA E 31 -19.86 -3.60 8.00
C ALA E 31 -21.06 -4.54 8.17
N GLY E 32 -22.26 -4.01 8.38
CA GLY E 32 -23.46 -4.83 8.40
C GLY E 32 -23.71 -5.65 9.66
N VAL E 33 -23.36 -5.12 10.83
CA VAL E 33 -23.52 -5.89 12.08
C VAL E 33 -24.98 -6.25 12.31
N ILE E 34 -25.92 -5.35 12.01
CA ILE E 34 -27.33 -5.61 12.32
C ILE E 34 -27.87 -6.71 11.42
N GLU E 35 -27.65 -6.59 10.11
CA GLU E 35 -28.12 -7.61 9.18
C GLU E 35 -27.47 -8.97 9.45
N ARG E 36 -26.21 -8.97 9.88
CA ARG E 36 -25.49 -10.21 10.11
C ARG E 36 -26.07 -10.98 11.30
N ILE E 37 -26.39 -10.27 12.38
CA ILE E 37 -26.94 -10.95 13.55
C ILE E 37 -28.38 -11.42 13.27
N GLU E 38 -29.17 -10.62 12.55
CA GLU E 38 -30.50 -11.05 12.14
C GLU E 38 -30.44 -12.31 11.28
N GLU E 39 -29.43 -12.42 10.41
CA GLU E 39 -29.28 -13.57 9.54
C GLU E 39 -29.11 -14.87 10.32
N ILE E 40 -28.52 -14.81 11.51
CA ILE E 40 -28.36 -16.00 12.34
C ILE E 40 -29.71 -16.45 12.91
N GLY E 41 -30.66 -15.52 13.07
CA GLY E 41 -31.96 -15.87 13.58
C GLY E 41 -32.38 -15.07 14.80
N TYR E 42 -31.65 -14.00 15.11
CA TYR E 42 -31.98 -13.19 16.27
C TYR E 42 -32.93 -12.07 15.88
N ASP E 43 -33.80 -11.72 16.82
CA ASP E 43 -34.50 -10.44 16.75
C ASP E 43 -33.56 -9.38 17.27
N VAL E 44 -33.29 -8.35 16.47
CA VAL E 44 -32.32 -7.32 16.84
C VAL E 44 -33.03 -5.98 16.94
N LYS E 45 -32.90 -5.34 18.09
CA LYS E 45 -33.38 -3.99 18.32
C LYS E 45 -32.17 -3.07 18.34
N ASP E 46 -32.12 -2.13 17.39
CA ASP E 46 -31.02 -1.18 17.33
C ASP E 46 -31.42 0.06 18.11
N MET E 47 -30.78 0.27 19.27
CA MET E 47 -31.05 1.44 20.09
C MET E 47 -30.33 2.69 19.61
N GLY E 48 -29.66 2.64 18.45
CA GLY E 48 -28.93 3.82 18.03
C GLY E 48 -27.66 4.02 18.85
N ASP E 49 -27.13 5.24 18.77
CA ASP E 49 -25.90 5.62 19.45
C ASP E 49 -26.20 6.63 20.55
N ILE E 50 -25.46 6.53 21.66
CA ILE E 50 -25.52 7.57 22.68
C ILE E 50 -24.92 8.85 22.11
N CYS E 51 -25.62 9.96 22.33
CA CYS E 51 -25.20 11.26 21.85
C CYS E 51 -24.14 11.82 22.80
N ILE E 52 -22.93 12.05 22.31
CA ILE E 52 -21.82 12.53 23.14
C ILE E 52 -21.68 14.01 22.89
N GLU E 53 -21.96 14.82 23.91
CA GLU E 53 -21.88 16.27 23.81
C GLU E 53 -20.45 16.76 23.89
N ASN E 61 -8.95 17.27 34.49
CA ASN E 61 -8.27 16.64 35.62
C ASN E 61 -7.15 15.73 35.13
N THR E 62 -6.06 16.35 34.65
CA THR E 62 -4.92 15.70 34.01
C THR E 62 -4.62 14.27 34.46
N LYS E 63 -4.92 13.94 35.72
CA LYS E 63 -4.73 12.59 36.20
C LYS E 63 -5.90 11.67 35.81
N LEU E 64 -7.10 12.24 35.62
CA LEU E 64 -8.30 11.52 35.20
C LEU E 64 -8.91 12.27 34.03
N ARG E 65 -8.41 11.98 32.82
CA ARG E 65 -8.77 12.77 31.64
C ARG E 65 -10.26 12.69 31.34
N ASN E 66 -10.89 13.85 31.21
CA ASN E 66 -12.31 13.97 30.82
C ASN E 66 -13.24 13.24 31.79
N LEU E 67 -12.92 13.30 33.09
CA LEU E 67 -13.63 12.50 34.08
C LEU E 67 -15.13 12.79 34.08
N THR E 68 -15.51 14.07 34.09
CA THR E 68 -16.92 14.43 34.16
C THR E 68 -17.70 13.90 32.97
N GLN E 69 -17.12 13.99 31.77
CA GLN E 69 -17.86 13.55 30.59
C GLN E 69 -17.93 12.03 30.52
N VAL E 70 -16.85 11.34 30.91
CA VAL E 70 -16.84 9.88 30.90
C VAL E 70 -17.89 9.34 31.85
N ALA E 71 -18.03 9.96 33.03
CA ALA E 71 -19.04 9.51 33.98
C ALA E 71 -20.45 9.75 33.44
N THR E 72 -20.68 10.90 32.81
CA THR E 72 -21.99 11.19 32.24
C THR E 72 -22.38 10.17 31.18
N VAL E 73 -21.46 9.85 30.28
CA VAL E 73 -21.75 8.87 29.25
C VAL E 73 -21.96 7.49 29.89
N CYS E 74 -21.09 7.12 30.83
CA CYS E 74 -21.18 5.79 31.43
C CYS E 74 -22.43 5.64 32.27
N ASN E 75 -22.89 6.72 32.91
CA ASN E 75 -24.15 6.67 33.64
C ASN E 75 -25.31 6.38 32.70
N GLU E 76 -25.36 7.09 31.56
CA GLU E 76 -26.44 6.84 30.62
C GLU E 76 -26.38 5.42 30.07
N LEU E 77 -25.18 4.98 29.68
CA LEU E 77 -25.00 3.61 29.19
C LEU E 77 -25.42 2.59 30.23
N ALA E 78 -25.04 2.80 31.50
CA ALA E 78 -25.37 1.82 32.53
C ALA E 78 -26.88 1.66 32.66
N SER E 79 -27.63 2.77 32.63
CA SER E 79 -29.09 2.63 32.72
C SER E 79 -29.65 2.00 31.46
N LYS E 80 -29.08 2.32 30.29
CA LYS E 80 -29.56 1.70 29.06
C LYS E 80 -29.35 0.19 29.08
N VAL E 81 -28.19 -0.25 29.55
CA VAL E 81 -27.91 -1.68 29.61
C VAL E 81 -28.76 -2.35 30.68
N ASP E 82 -28.92 -1.69 31.84
CA ASP E 82 -29.83 -2.16 32.87
C ASP E 82 -31.23 -2.42 32.30
N HIS E 83 -31.76 -1.45 31.56
CA HIS E 83 -33.12 -1.60 31.03
C HIS E 83 -33.20 -2.66 29.94
N ILE E 84 -32.15 -2.81 29.14
CA ILE E 84 -32.13 -3.88 28.14
C ILE E 84 -32.27 -5.24 28.81
N ILE E 85 -31.52 -5.45 29.89
CA ILE E 85 -31.59 -6.72 30.60
C ILE E 85 -32.94 -6.88 31.30
N GLU E 86 -33.47 -5.77 31.83
CA GLU E 86 -34.80 -5.77 32.44
C GLU E 86 -35.88 -6.22 31.46
N GLU E 87 -35.69 -5.94 30.17
CA GLU E 87 -36.58 -6.42 29.12
C GLU E 87 -36.30 -7.85 28.68
N GLY E 88 -35.38 -8.55 29.33
CA GLY E 88 -35.05 -9.90 28.95
C GLY E 88 -34.31 -10.04 27.62
N ARG E 89 -33.50 -9.05 27.24
CA ARG E 89 -32.74 -9.11 25.99
C ARG E 89 -31.24 -9.07 26.28
N PHE E 90 -30.46 -9.51 25.30
CA PHE E 90 -28.99 -9.53 25.38
C PHE E 90 -28.43 -8.16 25.01
N PRO E 91 -27.67 -7.50 25.90
CA PRO E 91 -27.07 -6.20 25.54
C PRO E 91 -25.76 -6.37 24.79
N LEU E 92 -25.68 -5.79 23.58
CA LEU E 92 -24.48 -5.77 22.76
C LEU E 92 -24.07 -4.31 22.57
N VAL E 93 -22.91 -3.95 23.09
CA VAL E 93 -22.44 -2.57 23.12
C VAL E 93 -21.31 -2.42 22.12
N LEU E 94 -21.41 -1.42 21.27
CA LEU E 94 -20.38 -1.14 20.27
C LEU E 94 -19.59 0.09 20.71
N GLY E 95 -18.28 -0.05 20.76
CA GLY E 95 -17.44 0.91 21.42
C GLY E 95 -16.73 1.87 20.49
N GLY E 96 -16.58 3.08 21.02
CA GLY E 96 -15.34 3.80 21.04
C GLY E 96 -14.44 3.20 22.10
N ASP E 97 -13.96 4.02 23.03
CA ASP E 97 -12.83 3.55 23.82
C ASP E 97 -13.29 2.60 24.93
N HIS E 98 -12.32 1.94 25.54
CA HIS E 98 -12.65 0.87 26.47
C HIS E 98 -13.18 1.38 27.82
N SER E 99 -13.17 2.69 28.06
CA SER E 99 -13.74 3.17 29.32
C SER E 99 -15.25 2.95 29.36
N ILE E 100 -15.90 2.69 28.23
CA ILE E 100 -17.34 2.45 28.27
C ILE E 100 -17.67 1.17 29.01
N ALA E 101 -16.68 0.28 29.20
CA ALA E 101 -16.93 -0.91 30.00
C ALA E 101 -17.33 -0.57 31.42
N ILE E 102 -16.92 0.60 31.91
CA ILE E 102 -17.30 1.01 33.27
C ILE E 102 -18.82 1.12 33.35
N GLY E 103 -19.42 1.77 32.36
CA GLY E 103 -20.87 1.85 32.31
C GLY E 103 -21.52 0.53 31.97
N THR E 104 -20.94 -0.24 31.03
CA THR E 104 -21.55 -1.52 30.68
C THR E 104 -21.63 -2.46 31.88
N LEU E 105 -20.51 -2.64 32.59
CA LEU E 105 -20.52 -3.56 33.71
C LEU E 105 -21.34 -3.04 34.88
N ALA E 106 -21.43 -1.70 35.04
CA ALA E 106 -22.30 -1.16 36.08
C ALA E 106 -23.75 -1.52 35.80
N GLY E 107 -24.17 -1.45 34.54
CA GLY E 107 -25.53 -1.84 34.20
C GLY E 107 -25.76 -3.33 34.32
N VAL E 108 -24.78 -4.13 33.89
CA VAL E 108 -24.91 -5.59 33.99
C VAL E 108 -24.98 -6.02 35.46
N ALA E 109 -24.15 -5.41 36.31
CA ALA E 109 -24.06 -5.85 37.71
C ALA E 109 -25.36 -5.66 38.47
N LYS E 110 -26.28 -4.83 37.99
CA LYS E 110 -27.61 -4.76 38.60
C LYS E 110 -28.36 -6.10 38.55
N HIS E 111 -27.95 -7.01 37.67
CA HIS E 111 -28.70 -8.24 37.43
C HIS E 111 -27.92 -9.52 37.69
N TYR E 112 -26.64 -9.42 38.04
CA TYR E 112 -25.81 -10.59 38.27
C TYR E 112 -24.99 -10.35 39.53
N LYS E 113 -25.03 -11.31 40.45
CA LYS E 113 -24.31 -11.16 41.70
C LYS E 113 -22.94 -11.84 41.69
N ASN E 114 -22.68 -12.71 40.72
CA ASN E 114 -21.44 -13.46 40.63
C ASN E 114 -20.96 -13.46 39.18
N LEU E 115 -20.74 -12.28 38.62
CA LEU E 115 -20.56 -12.12 37.18
C LEU E 115 -19.14 -12.46 36.74
N GLY E 116 -19.02 -13.31 35.73
CA GLY E 116 -17.73 -13.53 35.10
C GLY E 116 -17.43 -12.45 34.07
N VAL E 117 -16.14 -12.20 33.86
CA VAL E 117 -15.69 -11.26 32.83
C VAL E 117 -14.51 -11.87 32.09
N ILE E 118 -14.62 -11.94 30.77
CA ILE E 118 -13.49 -12.26 29.91
C ILE E 118 -13.02 -10.97 29.25
N TRP E 119 -11.78 -10.56 29.53
CA TRP E 119 -11.20 -9.30 29.07
C TRP E 119 -10.20 -9.67 27.96
N TYR E 120 -10.63 -9.48 26.72
CA TYR E 120 -9.88 -9.88 25.54
C TYR E 120 -9.23 -8.62 24.96
N ASP E 121 -7.90 -8.50 25.06
CA ASP E 121 -7.31 -7.15 25.02
C ASP E 121 -5.79 -7.27 25.01
N ALA E 122 -5.12 -6.34 24.31
CA ALA E 122 -3.66 -6.26 24.46
C ALA E 122 -3.27 -5.69 25.82
N HIS E 123 -4.16 -4.92 26.43
CA HIS E 123 -3.87 -4.20 27.66
C HIS E 123 -4.71 -4.78 28.80
N GLY E 124 -4.26 -4.52 30.02
CA GLY E 124 -5.02 -4.95 31.18
C GLY E 124 -6.09 -3.98 31.60
N ASP E 125 -5.90 -2.69 31.29
CA ASP E 125 -6.79 -1.62 31.72
C ASP E 125 -6.99 -1.65 33.24
N LEU E 126 -5.91 -1.96 33.94
CA LEU E 126 -5.92 -2.11 35.39
C LEU E 126 -5.24 -0.96 36.09
N ASN E 127 -5.06 0.17 35.41
CA ASN E 127 -4.45 1.31 36.06
C ASN E 127 -5.44 2.01 36.98
N THR E 128 -4.88 2.74 37.91
CA THR E 128 -5.64 3.62 38.79
C THR E 128 -5.12 5.04 38.60
N GLU E 129 -5.73 5.96 39.35
CA GLU E 129 -5.30 7.35 39.32
C GLU E 129 -3.80 7.50 39.61
N GLU E 130 -3.21 6.56 40.34
CA GLU E 130 -1.81 6.63 40.74
C GLU E 130 -0.88 5.86 39.81
N THR E 131 -1.28 4.69 39.33
CA THR E 131 -0.43 3.88 38.48
C THR E 131 -0.52 4.26 37.01
N SER E 132 -1.45 5.13 36.64
CA SER E 132 -1.66 5.45 35.22
C SER E 132 -0.53 6.34 34.72
N PRO E 133 0.19 5.93 33.67
CA PRO E 133 1.22 6.82 33.10
C PRO E 133 0.66 7.93 32.22
N SER E 134 -0.68 7.98 32.03
CA SER E 134 -1.29 8.88 31.05
C SER E 134 -2.53 9.61 31.53
N GLY E 135 -3.25 9.10 32.53
CA GLY E 135 -4.54 9.66 32.88
C GLY E 135 -5.71 9.17 32.04
N ASN E 136 -5.48 8.29 31.08
CA ASN E 136 -6.57 7.80 30.24
C ASN E 136 -7.48 6.88 31.06
N ILE E 137 -8.74 7.28 31.20
CA ILE E 137 -9.70 6.43 31.92
C ILE E 137 -9.92 5.12 31.17
N HIS E 138 -9.69 5.12 29.85
CA HIS E 138 -9.88 3.86 29.14
C HIS E 138 -8.79 2.84 29.48
N GLY E 139 -7.69 3.28 30.09
CA GLY E 139 -6.71 2.38 30.69
C GLY E 139 -7.02 2.00 32.12
N MET E 140 -8.17 2.42 32.65
CA MET E 140 -8.53 2.15 34.04
C MET E 140 -9.82 1.35 34.20
N SER E 141 -10.47 0.93 33.12
CA SER E 141 -11.86 0.53 33.23
C SER E 141 -12.04 -0.82 33.93
N LEU E 142 -11.08 -1.73 33.79
CA LEU E 142 -11.22 -2.99 34.50
C LEU E 142 -10.95 -2.82 36.00
N ALA E 143 -9.89 -2.07 36.34
CA ALA E 143 -9.64 -1.75 37.75
C ALA E 143 -10.85 -1.04 38.37
N ALA E 144 -11.40 -0.04 37.66
CA ALA E 144 -12.54 0.67 38.21
C ALA E 144 -13.75 -0.24 38.38
N SER E 145 -13.93 -1.21 37.48
CA SER E 145 -15.05 -2.14 37.61
C SER E 145 -14.82 -3.12 38.76
N LEU E 146 -13.55 -3.41 39.08
CA LEU E 146 -13.24 -4.23 40.25
C LEU E 146 -13.29 -3.45 41.56
N GLY E 147 -13.54 -2.15 41.53
CA GLY E 147 -13.63 -1.35 42.72
C GLY E 147 -12.39 -0.54 43.07
N TYR E 148 -11.38 -0.53 42.20
CA TYR E 148 -10.15 0.22 42.46
C TYR E 148 -10.13 1.47 41.58
N GLY E 149 -10.05 2.63 42.22
CA GLY E 149 -9.88 3.87 41.51
C GLY E 149 -10.79 4.95 42.06
N HIS E 150 -11.00 6.00 41.26
CA HIS E 150 -11.77 7.15 41.71
C HIS E 150 -13.20 6.76 42.07
N SER E 151 -13.78 7.52 43.00
CA SER E 151 -15.14 7.21 43.47
C SER E 151 -16.19 7.44 42.39
N SER E 152 -15.98 8.44 41.51
CA SER E 152 -16.91 8.69 40.42
C SER E 152 -17.03 7.50 39.48
N LEU E 153 -16.02 6.63 39.46
CA LEU E 153 -16.00 5.48 38.57
C LEU E 153 -16.34 4.18 39.28
N VAL E 154 -15.76 3.93 40.45
CA VAL E 154 -16.03 2.67 41.13
C VAL E 154 -17.47 2.63 41.67
N ASP E 155 -18.05 3.79 42.01
CA ASP E 155 -19.40 3.85 42.56
C ASP E 155 -20.44 4.24 41.52
N LEU E 156 -20.08 4.23 40.24
CA LEU E 156 -21.00 4.61 39.18
C LEU E 156 -22.21 3.67 39.15
N TYR E 157 -23.40 4.26 39.16
CA TYR E 157 -24.66 3.51 39.06
C TYR E 157 -24.77 2.44 40.15
N GLY E 158 -24.26 2.75 41.34
CA GLY E 158 -24.20 1.78 42.40
C GLY E 158 -22.90 1.80 43.16
N ALA E 159 -22.96 1.97 44.49
CA ALA E 159 -21.76 2.18 45.31
C ALA E 159 -21.26 0.84 45.84
N TYR E 160 -20.68 0.06 44.93
CA TYR E 160 -20.11 -1.24 45.24
C TYR E 160 -19.26 -1.68 44.05
N PRO E 161 -18.29 -2.56 44.27
CA PRO E 161 -17.54 -3.11 43.13
C PRO E 161 -18.48 -3.91 42.24
N LYS E 162 -18.34 -3.71 40.92
CA LYS E 162 -19.22 -4.39 39.98
C LYS E 162 -18.77 -5.80 39.63
N VAL E 163 -17.48 -6.11 39.79
CA VAL E 163 -16.93 -7.41 39.45
C VAL E 163 -15.95 -7.87 40.55
N LYS E 164 -15.92 -9.17 40.83
CA LYS E 164 -14.98 -9.74 41.77
C LYS E 164 -13.69 -10.17 41.08
N LYS E 165 -12.57 -10.00 41.79
CA LYS E 165 -11.25 -10.30 41.23
C LYS E 165 -11.13 -11.75 40.76
N GLU E 166 -11.73 -12.69 41.48
CA GLU E 166 -11.62 -14.09 41.11
C GLU E 166 -12.49 -14.47 39.92
N ASN E 167 -13.30 -13.56 39.39
CA ASN E 167 -14.20 -13.89 38.29
C ASN E 167 -13.75 -13.27 36.97
N VAL E 168 -12.49 -12.83 36.88
CA VAL E 168 -11.95 -12.18 35.70
C VAL E 168 -10.93 -13.08 35.04
N VAL E 169 -10.98 -13.17 33.70
CA VAL E 169 -9.91 -13.76 32.91
C VAL E 169 -9.51 -12.75 31.85
N ILE E 170 -8.22 -12.40 31.79
CA ILE E 170 -7.65 -11.54 30.76
C ILE E 170 -6.97 -12.43 29.74
N ILE E 171 -7.24 -12.18 28.46
CA ILE E 171 -6.68 -13.00 27.38
C ILE E 171 -6.03 -12.06 26.38
N GLY E 172 -4.77 -12.34 26.06
CA GLY E 172 -4.06 -11.61 25.01
C GLY E 172 -3.12 -10.52 25.50
N ALA E 173 -2.92 -10.39 26.81
CA ALA E 173 -2.18 -9.27 27.36
C ALA E 173 -0.74 -9.30 26.88
N ARG E 174 -0.25 -8.16 26.44
CA ARG E 174 1.14 -8.03 26.04
C ARG E 174 1.70 -6.63 26.25
N ALA E 175 0.90 -5.68 26.72
CA ALA E 175 1.37 -4.31 26.94
C ALA E 175 0.94 -3.82 28.32
N LEU E 176 1.27 -4.59 29.35
CA LEU E 176 0.94 -4.22 30.72
C LEU E 176 1.96 -3.24 31.29
N ASP E 177 1.48 -2.20 31.96
CA ASP E 177 2.37 -1.33 32.73
C ASP E 177 2.85 -2.07 33.99
N GLU E 178 3.96 -1.60 34.56
CA GLU E 178 4.50 -2.30 35.73
C GLU E 178 3.54 -2.24 36.91
N GLY E 179 2.81 -1.13 37.06
CA GLY E 179 1.78 -1.09 38.08
C GLY E 179 0.69 -2.12 37.84
N GLU E 180 0.38 -2.41 36.58
CA GLU E 180 -0.62 -3.43 36.28
C GLU E 180 -0.10 -4.82 36.57
N LYS E 181 1.18 -5.08 36.26
CA LYS E 181 1.73 -6.41 36.54
C LYS E 181 1.73 -6.69 38.04
N ASP E 182 1.94 -5.67 38.87
CA ASP E 182 1.88 -5.85 40.32
C ASP E 182 0.45 -6.09 40.80
N PHE E 183 -0.50 -5.30 40.28
CA PHE E 183 -1.92 -5.52 40.60
C PHE E 183 -2.33 -6.95 40.29
N ILE E 184 -1.94 -7.46 39.11
CA ILE E 184 -2.33 -8.80 38.68
C ILE E 184 -1.81 -9.86 39.64
N ARG E 185 -0.55 -9.75 40.07
CA ARG E 185 -0.02 -10.81 40.92
C ARG E 185 -0.45 -10.66 42.37
N ASN E 186 -0.59 -9.43 42.87
CA ASN E 186 -1.01 -9.24 44.26
C ASN E 186 -2.49 -9.53 44.45
N GLU E 187 -3.30 -9.39 43.41
CA GLU E 187 -4.73 -9.66 43.50
C GLU E 187 -5.11 -11.01 42.90
N GLY E 188 -4.15 -11.76 42.36
CA GLY E 188 -4.44 -13.07 41.81
C GLY E 188 -5.32 -13.08 40.57
N ILE E 189 -5.24 -12.06 39.73
CA ILE E 189 -6.05 -12.02 38.51
C ILE E 189 -5.54 -13.07 37.54
N LYS E 190 -6.45 -13.85 36.98
CA LYS E 190 -6.10 -14.87 35.98
C LYS E 190 -5.85 -14.21 34.63
N VAL E 191 -4.67 -14.45 34.05
CA VAL E 191 -4.22 -13.79 32.82
C VAL E 191 -3.58 -14.84 31.92
N PHE E 192 -3.94 -14.82 30.62
CA PHE E 192 -3.25 -15.62 29.62
C PHE E 192 -2.50 -14.63 28.71
N SER E 193 -1.20 -14.51 28.90
CA SER E 193 -0.42 -13.65 28.02
C SER E 193 -0.11 -14.39 26.71
N MET E 194 0.48 -13.65 25.76
CA MET E 194 0.71 -14.21 24.44
C MET E 194 1.64 -15.42 24.49
N HIS E 195 2.63 -15.42 25.39
CA HIS E 195 3.54 -16.55 25.47
C HIS E 195 2.82 -17.81 25.91
N GLU E 196 1.95 -17.71 26.92
CA GLU E 196 1.18 -18.86 27.38
C GLU E 196 0.25 -19.35 26.28
N ILE E 197 -0.38 -18.44 25.54
CA ILE E 197 -1.25 -18.83 24.44
C ILE E 197 -0.45 -19.55 23.36
N ASP E 198 0.76 -19.08 23.08
CA ASP E 198 1.61 -19.77 22.12
C ASP E 198 1.92 -21.19 22.57
N ARG E 199 2.23 -21.37 23.86
CA ARG E 199 2.58 -22.72 24.35
C ARG E 199 1.34 -23.62 24.43
N MET E 200 0.23 -23.11 24.96
CA MET E 200 -0.95 -23.95 25.15
C MET E 200 -1.78 -24.13 23.88
N GLY E 201 -1.79 -23.13 23.00
CA GLY E 201 -2.77 -23.12 21.93
C GLY E 201 -4.10 -22.55 22.39
N MET E 202 -4.85 -21.93 21.47
CA MET E 202 -6.05 -21.20 21.88
C MET E 202 -7.15 -22.15 22.37
N THR E 203 -7.23 -23.36 21.81
CA THR E 203 -8.25 -24.31 22.28
C THR E 203 -8.13 -24.58 23.77
N ALA E 204 -6.91 -24.85 24.25
CA ALA E 204 -6.73 -25.16 25.67
C ALA E 204 -6.91 -23.92 26.54
N VAL E 205 -6.50 -22.74 26.04
CA VAL E 205 -6.74 -21.51 26.80
C VAL E 205 -8.23 -21.33 27.03
N MET E 206 -9.03 -21.53 25.99
CA MET E 206 -10.47 -21.29 26.12
C MET E 206 -11.14 -22.38 26.97
N GLU E 207 -10.69 -23.64 26.83
CA GLU E 207 -11.22 -24.67 27.71
C GLU E 207 -10.94 -24.34 29.18
N GLU E 208 -9.73 -23.84 29.47
CA GLU E 208 -9.41 -23.50 30.86
C GLU E 208 -10.13 -22.23 31.32
N THR E 209 -10.34 -21.27 30.41
CA THR E 209 -11.11 -20.08 30.76
C THR E 209 -12.55 -20.43 31.11
N ILE E 210 -13.17 -21.29 30.28
CA ILE E 210 -14.56 -21.68 30.52
C ILE E 210 -14.67 -22.44 31.83
N ALA E 211 -13.72 -23.32 32.13
CA ALA E 211 -13.76 -24.07 33.39
C ALA E 211 -13.52 -23.15 34.58
N TYR E 212 -12.61 -22.18 34.43
CA TYR E 212 -12.33 -21.23 35.51
C TYR E 212 -13.56 -20.42 35.90
N LEU E 213 -14.46 -20.20 34.95
CA LEU E 213 -15.64 -19.37 35.16
C LEU E 213 -16.91 -20.18 35.36
N SER E 214 -16.80 -21.50 35.54
CA SER E 214 -17.99 -22.36 35.57
C SER E 214 -18.92 -22.01 36.72
N HIS E 215 -18.43 -21.35 37.76
CA HIS E 215 -19.21 -21.02 38.94
C HIS E 215 -19.93 -19.68 38.85
N THR E 216 -19.75 -18.90 37.79
CA THR E 216 -20.40 -17.60 37.68
C THR E 216 -21.87 -17.77 37.29
N ASP E 217 -22.65 -16.73 37.54
CA ASP E 217 -24.07 -16.75 37.14
C ASP E 217 -24.33 -16.02 35.82
N GLY E 218 -23.28 -15.52 35.19
CA GLY E 218 -23.34 -14.95 33.85
C GLY E 218 -21.92 -14.60 33.50
N VAL E 219 -21.69 -14.31 32.22
CA VAL E 219 -20.36 -13.91 31.79
C VAL E 219 -20.48 -12.78 30.77
N HIS E 220 -19.74 -11.70 31.02
CA HIS E 220 -19.63 -10.57 30.11
C HIS E 220 -18.34 -10.72 29.30
N LEU E 221 -18.46 -10.59 27.98
CA LEU E 221 -17.30 -10.56 27.10
C LEU E 221 -16.97 -9.11 26.77
N SER E 222 -15.79 -8.66 27.14
CA SER E 222 -15.34 -7.32 26.80
C SER E 222 -14.19 -7.47 25.83
N LEU E 223 -14.49 -7.35 24.53
CA LEU E 223 -13.53 -7.65 23.47
C LEU E 223 -13.00 -6.36 22.88
N ASP E 224 -11.73 -6.09 23.15
CA ASP E 224 -11.03 -4.96 22.55
C ASP E 224 -10.36 -5.49 21.28
N LEU E 225 -10.66 -4.86 20.12
CA LEU E 225 -10.10 -5.39 18.89
C LEU E 225 -8.57 -5.33 18.88
N ASP E 226 -7.95 -4.51 19.75
CA ASP E 226 -6.48 -4.52 19.72
C ASP E 226 -5.89 -5.76 20.37
N GLY E 227 -6.70 -6.63 20.96
CA GLY E 227 -6.21 -7.95 21.32
C GLY E 227 -5.71 -8.74 20.11
N LEU E 228 -6.30 -8.51 18.94
CA LEU E 228 -5.82 -9.12 17.71
C LEU E 228 -4.57 -8.40 17.22
N ASP E 229 -3.71 -9.17 16.54
CA ASP E 229 -2.52 -8.60 15.92
C ASP E 229 -2.90 -7.50 14.91
N PRO E 230 -2.11 -6.42 14.84
CA PRO E 230 -2.35 -5.39 13.80
C PRO E 230 -2.44 -5.90 12.37
N HIS E 231 -1.80 -7.02 12.02
CA HIS E 231 -1.99 -7.60 10.69
C HIS E 231 -3.45 -7.98 10.44
N ASP E 232 -4.16 -8.43 11.47
CA ASP E 232 -5.56 -8.81 11.31
C ASP E 232 -6.52 -7.71 11.72
N ALA E 233 -6.06 -6.74 12.51
CA ALA E 233 -6.91 -5.64 12.99
C ALA E 233 -6.08 -4.37 13.01
N PRO E 234 -5.74 -3.83 11.83
CA PRO E 234 -4.96 -2.58 11.81
C PRO E 234 -5.72 -1.38 12.36
N GLY E 235 -7.05 -1.36 12.23
CA GLY E 235 -7.82 -0.20 12.63
C GLY E 235 -8.24 -0.23 14.08
N VAL E 236 -7.29 -0.01 15.00
CA VAL E 236 -7.58 0.04 16.42
C VAL E 236 -6.95 1.30 17.01
N GLY E 237 -7.48 1.70 18.17
CA GLY E 237 -7.00 2.93 18.80
C GLY E 237 -5.53 2.91 19.15
N THR E 238 -5.04 1.79 19.69
CA THR E 238 -3.65 1.67 20.13
C THR E 238 -3.10 0.32 19.72
N PRO E 239 -2.57 0.21 18.50
CA PRO E 239 -2.12 -1.11 18.02
C PRO E 239 -0.85 -1.58 18.72
N VAL E 240 -0.78 -2.88 19.00
CA VAL E 240 0.35 -3.51 19.69
C VAL E 240 0.72 -4.79 18.95
N ILE E 241 1.94 -4.85 18.39
CA ILE E 241 2.33 -6.01 17.59
C ILE E 241 2.39 -7.25 18.47
N GLY E 242 2.29 -8.42 17.81
CA GLY E 242 2.42 -9.69 18.48
C GLY E 242 1.13 -10.22 19.08
N GLY E 243 0.00 -9.98 18.43
CA GLY E 243 -1.30 -10.30 18.99
C GLY E 243 -1.93 -11.57 18.43
N LEU E 244 -3.18 -11.79 18.84
CA LEU E 244 -3.93 -12.97 18.43
C LEU E 244 -4.32 -12.89 16.97
N SER E 245 -4.39 -14.04 16.32
CA SER E 245 -4.79 -14.03 14.92
C SER E 245 -6.31 -14.03 14.82
N TYR E 246 -6.81 -13.66 13.63
CA TYR E 246 -8.23 -13.84 13.33
C TYR E 246 -8.69 -15.26 13.61
N ARG E 247 -7.91 -16.26 13.16
CA ARG E 247 -8.30 -17.66 13.32
C ARG E 247 -8.44 -18.06 14.78
N GLU E 248 -7.47 -17.68 15.61
CA GLU E 248 -7.58 -17.95 17.05
C GLU E 248 -8.80 -17.26 17.66
N SER E 249 -9.05 -16.01 17.28
CA SER E 249 -10.18 -15.27 17.84
C SER E 249 -11.51 -15.84 17.37
N HIS E 250 -11.59 -16.23 16.09
CA HIS E 250 -12.81 -16.82 15.55
C HIS E 250 -13.10 -18.15 16.22
N LEU E 251 -12.07 -18.97 16.41
CA LEU E 251 -12.21 -20.21 17.16
C LEU E 251 -12.67 -19.96 18.59
N ALA E 252 -12.08 -18.97 19.26
CA ALA E 252 -12.45 -18.67 20.63
C ALA E 252 -13.90 -18.27 20.74
N MET E 253 -14.39 -17.45 19.80
CA MET E 253 -15.80 -17.05 19.81
C MET E 253 -16.72 -18.25 19.63
N GLU E 254 -16.35 -19.18 18.74
CA GLU E 254 -17.18 -20.35 18.53
C GLU E 254 -17.24 -21.24 19.77
N MET E 255 -16.12 -21.37 20.48
CA MET E 255 -16.09 -22.15 21.71
C MET E 255 -16.95 -21.51 22.80
N LEU E 256 -16.91 -20.17 22.90
CA LEU E 256 -17.81 -19.47 23.81
C LEU E 256 -19.27 -19.69 23.43
N ALA E 257 -19.55 -19.66 22.13
CA ALA E 257 -20.91 -19.91 21.65
C ALA E 257 -21.37 -21.30 22.05
N GLU E 258 -20.52 -22.31 21.85
CA GLU E 258 -20.91 -23.67 22.17
C GLU E 258 -21.14 -23.84 23.67
N ALA E 259 -20.33 -23.17 24.48
CA ALA E 259 -20.48 -23.27 25.93
C ALA E 259 -21.72 -22.55 26.44
N ASP E 260 -22.27 -21.60 25.67
CA ASP E 260 -23.50 -20.87 25.98
C ASP E 260 -23.42 -20.16 27.34
N ILE E 261 -22.31 -19.46 27.58
CA ILE E 261 -22.08 -18.80 28.86
C ILE E 261 -22.12 -17.27 28.77
N ILE E 262 -21.98 -16.71 27.57
CA ILE E 262 -21.88 -15.25 27.41
C ILE E 262 -23.28 -14.65 27.50
N THR E 263 -23.49 -13.72 28.43
CA THR E 263 -24.78 -13.10 28.65
C THR E 263 -24.80 -11.61 28.34
N SER E 264 -23.66 -11.03 27.99
CA SER E 264 -23.55 -9.66 27.51
C SER E 264 -22.19 -9.51 26.87
N ALA E 265 -22.05 -8.51 26.00
CA ALA E 265 -20.79 -8.34 25.31
C ALA E 265 -20.61 -6.91 24.83
N GLU E 266 -19.35 -6.50 24.71
CA GLU E 266 -19.01 -5.27 24.04
C GLU E 266 -17.82 -5.50 23.13
N PHE E 267 -17.85 -4.84 21.99
CA PHE E 267 -16.78 -4.88 21.01
C PHE E 267 -16.32 -3.44 20.83
N VAL E 268 -15.08 -3.15 21.23
CA VAL E 268 -14.62 -1.78 21.40
C VAL E 268 -13.31 -1.55 20.66
N GLU E 269 -12.95 -0.27 20.56
CA GLU E 269 -11.64 0.24 20.14
C GLU E 269 -11.38 0.13 18.65
N VAL E 270 -12.41 -0.04 17.80
CA VAL E 270 -12.22 0.03 16.36
C VAL E 270 -11.96 1.49 15.95
N ASN E 271 -10.89 1.70 15.17
CA ASN E 271 -10.42 3.03 14.79
C ASN E 271 -10.33 3.08 13.27
N THR E 272 -11.29 3.72 12.61
CA THR E 272 -11.31 3.71 11.15
C THR E 272 -10.13 4.47 10.55
N ILE E 273 -9.56 5.43 11.27
CA ILE E 273 -8.47 6.23 10.71
C ILE E 273 -7.29 5.35 10.31
N LEU E 274 -6.99 4.32 11.10
CA LEU E 274 -5.89 3.40 10.79
C LEU E 274 -6.37 2.14 10.07
N ASP E 275 -7.66 1.99 9.83
CA ASP E 275 -8.19 0.80 9.19
C ASP E 275 -7.91 0.82 7.70
N GLU E 276 -8.03 -0.35 7.07
CA GLU E 276 -7.79 -0.53 5.65
C GLU E 276 -9.08 -1.03 5.01
N ARG E 277 -9.80 -0.12 4.33
CA ARG E 277 -11.09 -0.45 3.72
C ARG E 277 -12.01 -1.16 4.71
N ASN E 278 -12.00 -0.69 5.96
CA ASN E 278 -12.93 -1.10 7.00
C ASN E 278 -12.74 -2.55 7.43
N ARG E 279 -11.60 -3.17 7.10
CA ARG E 279 -11.47 -4.60 7.32
C ARG E 279 -11.42 -4.98 8.79
N THR E 280 -11.01 -4.07 9.68
CA THR E 280 -11.09 -4.37 11.10
C THR E 280 -12.54 -4.43 11.58
N ALA E 281 -13.38 -3.51 11.11
CA ALA E 281 -14.81 -3.57 11.43
C ALA E 281 -15.46 -4.81 10.82
N THR E 282 -15.05 -5.19 9.61
CA THR E 282 -15.56 -6.42 9.00
C THR E 282 -15.21 -7.63 9.86
N THR E 283 -13.97 -7.68 10.36
CA THR E 283 -13.57 -8.77 11.24
C THR E 283 -14.33 -8.73 12.57
N ALA E 284 -14.58 -7.54 13.13
CA ALA E 284 -15.39 -7.48 14.35
C ALA E 284 -16.75 -8.13 14.12
N VAL E 285 -17.39 -7.84 12.99
CA VAL E 285 -18.70 -8.41 12.72
C VAL E 285 -18.62 -9.92 12.53
N ALA E 286 -17.56 -10.40 11.88
CA ALA E 286 -17.36 -11.84 11.72
C ALA E 286 -17.15 -12.53 13.08
N LEU E 287 -16.43 -11.88 14.00
CA LEU E 287 -16.26 -12.45 15.34
C LEU E 287 -17.60 -12.48 16.09
N MET E 288 -18.41 -11.43 15.96
CA MET E 288 -19.75 -11.47 16.56
C MET E 288 -20.61 -12.57 15.93
N GLY E 289 -20.51 -12.76 14.63
CA GLY E 289 -21.24 -13.84 13.99
C GLY E 289 -20.91 -15.18 14.61
N SER E 290 -19.62 -15.42 14.86
CA SER E 290 -19.22 -16.68 15.47
C SER E 290 -19.68 -16.76 16.92
N LEU E 291 -19.53 -15.66 17.68
CA LEU E 291 -20.02 -15.61 19.06
C LEU E 291 -21.51 -15.95 19.13
N PHE E 292 -22.28 -15.53 18.15
CA PHE E 292 -23.73 -15.72 18.22
C PHE E 292 -24.19 -16.97 17.46
N GLY E 293 -23.27 -17.88 17.13
CA GLY E 293 -23.68 -19.23 16.76
C GLY E 293 -23.42 -19.65 15.33
N GLU E 294 -22.83 -18.83 14.45
CA GLU E 294 -22.45 -19.33 13.12
C GLU E 294 -21.44 -20.47 13.27
N LYS E 295 -21.57 -21.48 12.40
CA LYS E 295 -20.66 -22.63 12.40
C LYS E 295 -20.11 -22.81 10.99
N LEU E 296 -18.88 -23.32 10.90
CA LEU E 296 -18.23 -23.51 9.60
C LEU E 296 -18.74 -24.74 8.84
N LYS E 297 -19.32 -25.72 9.53
CA LYS E 297 -19.95 -26.84 8.84
C LYS E 297 -21.09 -27.44 9.65
N LYS F 2 9.58 -42.41 -11.78
CA LYS F 2 9.30 -41.77 -13.06
C LYS F 2 9.01 -40.28 -12.87
N LYS F 3 9.77 -39.43 -13.54
CA LYS F 3 9.68 -37.97 -13.36
C LYS F 3 9.25 -37.30 -14.66
N GLU F 4 7.97 -37.48 -15.03
CA GLU F 4 7.48 -36.96 -16.30
C GLU F 4 6.14 -36.29 -16.09
N ILE F 5 6.08 -35.00 -16.44
CA ILE F 5 4.89 -34.18 -16.26
C ILE F 5 4.48 -33.57 -17.59
N SER F 6 3.17 -33.47 -17.82
CA SER F 6 2.62 -32.67 -18.91
C SER F 6 1.74 -31.60 -18.31
N VAL F 7 1.92 -30.35 -18.75
CA VAL F 7 1.24 -29.18 -18.19
C VAL F 7 0.24 -28.69 -19.22
N ILE F 8 -0.97 -28.38 -18.76
CA ILE F 8 -1.96 -27.73 -19.62
C ILE F 8 -2.58 -26.57 -18.86
N GLY F 9 -2.70 -25.42 -19.53
CA GLY F 9 -3.38 -24.25 -18.97
C GLY F 9 -4.80 -24.17 -19.48
N VAL F 10 -5.72 -23.78 -18.58
CA VAL F 10 -7.13 -23.65 -18.95
C VAL F 10 -7.63 -22.28 -18.47
N PRO F 11 -7.49 -21.22 -19.28
CA PRO F 11 -7.79 -19.85 -18.82
C PRO F 11 -9.28 -19.52 -18.88
N MET F 12 -10.07 -20.25 -18.09
CA MET F 12 -11.52 -20.10 -18.10
C MET F 12 -11.98 -19.25 -16.93
N ASP F 13 -12.85 -18.27 -17.22
CA ASP F 13 -13.37 -17.35 -16.20
C ASP F 13 -14.84 -17.13 -16.56
N LEU F 14 -15.68 -18.10 -16.22
CA LEU F 14 -17.10 -18.06 -16.55
C LEU F 14 -17.92 -18.02 -15.26
N GLY F 15 -19.22 -17.80 -15.42
CA GLY F 15 -20.12 -17.68 -14.29
C GLY F 15 -20.83 -16.34 -14.30
N GLN F 16 -21.44 -16.01 -13.16
CA GLN F 16 -22.28 -14.82 -13.05
C GLN F 16 -21.55 -13.57 -13.50
N MET F 17 -20.32 -13.38 -13.03
CA MET F 17 -19.50 -12.24 -13.44
C MET F 17 -18.06 -12.71 -13.55
N ARG F 18 -17.29 -12.02 -14.38
CA ARG F 18 -15.85 -12.23 -14.44
C ARG F 18 -15.25 -12.03 -13.06
N ARG F 19 -14.33 -12.91 -12.70
CA ARG F 19 -13.55 -12.74 -11.47
C ARG F 19 -12.06 -12.66 -11.73
N GLY F 20 -11.63 -12.68 -12.99
CA GLY F 20 -10.23 -12.50 -13.33
C GLY F 20 -9.39 -13.76 -13.31
N VAL F 21 -9.98 -14.92 -13.02
CA VAL F 21 -9.17 -16.13 -12.88
C VAL F 21 -8.73 -16.69 -14.23
N ASP F 22 -9.22 -16.15 -15.35
CA ASP F 22 -8.67 -16.54 -16.65
C ASP F 22 -7.20 -16.14 -16.78
N MET F 23 -6.72 -15.20 -15.96
CA MET F 23 -5.31 -14.83 -15.99
C MET F 23 -4.41 -15.79 -15.22
N GLY F 24 -4.99 -16.77 -14.51
CA GLY F 24 -4.22 -17.69 -13.69
C GLY F 24 -3.06 -18.38 -14.41
N PRO F 25 -3.36 -19.06 -15.52
CA PRO F 25 -2.27 -19.80 -16.19
C PRO F 25 -1.13 -18.91 -16.65
N SER F 26 -1.45 -17.75 -17.22
CA SER F 26 -0.41 -16.83 -17.66
C SER F 26 0.41 -16.33 -16.47
N ALA F 27 -0.24 -16.07 -15.34
CA ALA F 27 0.51 -15.57 -14.18
C ALA F 27 1.41 -16.66 -13.60
N ILE F 28 0.94 -17.91 -13.57
CA ILE F 28 1.75 -19.00 -13.05
C ILE F 28 2.92 -19.30 -13.97
N ARG F 29 2.72 -19.18 -15.28
CA ARG F 29 3.85 -19.27 -16.21
C ARG F 29 4.83 -18.12 -16.01
N TYR F 30 4.31 -16.90 -15.86
CA TYR F 30 5.15 -15.74 -15.54
C TYR F 30 5.97 -16.01 -14.28
N ALA F 31 5.38 -16.67 -13.28
CA ALA F 31 6.10 -17.01 -12.07
C ALA F 31 7.09 -18.17 -12.27
N GLY F 32 7.25 -18.66 -13.49
CA GLY F 32 8.28 -19.64 -13.77
C GLY F 32 7.94 -21.08 -13.49
N VAL F 33 6.68 -21.49 -13.68
CA VAL F 33 6.28 -22.84 -13.29
C VAL F 33 7.08 -23.89 -14.07
N ILE F 34 7.25 -23.70 -15.39
CA ILE F 34 7.90 -24.73 -16.22
C ILE F 34 9.35 -24.93 -15.79
N GLU F 35 10.11 -23.84 -15.68
CA GLU F 35 11.50 -23.94 -15.27
C GLU F 35 11.65 -24.44 -13.84
N ARG F 36 10.69 -24.12 -12.97
CA ARG F 36 10.76 -24.60 -11.59
C ARG F 36 10.67 -26.12 -11.53
N ILE F 37 9.73 -26.70 -12.28
CA ILE F 37 9.55 -28.15 -12.26
C ILE F 37 10.75 -28.84 -12.93
N GLU F 38 11.20 -28.31 -14.06
CA GLU F 38 12.37 -28.89 -14.72
C GLU F 38 13.58 -28.91 -13.81
N GLU F 39 13.81 -27.81 -13.06
CA GLU F 39 14.96 -27.72 -12.18
C GLU F 39 14.92 -28.79 -11.08
N ILE F 40 13.73 -29.25 -10.69
CA ILE F 40 13.66 -30.36 -9.73
C ILE F 40 14.13 -31.67 -10.34
N GLY F 41 14.17 -31.76 -11.68
CA GLY F 41 14.61 -32.99 -12.31
C GLY F 41 13.56 -33.67 -13.17
N TYR F 42 12.42 -33.01 -13.38
CA TYR F 42 11.36 -33.57 -14.21
C TYR F 42 11.57 -33.20 -15.66
N ASP F 43 11.19 -34.13 -16.54
CA ASP F 43 10.90 -33.78 -17.92
C ASP F 43 9.50 -33.20 -17.98
N VAL F 44 9.37 -32.01 -18.57
CA VAL F 44 8.10 -31.30 -18.61
C VAL F 44 7.72 -31.09 -20.08
N LYS F 45 6.53 -31.57 -20.45
CA LYS F 45 5.94 -31.31 -21.75
C LYS F 45 4.85 -30.26 -21.57
N ASP F 46 5.01 -29.11 -22.21
CA ASP F 46 4.04 -28.03 -22.09
C ASP F 46 3.01 -28.19 -23.20
N MET F 47 1.80 -28.60 -22.84
CA MET F 47 0.75 -28.71 -23.83
C MET F 47 0.13 -27.36 -24.17
N GLY F 48 0.63 -26.27 -23.58
CA GLY F 48 0.07 -24.96 -23.85
C GLY F 48 -1.19 -24.66 -23.05
N ASP F 49 -1.98 -23.72 -23.56
CA ASP F 49 -3.24 -23.33 -22.97
C ASP F 49 -4.38 -23.64 -23.95
N ILE F 50 -5.50 -24.11 -23.40
CA ILE F 50 -6.71 -24.30 -24.18
C ILE F 50 -7.26 -22.94 -24.62
N CYS F 51 -7.63 -22.85 -25.90
CA CYS F 51 -8.24 -21.64 -26.46
C CYS F 51 -9.72 -21.61 -26.12
N ILE F 52 -10.15 -20.59 -25.36
CA ILE F 52 -11.56 -20.48 -24.97
C ILE F 52 -12.26 -19.52 -25.92
N GLU F 53 -13.24 -20.03 -26.65
CA GLU F 53 -13.98 -19.24 -27.64
C GLU F 53 -15.03 -18.34 -27.01
N ASN F 61 -30.32 -20.89 -18.07
CA ASN F 61 -29.06 -20.19 -18.23
C ASN F 61 -28.62 -19.58 -16.89
N THR F 62 -29.52 -18.86 -16.23
CA THR F 62 -29.20 -18.27 -14.93
C THR F 62 -28.93 -19.34 -13.87
N LYS F 63 -29.44 -20.56 -14.05
CA LYS F 63 -29.25 -21.64 -13.10
C LYS F 63 -27.99 -22.45 -13.37
N LEU F 64 -27.50 -22.45 -14.62
CA LEU F 64 -26.25 -23.13 -15.00
C LEU F 64 -25.52 -22.20 -15.98
N ARG F 65 -24.82 -21.22 -15.43
CA ARG F 65 -24.31 -20.13 -16.25
C ARG F 65 -23.18 -20.60 -17.17
N ASN F 66 -23.30 -20.24 -18.44
CA ASN F 66 -22.33 -20.60 -19.47
C ASN F 66 -22.18 -22.13 -19.61
N LEU F 67 -23.28 -22.86 -19.42
CA LEU F 67 -23.20 -24.32 -19.33
C LEU F 67 -22.59 -24.93 -20.59
N THR F 68 -23.02 -24.47 -21.76
CA THR F 68 -22.56 -25.07 -23.01
C THR F 68 -21.06 -24.84 -23.21
N GLN F 69 -20.58 -23.65 -22.86
CA GLN F 69 -19.16 -23.34 -23.02
C GLN F 69 -18.33 -24.10 -21.99
N VAL F 70 -18.81 -24.20 -20.76
CA VAL F 70 -18.11 -24.98 -19.74
C VAL F 70 -17.97 -26.43 -20.19
N ALA F 71 -19.06 -27.02 -20.69
CA ALA F 71 -19.00 -28.41 -21.12
C ALA F 71 -18.08 -28.60 -22.32
N THR F 72 -18.08 -27.64 -23.25
CA THR F 72 -17.17 -27.72 -24.40
C THR F 72 -15.70 -27.70 -23.96
N VAL F 73 -15.35 -26.76 -23.07
CA VAL F 73 -13.99 -26.69 -22.54
C VAL F 73 -13.66 -27.96 -21.78
N CYS F 74 -14.53 -28.37 -20.86
CA CYS F 74 -14.22 -29.53 -20.02
C CYS F 74 -14.08 -30.81 -20.85
N ASN F 75 -14.86 -30.95 -21.91
CA ASN F 75 -14.69 -32.12 -22.78
C ASN F 75 -13.32 -32.12 -23.45
N GLU F 76 -12.87 -30.96 -23.94
CA GLU F 76 -11.54 -30.88 -24.52
C GLU F 76 -10.46 -31.15 -23.49
N LEU F 77 -10.62 -30.60 -22.27
CA LEU F 77 -9.65 -30.86 -21.22
C LEU F 77 -9.65 -32.33 -20.80
N ALA F 78 -10.84 -32.93 -20.69
CA ALA F 78 -10.91 -34.35 -20.31
C ALA F 78 -10.18 -35.23 -21.31
N SER F 79 -10.32 -34.94 -22.61
CA SER F 79 -9.63 -35.79 -23.58
C SER F 79 -8.12 -35.57 -23.52
N LYS F 80 -7.69 -34.34 -23.24
CA LYS F 80 -6.26 -34.07 -23.17
C LYS F 80 -5.63 -34.69 -21.93
N VAL F 81 -6.32 -34.61 -20.78
CA VAL F 81 -5.85 -35.29 -19.57
C VAL F 81 -5.80 -36.79 -19.77
N ASP F 82 -6.85 -37.36 -20.36
CA ASP F 82 -6.87 -38.77 -20.71
C ASP F 82 -5.64 -39.16 -21.53
N HIS F 83 -5.33 -38.35 -22.54
CA HIS F 83 -4.19 -38.65 -23.40
C HIS F 83 -2.88 -38.60 -22.63
N ILE F 84 -2.73 -37.59 -21.75
CA ILE F 84 -1.52 -37.47 -20.92
C ILE F 84 -1.30 -38.73 -20.10
N ILE F 85 -2.37 -39.24 -19.47
CA ILE F 85 -2.21 -40.44 -18.66
C ILE F 85 -1.95 -41.66 -19.54
N GLU F 86 -2.55 -41.71 -20.74
CA GLU F 86 -2.25 -42.81 -21.66
C GLU F 86 -0.76 -42.83 -22.03
N GLU F 87 -0.12 -41.67 -22.05
CA GLU F 87 1.32 -41.61 -22.28
C GLU F 87 2.12 -42.01 -21.06
N GLY F 88 1.46 -42.28 -19.94
CA GLY F 88 2.17 -42.59 -18.71
C GLY F 88 2.75 -41.39 -17.99
N ARG F 89 2.23 -40.19 -18.23
CA ARG F 89 2.77 -38.99 -17.65
C ARG F 89 1.80 -38.42 -16.61
N PHE F 90 2.34 -37.55 -15.74
CA PHE F 90 1.58 -36.90 -14.68
C PHE F 90 0.91 -35.66 -15.24
N PRO F 91 -0.43 -35.57 -15.23
CA PRO F 91 -1.10 -34.37 -15.75
C PRO F 91 -1.18 -33.29 -14.67
N LEU F 92 -0.65 -32.12 -15.00
CA LEU F 92 -0.68 -30.93 -14.14
C LEU F 92 -1.50 -29.86 -14.86
N VAL F 93 -2.65 -29.52 -14.31
CA VAL F 93 -3.58 -28.60 -14.95
C VAL F 93 -3.51 -27.26 -14.23
N LEU F 94 -3.39 -26.18 -14.98
CA LEU F 94 -3.28 -24.83 -14.43
C LEU F 94 -4.59 -24.11 -14.71
N GLY F 95 -5.18 -23.57 -13.65
CA GLY F 95 -6.55 -23.15 -13.70
C GLY F 95 -6.76 -21.66 -13.85
N GLY F 96 -7.82 -21.36 -14.57
CA GLY F 96 -8.79 -20.37 -14.20
C GLY F 96 -9.76 -20.97 -13.19
N ASP F 97 -11.05 -21.01 -13.50
CA ASP F 97 -11.97 -21.23 -12.40
C ASP F 97 -12.04 -22.73 -12.07
N HIS F 98 -12.64 -23.02 -10.91
CA HIS F 98 -12.59 -24.39 -10.42
C HIS F 98 -13.54 -25.32 -11.17
N SER F 99 -14.37 -24.80 -12.07
CA SER F 99 -15.20 -25.75 -12.81
C SER F 99 -14.38 -26.60 -13.77
N ILE F 100 -13.13 -26.23 -14.05
CA ILE F 100 -12.31 -27.09 -14.90
C ILE F 100 -12.01 -28.42 -14.23
N ALA F 101 -12.25 -28.56 -12.92
CA ALA F 101 -12.08 -29.86 -12.29
C ALA F 101 -13.06 -30.88 -12.84
N ILE F 102 -14.20 -30.43 -13.37
CA ILE F 102 -15.11 -31.39 -13.99
C ILE F 102 -14.40 -32.10 -15.12
N GLY F 103 -13.65 -31.35 -15.94
CA GLY F 103 -12.93 -31.96 -17.05
C GLY F 103 -11.71 -32.74 -16.61
N THR F 104 -10.97 -32.21 -15.64
CA THR F 104 -9.78 -32.93 -15.17
C THR F 104 -10.15 -34.29 -14.60
N LEU F 105 -11.15 -34.33 -13.71
CA LEU F 105 -11.51 -35.59 -13.06
C LEU F 105 -12.19 -36.55 -14.01
N ALA F 106 -12.91 -36.04 -15.03
CA ALA F 106 -13.49 -36.96 -16.01
C ALA F 106 -12.38 -37.67 -16.79
N GLY F 107 -11.32 -36.94 -17.12
CA GLY F 107 -10.19 -37.56 -17.80
C GLY F 107 -9.41 -38.51 -16.89
N VAL F 108 -9.21 -38.12 -15.63
CA VAL F 108 -8.45 -38.98 -14.71
C VAL F 108 -9.22 -40.25 -14.40
N ALA F 109 -10.55 -40.15 -14.31
CA ALA F 109 -11.35 -41.29 -13.87
C ALA F 109 -11.42 -42.41 -14.90
N LYS F 110 -10.88 -42.22 -16.10
CA LYS F 110 -10.79 -43.32 -17.05
C LYS F 110 -9.68 -44.30 -16.72
N HIS F 111 -8.74 -43.89 -15.86
CA HIS F 111 -7.59 -44.71 -15.51
C HIS F 111 -7.57 -45.15 -14.06
N TYR F 112 -8.48 -44.64 -13.24
CA TYR F 112 -8.56 -45.00 -11.82
C TYR F 112 -10.02 -45.15 -11.44
N LYS F 113 -10.43 -46.36 -11.10
CA LYS F 113 -11.80 -46.59 -10.67
C LYS F 113 -11.96 -46.59 -9.15
N ASN F 114 -10.88 -46.39 -8.38
CA ASN F 114 -10.97 -46.12 -6.93
C ASN F 114 -10.14 -44.88 -6.59
N LEU F 115 -10.47 -43.77 -7.24
CA LEU F 115 -9.64 -42.56 -7.19
C LEU F 115 -9.93 -41.74 -5.92
N GLY F 116 -8.86 -41.35 -5.21
CA GLY F 116 -9.01 -40.42 -4.10
C GLY F 116 -8.89 -38.98 -4.59
N VAL F 117 -9.53 -38.05 -3.85
CA VAL F 117 -9.50 -36.63 -4.20
C VAL F 117 -9.29 -35.81 -2.93
N ILE F 118 -8.28 -34.96 -2.94
CA ILE F 118 -8.08 -33.96 -1.88
C ILE F 118 -8.49 -32.62 -2.48
N TRP F 119 -9.51 -32.00 -1.89
CA TRP F 119 -10.09 -30.75 -2.37
C TRP F 119 -9.68 -29.67 -1.38
N TYR F 120 -8.73 -28.83 -1.78
CA TYR F 120 -8.06 -27.87 -0.89
C TYR F 120 -8.63 -26.50 -1.28
N ASP F 121 -9.46 -25.92 -0.40
CA ASP F 121 -10.42 -24.92 -0.87
C ASP F 121 -11.08 -24.25 0.33
N ALA F 122 -11.37 -22.95 0.22
CA ALA F 122 -12.26 -22.32 1.19
C ALA F 122 -13.71 -22.79 1.01
N HIS F 123 -14.06 -23.26 -0.19
CA HIS F 123 -15.42 -23.61 -0.56
C HIS F 123 -15.55 -25.13 -0.76
N GLY F 124 -16.78 -25.63 -0.67
CA GLY F 124 -16.99 -27.04 -0.91
C GLY F 124 -17.18 -27.35 -2.38
N ASP F 125 -17.68 -26.38 -3.15
CA ASP F 125 -18.03 -26.59 -4.56
C ASP F 125 -18.97 -27.78 -4.69
N LEU F 126 -19.91 -27.89 -3.76
CA LEU F 126 -20.83 -29.03 -3.68
C LEU F 126 -22.26 -28.64 -4.02
N ASN F 127 -22.45 -27.54 -4.74
CA ASN F 127 -23.80 -27.13 -5.12
C ASN F 127 -24.27 -27.88 -6.36
N THR F 128 -25.58 -27.93 -6.52
CA THR F 128 -26.23 -28.39 -7.73
C THR F 128 -27.06 -27.24 -8.31
N GLU F 129 -27.83 -27.53 -9.36
CA GLU F 129 -28.71 -26.53 -9.94
C GLU F 129 -29.70 -25.98 -8.92
N GLU F 130 -30.12 -26.81 -7.95
CA GLU F 130 -31.15 -26.40 -6.99
C GLU F 130 -30.58 -25.69 -5.78
N THR F 131 -29.43 -26.14 -5.25
CA THR F 131 -28.89 -25.55 -4.02
C THR F 131 -28.06 -24.30 -4.28
N SER F 132 -27.63 -24.08 -5.52
CA SER F 132 -26.70 -22.98 -5.81
C SER F 132 -27.40 -21.64 -5.63
N PRO F 133 -26.81 -20.70 -4.88
CA PRO F 133 -27.38 -19.35 -4.81
C PRO F 133 -27.04 -18.47 -6.00
N SER F 134 -26.26 -18.97 -6.97
CA SER F 134 -25.72 -18.14 -8.05
C SER F 134 -25.79 -18.76 -9.43
N GLY F 135 -25.86 -20.08 -9.57
CA GLY F 135 -25.71 -20.68 -10.88
C GLY F 135 -24.28 -20.83 -11.36
N ASN F 136 -23.28 -20.53 -10.53
CA ASN F 136 -21.89 -20.65 -10.95
C ASN F 136 -21.47 -22.11 -10.99
N ILE F 137 -21.08 -22.58 -12.18
CA ILE F 137 -20.66 -23.99 -12.28
C ILE F 137 -19.38 -24.23 -11.49
N HIS F 138 -18.53 -23.20 -11.31
CA HIS F 138 -17.35 -23.43 -10.49
C HIS F 138 -17.67 -23.70 -9.02
N GLY F 139 -18.90 -23.41 -8.57
CA GLY F 139 -19.34 -23.83 -7.25
C GLY F 139 -20.05 -25.17 -7.24
N MET F 140 -19.98 -25.91 -8.34
CA MET F 140 -20.65 -27.18 -8.50
C MET F 140 -19.71 -28.32 -8.87
N SER F 141 -18.41 -28.05 -9.04
CA SER F 141 -17.57 -29.02 -9.76
C SER F 141 -17.29 -30.28 -8.95
N LEU F 142 -17.24 -30.19 -7.61
CA LEU F 142 -17.07 -31.42 -6.85
C LEU F 142 -18.35 -32.24 -6.83
N ALA F 143 -19.51 -31.60 -6.66
CA ALA F 143 -20.77 -32.34 -6.68
C ALA F 143 -20.98 -33.01 -8.04
N ALA F 144 -20.71 -32.29 -9.13
CA ALA F 144 -20.87 -32.87 -10.47
C ALA F 144 -19.93 -34.05 -10.68
N SER F 145 -18.71 -33.96 -10.13
CA SER F 145 -17.75 -35.06 -10.25
C SER F 145 -18.14 -36.26 -9.40
N LEU F 146 -18.91 -36.05 -8.33
CA LEU F 146 -19.47 -37.13 -7.51
C LEU F 146 -20.73 -37.73 -8.13
N GLY F 147 -21.27 -37.13 -9.20
CA GLY F 147 -22.45 -37.65 -9.85
C GLY F 147 -23.72 -36.85 -9.64
N TYR F 148 -23.66 -35.71 -8.95
CA TYR F 148 -24.84 -34.90 -8.62
C TYR F 148 -24.77 -33.60 -9.40
N GLY F 149 -25.69 -33.41 -10.32
CA GLY F 149 -25.70 -32.20 -11.12
C GLY F 149 -26.38 -32.43 -12.46
N HIS F 150 -26.24 -31.43 -13.34
CA HIS F 150 -26.83 -31.53 -14.67
C HIS F 150 -26.19 -32.66 -15.46
N SER F 151 -26.99 -33.33 -16.28
CA SER F 151 -26.51 -34.49 -17.05
C SER F 151 -25.29 -34.13 -17.90
N SER F 152 -25.27 -32.91 -18.48
CA SER F 152 -24.15 -32.47 -19.30
C SER F 152 -22.83 -32.46 -18.55
N LEU F 153 -22.87 -32.34 -17.22
CA LEU F 153 -21.67 -32.26 -16.39
C LEU F 153 -21.37 -33.58 -15.68
N VAL F 154 -22.40 -34.25 -15.15
N VAL F 154 -22.41 -34.24 -15.18
CA VAL F 154 -22.16 -35.53 -14.48
CA VAL F 154 -22.26 -35.51 -14.47
C VAL F 154 -21.74 -36.60 -15.48
C VAL F 154 -21.85 -36.63 -15.43
N ASP F 155 -22.31 -36.58 -16.68
CA ASP F 155 -21.97 -37.58 -17.69
C ASP F 155 -20.88 -37.10 -18.63
N LEU F 156 -20.14 -36.07 -18.25
CA LEU F 156 -19.13 -35.53 -19.13
C LEU F 156 -18.01 -36.55 -19.34
N TYR F 157 -17.72 -36.83 -20.61
CA TYR F 157 -16.61 -37.72 -21.00
C TYR F 157 -16.74 -39.08 -20.32
N GLY F 158 -17.97 -39.56 -20.20
CA GLY F 158 -18.23 -40.84 -19.56
C GLY F 158 -19.48 -40.75 -18.70
N ALA F 159 -20.43 -41.67 -18.93
CA ALA F 159 -21.74 -41.59 -18.29
C ALA F 159 -21.74 -42.38 -16.97
N TYR F 160 -20.96 -41.87 -16.01
CA TYR F 160 -20.85 -42.50 -14.70
C TYR F 160 -20.27 -41.48 -13.73
N PRO F 161 -20.44 -41.67 -12.42
CA PRO F 161 -19.80 -40.78 -11.45
C PRO F 161 -18.28 -40.92 -11.50
N LYS F 162 -17.59 -39.78 -11.48
CA LYS F 162 -16.14 -39.83 -11.61
C LYS F 162 -15.45 -40.14 -10.27
N VAL F 163 -16.05 -39.74 -9.15
CA VAL F 163 -15.44 -39.90 -7.82
C VAL F 163 -16.48 -40.50 -6.89
N LYS F 164 -16.04 -41.37 -5.98
CA LYS F 164 -16.90 -41.90 -4.93
C LYS F 164 -16.88 -40.99 -3.70
N LYS F 165 -18.03 -40.89 -3.03
CA LYS F 165 -18.16 -39.99 -1.88
C LYS F 165 -17.21 -40.36 -0.75
N GLU F 166 -16.94 -41.64 -0.55
CA GLU F 166 -16.05 -42.06 0.52
C GLU F 166 -14.58 -41.84 0.21
N ASN F 167 -14.27 -41.31 -0.98
CA ASN F 167 -12.88 -41.11 -1.40
C ASN F 167 -12.49 -39.63 -1.50
N VAL F 168 -13.29 -38.72 -0.94
CA VAL F 168 -13.05 -37.29 -0.98
C VAL F 168 -12.65 -36.79 0.41
N VAL F 169 -11.65 -35.92 0.46
CA VAL F 169 -11.32 -35.17 1.67
C VAL F 169 -11.26 -33.70 1.29
N ILE F 170 -12.09 -32.87 1.92
CA ILE F 170 -12.02 -31.43 1.72
C ILE F 170 -11.20 -30.82 2.87
N ILE F 171 -10.27 -29.92 2.54
CA ILE F 171 -9.41 -29.30 3.54
C ILE F 171 -9.45 -27.79 3.38
N GLY F 172 -9.71 -27.09 4.49
CA GLY F 172 -9.67 -25.64 4.49
C GLY F 172 -11.02 -24.96 4.48
N ALA F 173 -12.12 -25.72 4.54
CA ALA F 173 -13.44 -25.17 4.31
C ALA F 173 -13.84 -24.13 5.36
N ARG F 174 -14.41 -23.03 4.88
CA ARG F 174 -14.86 -21.98 5.80
C ARG F 174 -15.95 -21.12 5.20
N ALA F 175 -16.38 -21.42 3.97
CA ALA F 175 -17.42 -20.63 3.31
C ALA F 175 -18.40 -21.57 2.61
N LEU F 176 -18.99 -22.48 3.37
CA LEU F 176 -19.97 -23.43 2.85
C LEU F 176 -21.38 -22.85 2.97
N ASP F 177 -22.19 -23.07 1.93
CA ASP F 177 -23.62 -22.75 1.97
C ASP F 177 -24.37 -23.79 2.79
N GLU F 178 -25.59 -23.44 3.21
CA GLU F 178 -26.38 -24.37 4.02
C GLU F 178 -26.66 -25.67 3.26
N GLY F 179 -26.96 -25.58 1.96
CA GLY F 179 -27.19 -26.79 1.20
C GLY F 179 -25.95 -27.67 1.07
N GLU F 180 -24.77 -27.06 1.05
CA GLU F 180 -23.53 -27.83 1.02
C GLU F 180 -23.26 -28.51 2.35
N LYS F 181 -23.50 -27.81 3.46
CA LYS F 181 -23.38 -28.45 4.76
C LYS F 181 -24.31 -29.65 4.88
N ASP F 182 -25.53 -29.53 4.34
CA ASP F 182 -26.45 -30.66 4.36
C ASP F 182 -25.90 -31.81 3.51
N PHE F 183 -25.39 -31.49 2.33
CA PHE F 183 -24.83 -32.51 1.45
C PHE F 183 -23.70 -33.26 2.14
N ILE F 184 -22.78 -32.52 2.78
CA ILE F 184 -21.65 -33.14 3.48
C ILE F 184 -22.14 -34.11 4.54
N ARG F 185 -23.14 -33.70 5.34
CA ARG F 185 -23.69 -34.59 6.36
C ARG F 185 -24.38 -35.79 5.75
N ASN F 186 -25.33 -35.54 4.84
CA ASN F 186 -26.13 -36.64 4.27
C ASN F 186 -25.28 -37.63 3.49
N GLU F 187 -24.17 -37.18 2.90
CA GLU F 187 -23.34 -38.07 2.10
C GLU F 187 -22.06 -38.52 2.81
N GLY F 188 -21.87 -38.12 4.07
CA GLY F 188 -20.68 -38.52 4.81
C GLY F 188 -19.36 -38.11 4.19
N ILE F 189 -19.30 -36.92 3.57
CA ILE F 189 -18.05 -36.44 3.00
C ILE F 189 -17.12 -35.99 4.11
N LYS F 190 -15.86 -36.46 4.07
CA LYS F 190 -14.88 -36.07 5.07
C LYS F 190 -14.41 -34.63 4.84
N VAL F 191 -14.59 -33.75 5.84
CA VAL F 191 -14.23 -32.33 5.71
C VAL F 191 -13.43 -31.90 6.93
N PHE F 192 -12.29 -31.25 6.69
CA PHE F 192 -11.51 -30.57 7.73
C PHE F 192 -11.74 -29.08 7.58
N SER F 193 -12.58 -28.52 8.44
CA SER F 193 -12.78 -27.09 8.42
C SER F 193 -11.61 -26.37 9.10
N MET F 194 -11.60 -25.05 8.99
CA MET F 194 -10.54 -24.27 9.60
C MET F 194 -10.47 -24.48 11.12
N HIS F 195 -11.62 -24.66 11.78
CA HIS F 195 -11.60 -24.86 13.23
C HIS F 195 -10.95 -26.18 13.59
N GLU F 196 -11.16 -27.23 12.80
CA GLU F 196 -10.49 -28.50 13.06
C GLU F 196 -8.99 -28.40 12.80
N ILE F 197 -8.60 -27.65 11.79
CA ILE F 197 -7.18 -27.46 11.54
C ILE F 197 -6.53 -26.68 12.68
N ASP F 198 -7.17 -25.60 13.13
CA ASP F 198 -6.69 -24.88 14.32
C ASP F 198 -6.51 -25.81 15.50
N ARG F 199 -7.49 -26.68 15.75
CA ARG F 199 -7.42 -27.53 16.94
C ARG F 199 -6.37 -28.63 16.76
N MET F 200 -6.32 -29.26 15.59
CA MET F 200 -5.47 -30.42 15.40
C MET F 200 -4.05 -30.06 14.96
N GLY F 201 -3.86 -28.95 14.26
CA GLY F 201 -2.60 -28.69 13.58
C GLY F 201 -2.54 -29.39 12.23
N MET F 202 -1.80 -28.78 11.30
CA MET F 202 -1.84 -29.27 9.93
C MET F 202 -1.15 -30.62 9.80
N THR F 203 -0.10 -30.87 10.60
CA THR F 203 0.57 -32.17 10.51
C THR F 203 -0.43 -33.29 10.79
N ALA F 204 -1.23 -33.15 11.83
CA ALA F 204 -2.17 -34.20 12.18
C ALA F 204 -3.28 -34.32 11.13
N VAL F 205 -3.71 -33.19 10.56
CA VAL F 205 -4.75 -33.22 9.53
C VAL F 205 -4.26 -33.99 8.31
N MET F 206 -3.01 -33.77 7.90
CA MET F 206 -2.49 -34.46 6.74
C MET F 206 -2.24 -35.93 7.02
N GLU F 207 -1.78 -36.26 8.23
CA GLU F 207 -1.65 -37.67 8.56
C GLU F 207 -2.98 -38.39 8.50
N GLU F 208 -4.03 -37.78 9.06
CA GLU F 208 -5.35 -38.38 9.00
C GLU F 208 -5.87 -38.46 7.56
N THR F 209 -5.65 -37.39 6.77
CA THR F 209 -6.05 -37.42 5.37
C THR F 209 -5.38 -38.58 4.62
N ILE F 210 -4.07 -38.74 4.81
CA ILE F 210 -3.34 -39.77 4.08
C ILE F 210 -3.85 -41.15 4.48
N ALA F 211 -4.15 -41.32 5.77
CA ALA F 211 -4.67 -42.62 6.22
C ALA F 211 -6.10 -42.84 5.74
N TYR F 212 -6.93 -41.78 5.74
CA TYR F 212 -8.30 -41.91 5.26
C TYR F 212 -8.36 -42.36 3.80
N LEU F 213 -7.36 -41.98 3.00
CA LEU F 213 -7.36 -42.28 1.58
C LEU F 213 -6.47 -43.48 1.24
N SER F 214 -5.97 -44.20 2.24
CA SER F 214 -5.01 -45.25 1.96
C SER F 214 -5.58 -46.40 1.13
N HIS F 215 -6.90 -46.48 0.97
CA HIS F 215 -7.53 -47.53 0.18
C HIS F 215 -7.64 -47.20 -1.32
N THR F 216 -7.22 -46.00 -1.73
CA THR F 216 -7.36 -45.58 -3.12
C THR F 216 -6.18 -46.04 -3.97
N ASP F 217 -6.40 -46.14 -5.28
CA ASP F 217 -5.34 -46.55 -6.21
C ASP F 217 -4.67 -45.37 -6.91
N GLY F 218 -5.08 -44.15 -6.56
CA GLY F 218 -4.45 -42.94 -7.03
C GLY F 218 -5.17 -41.80 -6.34
N VAL F 219 -4.54 -40.64 -6.31
CA VAL F 219 -5.12 -39.49 -5.62
C VAL F 219 -4.91 -38.24 -6.46
N HIS F 220 -6.00 -37.54 -6.73
CA HIS F 220 -5.97 -36.27 -7.43
C HIS F 220 -5.99 -35.13 -6.43
N LEU F 221 -5.01 -34.21 -6.52
CA LEU F 221 -5.02 -33.01 -5.70
C LEU F 221 -5.67 -31.88 -6.48
N SER F 222 -6.75 -31.31 -5.95
CA SER F 222 -7.42 -30.18 -6.57
C SER F 222 -7.22 -28.99 -5.64
N LEU F 223 -6.20 -28.17 -5.91
CA LEU F 223 -5.81 -27.10 -4.99
C LEU F 223 -6.31 -25.76 -5.51
N ASP F 224 -7.29 -25.20 -4.81
CA ASP F 224 -7.79 -23.84 -5.05
C ASP F 224 -6.97 -22.89 -4.17
N LEU F 225 -6.29 -21.93 -4.78
CA LEU F 225 -5.45 -21.02 -4.00
C LEU F 225 -6.24 -20.25 -2.96
N ASP F 226 -7.57 -20.13 -3.09
CA ASP F 226 -8.29 -19.43 -2.02
C ASP F 226 -8.45 -20.27 -0.77
N GLY F 227 -7.98 -21.52 -0.77
CA GLY F 227 -7.85 -22.23 0.50
C GLY F 227 -6.90 -21.52 1.44
N LEU F 228 -5.91 -20.83 0.89
CA LEU F 228 -4.98 -20.04 1.69
C LEU F 228 -5.62 -18.72 2.10
N ASP F 229 -5.16 -18.20 3.24
CA ASP F 229 -5.60 -16.91 3.70
C ASP F 229 -5.28 -15.81 2.69
N PRO F 230 -6.12 -14.78 2.57
CA PRO F 230 -5.81 -13.67 1.66
C PRO F 230 -4.52 -12.94 1.99
N HIS F 231 -4.01 -13.00 3.22
CA HIS F 231 -2.68 -12.44 3.50
C HIS F 231 -1.62 -13.16 2.66
N ASP F 232 -1.74 -14.47 2.50
CA ASP F 232 -0.74 -15.22 1.76
C ASP F 232 -1.11 -15.41 0.29
N ALA F 233 -2.38 -15.24 -0.07
CA ALA F 233 -2.84 -15.45 -1.44
C ALA F 233 -3.93 -14.42 -1.77
N PRO F 234 -3.56 -13.14 -1.86
CA PRO F 234 -4.58 -12.11 -2.14
C PRO F 234 -5.16 -12.24 -3.52
N GLY F 235 -4.40 -12.77 -4.47
CA GLY F 235 -4.83 -12.82 -5.86
C GLY F 235 -5.62 -14.06 -6.19
N VAL F 236 -6.85 -14.12 -5.69
CA VAL F 236 -7.73 -15.25 -5.95
C VAL F 236 -9.09 -14.70 -6.40
N GLY F 237 -9.87 -15.58 -7.02
CA GLY F 237 -11.16 -15.17 -7.55
C GLY F 237 -12.13 -14.71 -6.49
N THR F 238 -12.22 -15.44 -5.37
CA THR F 238 -13.16 -15.12 -4.29
C THR F 238 -12.45 -15.29 -2.96
N PRO F 239 -11.75 -14.26 -2.49
CA PRO F 239 -11.00 -14.40 -1.23
C PRO F 239 -11.93 -14.50 -0.03
N VAL F 240 -11.55 -15.37 0.92
CA VAL F 240 -12.28 -15.58 2.16
C VAL F 240 -11.30 -15.49 3.32
N ILE F 241 -11.53 -14.53 4.23
CA ILE F 241 -10.67 -14.35 5.40
C ILE F 241 -10.58 -15.63 6.22
N GLY F 242 -9.42 -15.85 6.87
CA GLY F 242 -9.28 -16.87 7.88
C GLY F 242 -8.86 -18.23 7.35
N GLY F 243 -7.94 -18.25 6.38
CA GLY F 243 -7.55 -19.49 5.72
C GLY F 243 -6.18 -19.99 6.13
N LEU F 244 -5.71 -20.99 5.38
CA LEU F 244 -4.45 -21.65 5.66
C LEU F 244 -3.28 -20.72 5.34
N SER F 245 -2.21 -20.84 6.13
CA SER F 245 -1.02 -20.03 5.88
C SER F 245 -0.21 -20.66 4.76
N TYR F 246 0.75 -19.89 4.23
CA TYR F 246 1.71 -20.49 3.31
C TYR F 246 2.48 -21.64 3.98
N ARG F 247 2.93 -21.43 5.22
CA ARG F 247 3.73 -22.47 5.89
C ARG F 247 2.95 -23.77 6.06
N GLU F 248 1.66 -23.67 6.41
CA GLU F 248 0.83 -24.86 6.55
C GLU F 248 0.66 -25.56 5.22
N SER F 249 0.45 -24.78 4.15
CA SER F 249 0.22 -25.37 2.84
C SER F 249 1.49 -26.00 2.28
N HIS F 250 2.62 -25.34 2.50
CA HIS F 250 3.92 -25.84 2.05
C HIS F 250 4.26 -27.14 2.77
N LEU F 251 4.02 -27.18 4.08
CA LEU F 251 4.17 -28.42 4.83
C LEU F 251 3.26 -29.53 4.29
N ALA F 252 1.98 -29.20 4.06
CA ALA F 252 1.06 -30.19 3.51
C ALA F 252 1.56 -30.78 2.19
N MET F 253 2.08 -29.94 1.29
CA MET F 253 2.60 -30.44 0.02
C MET F 253 3.81 -31.34 0.24
N GLU F 254 4.67 -30.97 1.19
CA GLU F 254 5.84 -31.79 1.45
C GLU F 254 5.43 -33.15 2.00
N MET F 255 4.39 -33.17 2.85
CA MET F 255 3.93 -34.45 3.39
C MET F 255 3.28 -35.31 2.30
N LEU F 256 2.58 -34.68 1.36
CA LEU F 256 2.01 -35.43 0.25
C LEU F 256 3.11 -36.00 -0.63
N ALA F 257 4.16 -35.22 -0.88
CA ALA F 257 5.30 -35.71 -1.67
C ALA F 257 5.91 -36.95 -1.01
N GLU F 258 6.16 -36.88 0.30
CA GLU F 258 6.77 -37.99 1.00
C GLU F 258 5.86 -39.22 1.00
N ALA F 259 4.54 -39.02 1.05
CA ALA F 259 3.64 -40.17 1.01
C ALA F 259 3.55 -40.79 -0.38
N ASP F 260 3.94 -40.03 -1.42
CA ASP F 260 3.96 -40.49 -2.81
C ASP F 260 2.61 -41.06 -3.24
N ILE F 261 1.54 -40.31 -2.98
CA ILE F 261 0.21 -40.75 -3.34
C ILE F 261 -0.42 -39.91 -4.45
N ILE F 262 0.09 -38.71 -4.72
CA ILE F 262 -0.57 -37.82 -5.67
C ILE F 262 -0.21 -38.25 -7.08
N THR F 263 -1.24 -38.49 -7.90
CA THR F 263 -1.04 -38.97 -9.27
C THR F 263 -1.57 -38.01 -10.33
N SER F 264 -2.25 -36.94 -9.93
CA SER F 264 -2.63 -35.85 -10.84
C SER F 264 -2.90 -34.64 -9.96
N ALA F 265 -2.87 -33.45 -10.57
CA ALA F 265 -3.06 -32.26 -9.75
C ALA F 265 -3.55 -31.11 -10.62
N GLU F 266 -4.26 -30.19 -9.97
CA GLU F 266 -4.61 -28.92 -10.60
C GLU F 266 -4.50 -27.82 -9.56
N PHE F 267 -4.08 -26.65 -10.01
CA PHE F 267 -3.90 -25.46 -9.18
C PHE F 267 -4.72 -24.36 -9.86
N VAL F 268 -5.77 -23.89 -9.19
CA VAL F 268 -6.81 -23.09 -9.84
C VAL F 268 -7.07 -21.82 -9.03
N GLU F 269 -7.83 -20.93 -9.65
CA GLU F 269 -8.44 -19.74 -9.05
C GLU F 269 -7.45 -18.60 -8.76
N VAL F 270 -6.26 -18.64 -9.36
CA VAL F 270 -5.37 -17.47 -9.28
C VAL F 270 -5.96 -16.34 -10.12
N ASN F 271 -6.02 -15.14 -9.53
CA ASN F 271 -6.68 -13.95 -10.09
C ASN F 271 -5.70 -12.79 -9.98
N THR F 272 -5.06 -12.44 -11.09
CA THR F 272 -4.01 -11.42 -11.05
C THR F 272 -4.57 -10.04 -10.72
N ILE F 273 -5.85 -9.78 -11.01
CA ILE F 273 -6.42 -8.47 -10.74
C ILE F 273 -6.29 -8.10 -9.26
N LEU F 274 -6.53 -9.07 -8.36
CA LEU F 274 -6.38 -8.78 -6.93
C LEU F 274 -5.00 -9.13 -6.39
N ASP F 275 -4.08 -9.61 -7.23
CA ASP F 275 -2.79 -10.05 -6.74
C ASP F 275 -1.89 -8.84 -6.47
N GLU F 276 -0.82 -9.08 -5.71
CA GLU F 276 0.16 -8.03 -5.40
C GLU F 276 1.51 -8.45 -5.96
N ARG F 277 1.93 -7.82 -7.06
CA ARG F 277 3.17 -8.16 -7.77
C ARG F 277 3.27 -9.66 -8.03
N ASN F 278 2.15 -10.28 -8.38
CA ASN F 278 2.09 -11.68 -8.78
C ASN F 278 2.43 -12.64 -7.65
N ARG F 279 2.36 -12.20 -6.38
CA ARG F 279 2.90 -13.06 -5.32
C ARG F 279 2.03 -14.28 -5.06
N THR F 280 0.74 -14.24 -5.41
CA THR F 280 -0.07 -15.44 -5.29
C THR F 280 0.37 -16.50 -6.29
N ALA F 281 0.67 -16.09 -7.54
CA ALA F 281 1.20 -17.04 -8.51
C ALA F 281 2.57 -17.56 -8.09
N THR F 282 3.41 -16.70 -7.52
CA THR F 282 4.72 -17.16 -7.04
C THR F 282 4.55 -18.22 -5.96
N THR F 283 3.58 -18.02 -5.07
CA THR F 283 3.29 -18.99 -4.03
C THR F 283 2.75 -20.29 -4.61
N ALA F 284 1.91 -20.19 -5.65
CA ALA F 284 1.42 -21.40 -6.30
C ALA F 284 2.58 -22.24 -6.86
N VAL F 285 3.58 -21.57 -7.46
CA VAL F 285 4.73 -22.29 -8.00
C VAL F 285 5.56 -22.92 -6.89
N ALA F 286 5.72 -22.22 -5.75
CA ALA F 286 6.44 -22.79 -4.62
C ALA F 286 5.72 -24.01 -4.05
N LEU F 287 4.38 -23.95 -3.96
CA LEU F 287 3.62 -25.11 -3.48
C LEU F 287 3.79 -26.30 -4.42
N MET F 288 3.78 -26.05 -5.72
CA MET F 288 4.04 -27.13 -6.67
C MET F 288 5.43 -27.70 -6.51
N GLY F 289 6.43 -26.83 -6.33
CA GLY F 289 7.79 -27.32 -6.12
C GLY F 289 7.90 -28.23 -4.91
N SER F 290 7.21 -27.88 -3.82
CA SER F 290 7.14 -28.75 -2.65
C SER F 290 6.42 -30.07 -2.98
N LEU F 291 5.29 -29.99 -3.67
CA LEU F 291 4.54 -31.19 -4.03
C LEU F 291 5.41 -32.16 -4.84
N PHE F 292 6.25 -31.62 -5.71
CA PHE F 292 7.04 -32.47 -6.60
C PHE F 292 8.43 -32.80 -6.04
N GLY F 293 8.68 -32.54 -4.77
CA GLY F 293 9.80 -33.17 -4.10
C GLY F 293 10.89 -32.26 -3.58
N GLU F 294 10.80 -30.94 -3.71
CA GLU F 294 11.79 -30.07 -3.08
C GLU F 294 11.75 -30.23 -1.56
N LYS F 295 12.93 -30.27 -0.94
CA LYS F 295 13.08 -30.33 0.51
C LYS F 295 13.90 -29.15 0.99
N LEU F 296 13.69 -28.77 2.26
CA LEU F 296 14.38 -27.60 2.82
C LEU F 296 15.74 -27.94 3.46
N LYS F 297 15.97 -29.20 3.82
CA LYS F 297 17.26 -29.57 4.43
C LYS F 297 18.22 -30.11 3.39
MN MN G . 13.03 21.52 3.23
MN MN H . 15.92 22.89 3.10
MN MN I . 41.38 27.23 -0.09
CA CA J . 9.29 1.94 2.59
MN MN K . 5.14 1.39 -27.60
MN MN L . 5.99 2.10 -24.55
MN MN M . -8.55 -6.78 -48.39
CA CA N . -2.01 -5.53 -8.04
MN MN O . -21.99 17.21 -3.99
MN MN P . -19.93 15.03 -5.18
CA CA Q . -7.51 3.61 5.47
MN MN R . 22.67 -14.70 7.38
MN MN S . 19.92 -14.53 5.71
MN MN T . -6.53 -2.26 24.49
MN MN U . -8.97 -2.28 26.63
MN MN V . -13.07 -24.35 -5.52
MN MN W . -12.79 -21.66 -3.67
#